data_2BZF
# 
_entry.id   2BZF 
# 
_audit_conform.dict_name       mmcif_pdbx.dic 
_audit_conform.dict_version    5.382 
_audit_conform.dict_location   http://mmcif.pdb.org/dictionaries/ascii/mmcif_pdbx.dic 
# 
loop_
_database_2.database_id 
_database_2.database_code 
_database_2.pdbx_database_accession 
_database_2.pdbx_DOI 
PDB   2BZF         pdb_00002bzf 10.2210/pdb2bzf/pdb 
PDBE  EBI-25289    ?            ?                   
WWPDB D_1290025289 ?            ?                   
# 
loop_
_pdbx_database_related.db_name 
_pdbx_database_related.db_id 
_pdbx_database_related.content_type 
_pdbx_database_related.details 
PDB 1CI4 unspecified 'THE CRYSTAL STRUCTURE OF HUMAN BARRIER-TO- AUTOINTEGRATION FACTOR (BAF)' 
PDB 1QCK unspecified 
;SOLUTION STRUCTURE OF HUMAN BARRIER-TO- AUTOINTEGRATION FACTOR BAF, NMR, REGULARIZED MEAN STRUCTURE PLUS 20 INDIVIDUAL SIMULATED ANNEALING STRUCTURES
;
PDB 2EZX unspecified 'SOLUTION STRUCTURE OF HUMAN BARRIER-TO- AUTOINTEGRATION FACTOR BAF, NMR, REGULARIZED MEAN STRUCTURE' 
PDB 2EZY unspecified 
'SOLUTION STRUCTURE OF HUMAN BARRIER-TO- AUTOINTEGRATION FACTOR BAF, NMR, ENSEMBLE OF 20 SIMULATED ANNEALING STRUCTURES' 
PDB 2EZZ unspecified 
'SOLUTION STRUCTURE OF HUMAN BARRIER-TO- AUTOINTEGRATION FACTOR BAF NMR, ENSEMBLE OF 20 SIMULATED ANNEALING STRUCTURES' 
# 
_pdbx_database_status.status_code                     REL 
_pdbx_database_status.entry_id                        2BZF 
_pdbx_database_status.deposit_site                    PDBE 
_pdbx_database_status.process_site                    PDBE 
_pdbx_database_status.SG_entry                        . 
_pdbx_database_status.recvd_initial_deposition_date   2005-08-16 
_pdbx_database_status.pdb_format_compatible           Y 
_pdbx_database_status.status_code_sf                  ? 
_pdbx_database_status.status_code_mr                  ? 
_pdbx_database_status.status_code_cs                  ? 
_pdbx_database_status.methods_development_category    ? 
_pdbx_database_status.status_code_nmr_data            ? 
# 
loop_
_audit_author.name 
_audit_author.pdbx_ordinal 
'Bradley, C.M.' 1 
'Ronning, D.R.' 2 
'Ghirlando, R.' 3 
'Craigie, R.'   4 
'Dyda, F.'      5 
# 
_citation.id                        primary 
_citation.title                     'Structural Basis for DNA Bridging by Barrier-to-Autointegration Factor.' 
_citation.journal_abbrev            Nat.Struct.Mol.Biol. 
_citation.journal_volume            12 
_citation.page_first                935 
_citation.page_last                 ? 
_citation.year                      2005 
_citation.journal_id_ASTM           ? 
_citation.country                   US 
_citation.journal_id_ISSN           1545-9993 
_citation.journal_id_CSD            ? 
_citation.book_publisher            ? 
_citation.pdbx_database_id_PubMed   16155580 
_citation.pdbx_database_id_DOI      10.1038/NSMB989 
# 
loop_
_citation_author.citation_id 
_citation_author.name 
_citation_author.ordinal 
_citation_author.identifier_ORCID 
primary 'Bradley, C.M.' 1 ? 
primary 'Ronning, D.R.' 2 ? 
primary 'Ghirlando, R.' 3 ? 
primary 'Craigie, R.'   4 ? 
primary 'Dyda, F.'      5 ? 
# 
_cell.entry_id           2BZF 
_cell.length_a           45.830 
_cell.length_b           45.830 
_cell.length_c           241.920 
_cell.angle_alpha        90.00 
_cell.angle_beta         90.00 
_cell.angle_gamma        90.00 
_cell.Z_PDB              8 
_cell.pdbx_unique_axis   ? 
# 
_symmetry.entry_id                         2BZF 
_symmetry.space_group_name_H-M             'P 43 21 2' 
_symmetry.pdbx_full_space_group_name_H-M   ? 
_symmetry.cell_setting                     ? 
_symmetry.Int_Tables_number                96 
# 
loop_
_entity.id 
_entity.type 
_entity.src_method 
_entity.pdbx_description 
_entity.formula_weight 
_entity.pdbx_number_of_molecules 
_entity.pdbx_ec 
_entity.pdbx_mutation 
_entity.pdbx_fragment 
_entity.details 
1 polymer man 'BARRIER-TO-AUTOINTEGRATION FACTOR' 10073.588 1 ? ? ? ? 
2 polymer syn "5'-D(*GP*TP*GP*GP*AP*GP*GP)-3'"    2218.471  1 ? ? ? ? 
3 polymer syn "5'-D(*CP*CP*TP*CP*CP*AP*CP)-3'"    2018.351  1 ? ? ? ? 
4 water   nat water                               18.015    5 ? ? ? ? 
# 
loop_
_entity_poly.entity_id 
_entity_poly.type 
_entity_poly.nstd_linkage 
_entity_poly.nstd_monomer 
_entity_poly.pdbx_seq_one_letter_code 
_entity_poly.pdbx_seq_one_letter_code_can 
_entity_poly.pdbx_strand_id 
_entity_poly.pdbx_target_identifier 
1 'polypeptide(L)'        no no 
;MTTSQKHRDFVAEPMGEKPVGSLAGIGEVLGKKLEERGFDKAYVVLGQFLVLKKDEDLFREWLKDTCGANAKQSRDCFGC
LREWCDAFL
;
;MTTSQKHRDFVAEPMGEKPVGSLAGIGEVLGKKLEERGFDKAYVVLGQFLVLKKDEDLFREWLKDTCGANAKQSRDCFGC
LREWCDAFL
;
A ? 
2 polydeoxyribonucleotide no no '(DG)(DT)(DG)(DG)(DA)(DG)(DG)'                                                               
GTGGAGG                                                                                      B ? 
3 polydeoxyribonucleotide no no '(DC)(DC)(DT)(DC)(DC)(DA)(DC)'                                                               
CCTCCAC                                                                                      C ? 
# 
loop_
_entity_poly_seq.entity_id 
_entity_poly_seq.num 
_entity_poly_seq.mon_id 
_entity_poly_seq.hetero 
1 1  MET n 
1 2  THR n 
1 3  THR n 
1 4  SER n 
1 5  GLN n 
1 6  LYS n 
1 7  HIS n 
1 8  ARG n 
1 9  ASP n 
1 10 PHE n 
1 11 VAL n 
1 12 ALA n 
1 13 GLU n 
1 14 PRO n 
1 15 MET n 
1 16 GLY n 
1 17 GLU n 
1 18 LYS n 
1 19 PRO n 
1 20 VAL n 
1 21 GLY n 
1 22 SER n 
1 23 LEU n 
1 24 ALA n 
1 25 GLY n 
1 26 ILE n 
1 27 GLY n 
1 28 GLU n 
1 29 VAL n 
1 30 LEU n 
1 31 GLY n 
1 32 LYS n 
1 33 LYS n 
1 34 LEU n 
1 35 GLU n 
1 36 GLU n 
1 37 ARG n 
1 38 GLY n 
1 39 PHE n 
1 40 ASP n 
1 41 LYS n 
1 42 ALA n 
1 43 TYR n 
1 44 VAL n 
1 45 VAL n 
1 46 LEU n 
1 47 GLY n 
1 48 GLN n 
1 49 PHE n 
1 50 LEU n 
1 51 VAL n 
1 52 LEU n 
1 53 LYS n 
1 54 LYS n 
1 55 ASP n 
1 56 GLU n 
1 57 ASP n 
1 58 LEU n 
1 59 PHE n 
1 60 ARG n 
1 61 GLU n 
1 62 TRP n 
1 63 LEU n 
1 64 LYS n 
1 65 ASP n 
1 66 THR n 
1 67 CYS n 
1 68 GLY n 
1 69 ALA n 
1 70 ASN n 
1 71 ALA n 
1 72 LYS n 
1 73 GLN n 
1 74 SER n 
1 75 ARG n 
1 76 ASP n 
1 77 CYS n 
1 78 PHE n 
1 79 GLY n 
1 80 CYS n 
1 81 LEU n 
1 82 ARG n 
1 83 GLU n 
1 84 TRP n 
1 85 CYS n 
1 86 ASP n 
1 87 ALA n 
1 88 PHE n 
1 89 LEU n 
2 1  DG  n 
2 2  DT  n 
2 3  DG  n 
2 4  DG  n 
2 5  DA  n 
2 6  DG  n 
2 7  DG  n 
3 1  DC  n 
3 2  DC  n 
3 3  DT  n 
3 4  DC  n 
3 5  DC  n 
3 6  DA  n 
3 7  DC  n 
# 
_entity_src_gen.entity_id                          1 
_entity_src_gen.pdbx_src_id                        1 
_entity_src_gen.pdbx_alt_source_flag               sample 
_entity_src_gen.pdbx_seq_type                      ? 
_entity_src_gen.pdbx_beg_seq_num                   ? 
_entity_src_gen.pdbx_end_seq_num                   ? 
_entity_src_gen.gene_src_common_name               HUMAN 
_entity_src_gen.gene_src_genus                     ? 
_entity_src_gen.pdbx_gene_src_gene                 ? 
_entity_src_gen.gene_src_species                   ? 
_entity_src_gen.gene_src_strain                    ? 
_entity_src_gen.gene_src_tissue                    ? 
_entity_src_gen.gene_src_tissue_fraction           ? 
_entity_src_gen.gene_src_details                   ? 
_entity_src_gen.pdbx_gene_src_fragment             ? 
_entity_src_gen.pdbx_gene_src_scientific_name      'HOMO SAPIENS' 
_entity_src_gen.pdbx_gene_src_ncbi_taxonomy_id     9606 
_entity_src_gen.pdbx_gene_src_variant              ? 
_entity_src_gen.pdbx_gene_src_cell_line            ? 
_entity_src_gen.pdbx_gene_src_atcc                 ? 
_entity_src_gen.pdbx_gene_src_organ                ? 
_entity_src_gen.pdbx_gene_src_organelle            ? 
_entity_src_gen.pdbx_gene_src_cell                 ? 
_entity_src_gen.pdbx_gene_src_cellular_location    ? 
_entity_src_gen.host_org_common_name               ? 
_entity_src_gen.pdbx_host_org_scientific_name      'ESCHERICHIA COLI' 
_entity_src_gen.pdbx_host_org_ncbi_taxonomy_id     469008 
_entity_src_gen.host_org_genus                     ? 
_entity_src_gen.pdbx_host_org_gene                 ? 
_entity_src_gen.pdbx_host_org_organ                ? 
_entity_src_gen.host_org_species                   ? 
_entity_src_gen.pdbx_host_org_tissue               ? 
_entity_src_gen.pdbx_host_org_tissue_fraction      ? 
_entity_src_gen.pdbx_host_org_strain               'BL21(DE3)' 
_entity_src_gen.pdbx_host_org_variant              ? 
_entity_src_gen.pdbx_host_org_cell_line            ? 
_entity_src_gen.pdbx_host_org_atcc                 ? 
_entity_src_gen.pdbx_host_org_culture_collection   ? 
_entity_src_gen.pdbx_host_org_cell                 ? 
_entity_src_gen.pdbx_host_org_organelle            ? 
_entity_src_gen.pdbx_host_org_cellular_location    ? 
_entity_src_gen.pdbx_host_org_vector_type          PLASMID 
_entity_src_gen.pdbx_host_org_vector               ? 
_entity_src_gen.host_org_details                   ? 
_entity_src_gen.expression_system_id               ? 
_entity_src_gen.plasmid_name                       PET15B 
_entity_src_gen.plasmid_details                    ? 
_entity_src_gen.pdbx_description                   ? 
# 
loop_
_struct_ref.id 
_struct_ref.db_name 
_struct_ref.db_code 
_struct_ref.entity_id 
_struct_ref.pdbx_seq_one_letter_code 
_struct_ref.pdbx_align_begin 
_struct_ref.pdbx_db_accession 
_struct_ref.pdbx_db_isoform 
1 UNP BAF_HUMAN 1 ? ? O75531 ? 
2 PDB 2BZF      2 ? ? 2BZF   ? 
3 PDB 2BZF      3 ? ? 2BZF   ? 
# 
loop_
_struct_ref_seq.align_id 
_struct_ref_seq.ref_id 
_struct_ref_seq.pdbx_PDB_id_code 
_struct_ref_seq.pdbx_strand_id 
_struct_ref_seq.seq_align_beg 
_struct_ref_seq.pdbx_seq_align_beg_ins_code 
_struct_ref_seq.seq_align_end 
_struct_ref_seq.pdbx_seq_align_end_ins_code 
_struct_ref_seq.pdbx_db_accession 
_struct_ref_seq.db_align_beg 
_struct_ref_seq.pdbx_db_align_beg_ins_code 
_struct_ref_seq.db_align_end 
_struct_ref_seq.pdbx_db_align_end_ins_code 
_struct_ref_seq.pdbx_auth_seq_align_beg 
_struct_ref_seq.pdbx_auth_seq_align_end 
1 1 2BZF A 1 ? 89 ? O75531 1 ? 89 ? 1 89 
2 2 2BZF B 1 ? 7  ? 2BZF   1 ? 7  ? 1 7  
3 3 2BZF C 1 ? 7  ? 2BZF   8 ? 14 ? 8 14 
# 
loop_
_chem_comp.id 
_chem_comp.type 
_chem_comp.mon_nstd_flag 
_chem_comp.name 
_chem_comp.pdbx_synonyms 
_chem_comp.formula 
_chem_comp.formula_weight 
ALA 'L-peptide linking' y ALANINE                              ? 'C3 H7 N O2'      89.093  
ARG 'L-peptide linking' y ARGININE                             ? 'C6 H15 N4 O2 1'  175.209 
ASN 'L-peptide linking' y ASPARAGINE                           ? 'C4 H8 N2 O3'     132.118 
ASP 'L-peptide linking' y 'ASPARTIC ACID'                      ? 'C4 H7 N O4'      133.103 
CYS 'L-peptide linking' y CYSTEINE                             ? 'C3 H7 N O2 S'    121.158 
DA  'DNA linking'       y "2'-DEOXYADENOSINE-5'-MONOPHOSPHATE" ? 'C10 H14 N5 O6 P' 331.222 
DC  'DNA linking'       y "2'-DEOXYCYTIDINE-5'-MONOPHOSPHATE"  ? 'C9 H14 N3 O7 P'  307.197 
DG  'DNA linking'       y "2'-DEOXYGUANOSINE-5'-MONOPHOSPHATE" ? 'C10 H14 N5 O7 P' 347.221 
DT  'DNA linking'       y "THYMIDINE-5'-MONOPHOSPHATE"         ? 'C10 H15 N2 O8 P' 322.208 
GLN 'L-peptide linking' y GLUTAMINE                            ? 'C5 H10 N2 O3'    146.144 
GLU 'L-peptide linking' y 'GLUTAMIC ACID'                      ? 'C5 H9 N O4'      147.129 
GLY 'peptide linking'   y GLYCINE                              ? 'C2 H5 N O2'      75.067  
HIS 'L-peptide linking' y HISTIDINE                            ? 'C6 H10 N3 O2 1'  156.162 
HOH non-polymer         . WATER                                ? 'H2 O'            18.015  
ILE 'L-peptide linking' y ISOLEUCINE                           ? 'C6 H13 N O2'     131.173 
LEU 'L-peptide linking' y LEUCINE                              ? 'C6 H13 N O2'     131.173 
LYS 'L-peptide linking' y LYSINE                               ? 'C6 H15 N2 O2 1'  147.195 
MET 'L-peptide linking' y METHIONINE                           ? 'C5 H11 N O2 S'   149.211 
PHE 'L-peptide linking' y PHENYLALANINE                        ? 'C9 H11 N O2'     165.189 
PRO 'L-peptide linking' y PROLINE                              ? 'C5 H9 N O2'      115.130 
SER 'L-peptide linking' y SERINE                               ? 'C3 H7 N O3'      105.093 
THR 'L-peptide linking' y THREONINE                            ? 'C4 H9 N O3'      119.119 
TRP 'L-peptide linking' y TRYPTOPHAN                           ? 'C11 H12 N2 O2'   204.225 
TYR 'L-peptide linking' y TYROSINE                             ? 'C9 H11 N O3'     181.189 
VAL 'L-peptide linking' y VALINE                               ? 'C5 H11 N O2'     117.146 
# 
_exptl.entry_id          2BZF 
_exptl.method            'X-RAY DIFFRACTION' 
_exptl.crystals_number   1 
# 
_exptl_crystal.id                    1 
_exptl_crystal.density_meas          ? 
_exptl_crystal.density_Matthews      4.44 
_exptl_crystal.density_percent_sol   72.29 
_exptl_crystal.description           ? 
# 
_exptl_crystal_grow.crystal_id      1 
_exptl_crystal_grow.method          ? 
_exptl_crystal_grow.temp            ? 
_exptl_crystal_grow.temp_details    ? 
_exptl_crystal_grow.pH              7.40 
_exptl_crystal_grow.pdbx_pH_range   ? 
_exptl_crystal_grow.pdbx_details    'pH 7.40' 
# 
_diffrn.id                     1 
_diffrn.ambient_temp           95.0 
_diffrn.ambient_temp_details   ? 
_diffrn.crystal_id             1 
# 
_diffrn_detector.diffrn_id              1 
_diffrn_detector.detector               'IMAGE PLATE' 
_diffrn_detector.type                   'RIGAKU/MSC RAXIS IV' 
_diffrn_detector.pdbx_collection_date   2005-08-12 
_diffrn_detector.details                MIRRORS 
# 
_diffrn_radiation.diffrn_id                        1 
_diffrn_radiation.wavelength_id                    1 
_diffrn_radiation.pdbx_monochromatic_or_laue_m_l   M 
_diffrn_radiation.monochromator                    MIRRORS 
_diffrn_radiation.pdbx_diffrn_protocol             'SINGLE WAVELENGTH' 
_diffrn_radiation.pdbx_scattering_type             x-ray 
# 
_diffrn_radiation_wavelength.id           1 
_diffrn_radiation_wavelength.wavelength   1.5418 
_diffrn_radiation_wavelength.wt           1.0 
# 
_diffrn_source.diffrn_id                   1 
_diffrn_source.source                      'ROTATING ANODE' 
_diffrn_source.type                        'RIGAKU RUH3R' 
_diffrn_source.pdbx_synchrotron_site       ? 
_diffrn_source.pdbx_synchrotron_beamline   ? 
_diffrn_source.pdbx_wavelength             1.5418 
_diffrn_source.pdbx_wavelength_list        ? 
# 
_reflns.pdbx_diffrn_id               1 
_reflns.pdbx_ordinal                 1 
_reflns.entry_id                     2BZF 
_reflns.observed_criterion_sigma_I   2.000 
_reflns.observed_criterion_sigma_F   ? 
_reflns.d_resolution_low             50.000 
_reflns.d_resolution_high            2.870 
_reflns.number_obs                   6542 
_reflns.number_all                   ? 
_reflns.percent_possible_obs         97.9 
_reflns.pdbx_Rmerge_I_obs            0.07000 
_reflns.pdbx_Rsym_value              ? 
_reflns.pdbx_netI_over_sigmaI        19.2000 
_reflns.B_iso_Wilson_estimate        ? 
_reflns.pdbx_redundancy              4.890 
# 
_reflns_shell.pdbx_diffrn_id         1 
_reflns_shell.pdbx_ordinal           1 
_reflns_shell.d_res_high             2.87 
_reflns_shell.d_res_low              2.97 
_reflns_shell.percent_possible_all   97.2 
_reflns_shell.Rmerge_I_obs           0.29000 
_reflns_shell.pdbx_Rsym_value        ? 
_reflns_shell.meanI_over_sigI_obs    5.050 
_reflns_shell.pdbx_redundancy        3.85 
# 
_refine.pdbx_refine_id                           'X-RAY DIFFRACTION' 
_refine.entry_id                                 2BZF 
_refine.pdbx_diffrn_id                           1 
_refine.pdbx_TLS_residual_ADP_flag               ? 
_refine.ls_number_reflns_obs                     6060 
_refine.ls_number_reflns_all                     ? 
_refine.pdbx_ls_sigma_I                          ? 
_refine.pdbx_ls_sigma_F                          2 
_refine.pdbx_data_cutoff_high_absF               ? 
_refine.pdbx_data_cutoff_low_absF                ? 
_refine.pdbx_data_cutoff_high_rms_absF           ? 
_refine.ls_d_res_low                             50 
_refine.ls_d_res_high                            2.87 
_refine.ls_percent_reflns_obs                    97.9 
_refine.ls_R_factor_obs                          0.244 
_refine.ls_R_factor_all                          ? 
_refine.ls_R_factor_R_work                       0.244 
_refine.ls_R_factor_R_free                       0.268 
_refine.ls_R_factor_R_free_error                 ? 
_refine.ls_R_factor_R_free_error_details         ? 
_refine.ls_percent_reflns_R_free                 5.6 
_refine.ls_number_reflns_R_free                  ? 
_refine.ls_number_parameters                     ? 
_refine.ls_number_restraints                     ? 
_refine.occupancy_min                            ? 
_refine.occupancy_max                            ? 
_refine.correlation_coeff_Fo_to_Fc               ? 
_refine.correlation_coeff_Fo_to_Fc_free          ? 
_refine.B_iso_mean                               ? 
_refine.aniso_B[1][1]                            ? 
_refine.aniso_B[2][2]                            ? 
_refine.aniso_B[3][3]                            ? 
_refine.aniso_B[1][2]                            ? 
_refine.aniso_B[1][3]                            ? 
_refine.aniso_B[2][3]                            ? 
_refine.solvent_model_details                    ? 
_refine.solvent_model_param_ksol                 ? 
_refine.solvent_model_param_bsol                 ? 
_refine.pdbx_solvent_vdw_probe_radii             ? 
_refine.pdbx_solvent_ion_probe_radii             ? 
_refine.pdbx_solvent_shrinkage_radii             ? 
_refine.pdbx_ls_cross_valid_method               THROUGHOUT 
_refine.details                                  ? 
_refine.pdbx_starting_model                      'PDB ENTRY 1CI4' 
_refine.pdbx_method_to_determine_struct          'MOLECULAR REPLACEMENT' 
_refine.pdbx_isotropic_thermal_model             ? 
_refine.pdbx_stereochemistry_target_values       ? 
_refine.pdbx_stereochem_target_val_spec_case     ? 
_refine.pdbx_R_Free_selection_details            RANDOM 
_refine.pdbx_overall_ESU_R                       ? 
_refine.pdbx_overall_ESU_R_Free                  ? 
_refine.overall_SU_ML                            ? 
_refine.pdbx_overall_phase_error                 ? 
_refine.overall_SU_B                             ? 
_refine.overall_SU_R_Cruickshank_DPI             ? 
_refine.pdbx_overall_SU_R_free_Cruickshank_DPI   ? 
_refine.pdbx_overall_SU_R_Blow_DPI               ? 
_refine.pdbx_overall_SU_R_free_Blow_DPI          ? 
# 
_refine_hist.pdbx_refine_id                   'X-RAY DIFFRACTION' 
_refine_hist.cycle_id                         LAST 
_refine_hist.pdbx_number_atoms_protein        697 
_refine_hist.pdbx_number_atoms_nucleic_acid   281 
_refine_hist.pdbx_number_atoms_ligand         0 
_refine_hist.number_atoms_solvent             5 
_refine_hist.number_atoms_total               983 
_refine_hist.d_res_high                       2.87 
_refine_hist.d_res_low                        50 
# 
loop_
_refine_ls_restr.type 
_refine_ls_restr.dev_ideal 
_refine_ls_restr.dev_ideal_target 
_refine_ls_restr.weight 
_refine_ls_restr.number 
_refine_ls_restr.pdbx_refine_id 
_refine_ls_restr.pdbx_restraint_function 
c_bond_d                0.008 ? ? ? 'X-RAY DIFFRACTION' ? 
c_bond_d_na             ?     ? ? ? 'X-RAY DIFFRACTION' ? 
c_bond_d_prot           ?     ? ? ? 'X-RAY DIFFRACTION' ? 
c_angle_d               ?     ? ? ? 'X-RAY DIFFRACTION' ? 
c_angle_d_na            ?     ? ? ? 'X-RAY DIFFRACTION' ? 
c_angle_d_prot          ?     ? ? ? 'X-RAY DIFFRACTION' ? 
c_angle_deg             1.11  ? ? ? 'X-RAY DIFFRACTION' ? 
c_angle_deg_na          ?     ? ? ? 'X-RAY DIFFRACTION' ? 
c_angle_deg_prot        ?     ? ? ? 'X-RAY DIFFRACTION' ? 
c_dihedral_angle_d      ?     ? ? ? 'X-RAY DIFFRACTION' ? 
c_dihedral_angle_d_na   ?     ? ? ? 'X-RAY DIFFRACTION' ? 
c_dihedral_angle_d_prot ?     ? ? ? 'X-RAY DIFFRACTION' ? 
c_improper_angle_d      ?     ? ? ? 'X-RAY DIFFRACTION' ? 
c_improper_angle_d_na   ?     ? ? ? 'X-RAY DIFFRACTION' ? 
c_improper_angle_d_prot ?     ? ? ? 'X-RAY DIFFRACTION' ? 
c_mcbond_it             ?     ? ? ? 'X-RAY DIFFRACTION' ? 
c_mcangle_it            ?     ? ? ? 'X-RAY DIFFRACTION' ? 
c_scbond_it             ?     ? ? ? 'X-RAY DIFFRACTION' ? 
c_scangle_it            ?     ? ? ? 'X-RAY DIFFRACTION' ? 
# 
_struct.entry_id                  2BZF 
_struct.title                     'Structural basis for DNA bridging by barrier-to-autointegration factor (BAF)' 
_struct.pdbx_model_details        ? 
_struct.pdbx_CASP_flag            ? 
_struct.pdbx_model_type_details   ? 
# 
_struct_keywords.entry_id        2BZF 
_struct_keywords.pdbx_keywords   'DNA BINDING PROTEIN' 
_struct_keywords.text            
;DNA-BINDING PROTEIN, RETROVIRAL INTEGRATION, NON-SPECIFIC DNA-BINDING, DNA COMPACTION, NUCLEAR ORGANIZATION, LEM FAMILY, DNA BINDING PROTEIN
;
# 
loop_
_struct_asym.id 
_struct_asym.pdbx_blank_PDB_chainid_flag 
_struct_asym.pdbx_modified 
_struct_asym.entity_id 
_struct_asym.details 
A N N 1 ? 
B N N 2 ? 
C N N 3 ? 
D N N 4 ? 
# 
_struct_biol.id   1 
# 
loop_
_struct_conf.conf_type_id 
_struct_conf.id 
_struct_conf.pdbx_PDB_helix_id 
_struct_conf.beg_label_comp_id 
_struct_conf.beg_label_asym_id 
_struct_conf.beg_label_seq_id 
_struct_conf.pdbx_beg_PDB_ins_code 
_struct_conf.end_label_comp_id 
_struct_conf.end_label_asym_id 
_struct_conf.end_label_seq_id 
_struct_conf.pdbx_end_PDB_ins_code 
_struct_conf.beg_auth_comp_id 
_struct_conf.beg_auth_asym_id 
_struct_conf.beg_auth_seq_id 
_struct_conf.end_auth_comp_id 
_struct_conf.end_auth_asym_id 
_struct_conf.end_auth_seq_id 
_struct_conf.pdbx_PDB_helix_class 
_struct_conf.details 
_struct_conf.pdbx_PDB_helix_length 
HELX_P HELX_P1 1 SER A 4  ? GLU A 13 ? SER A 4  GLU A 13 1 ? 10 
HELX_P HELX_P2 2 PRO A 19 ? LEU A 23 ? PRO A 19 LEU A 23 5 ? 5  
HELX_P HELX_P3 3 GLY A 27 ? ARG A 37 ? GLY A 27 ARG A 37 1 ? 11 
HELX_P HELX_P4 4 LYS A 41 ? LEU A 52 ? LYS A 41 LEU A 52 1 ? 12 
HELX_P HELX_P5 5 ASP A 55 ? CYS A 67 ? ASP A 55 CYS A 67 1 ? 13 
HELX_P HELX_P6 6 ASN A 70 ? LEU A 89 ? ASN A 70 LEU A 89 1 ? 20 
# 
_struct_conf_type.id          HELX_P 
_struct_conf_type.criteria    ? 
_struct_conf_type.reference   ? 
# 
loop_
_struct_conn.id 
_struct_conn.conn_type_id 
_struct_conn.pdbx_leaving_atom_flag 
_struct_conn.pdbx_PDB_id 
_struct_conn.ptnr1_label_asym_id 
_struct_conn.ptnr1_label_comp_id 
_struct_conn.ptnr1_label_seq_id 
_struct_conn.ptnr1_label_atom_id 
_struct_conn.pdbx_ptnr1_label_alt_id 
_struct_conn.pdbx_ptnr1_PDB_ins_code 
_struct_conn.pdbx_ptnr1_standard_comp_id 
_struct_conn.ptnr1_symmetry 
_struct_conn.ptnr2_label_asym_id 
_struct_conn.ptnr2_label_comp_id 
_struct_conn.ptnr2_label_seq_id 
_struct_conn.ptnr2_label_atom_id 
_struct_conn.pdbx_ptnr2_label_alt_id 
_struct_conn.pdbx_ptnr2_PDB_ins_code 
_struct_conn.ptnr1_auth_asym_id 
_struct_conn.ptnr1_auth_comp_id 
_struct_conn.ptnr1_auth_seq_id 
_struct_conn.ptnr2_auth_asym_id 
_struct_conn.ptnr2_auth_comp_id 
_struct_conn.ptnr2_auth_seq_id 
_struct_conn.ptnr2_symmetry 
_struct_conn.pdbx_ptnr3_label_atom_id 
_struct_conn.pdbx_ptnr3_label_seq_id 
_struct_conn.pdbx_ptnr3_label_comp_id 
_struct_conn.pdbx_ptnr3_label_asym_id 
_struct_conn.pdbx_ptnr3_label_alt_id 
_struct_conn.pdbx_ptnr3_PDB_ins_code 
_struct_conn.details 
_struct_conn.pdbx_dist_value 
_struct_conn.pdbx_value_order 
_struct_conn.pdbx_role 
hydrog1  hydrog ? ? B DG 1 N1 ? ? ? 1_555 C DC 7 N3 ? ? B DG 1 C DC 14 1_555 ? ? ? ? ? ? WATSON-CRICK ? ? ? 
hydrog2  hydrog ? ? B DG 1 N2 ? ? ? 1_555 C DC 7 O2 ? ? B DG 1 C DC 14 1_555 ? ? ? ? ? ? WATSON-CRICK ? ? ? 
hydrog3  hydrog ? ? B DG 1 O6 ? ? ? 1_555 C DC 7 N4 ? ? B DG 1 C DC 14 1_555 ? ? ? ? ? ? WATSON-CRICK ? ? ? 
hydrog4  hydrog ? ? B DT 2 N3 ? ? ? 1_555 C DA 6 N1 ? ? B DT 2 C DA 13 1_555 ? ? ? ? ? ? WATSON-CRICK ? ? ? 
hydrog5  hydrog ? ? B DT 2 O4 ? ? ? 1_555 C DA 6 N6 ? ? B DT 2 C DA 13 1_555 ? ? ? ? ? ? WATSON-CRICK ? ? ? 
hydrog6  hydrog ? ? B DG 3 N1 ? ? ? 1_555 C DC 5 N3 ? ? B DG 3 C DC 12 1_555 ? ? ? ? ? ? WATSON-CRICK ? ? ? 
hydrog7  hydrog ? ? B DG 3 N2 ? ? ? 1_555 C DC 5 O2 ? ? B DG 3 C DC 12 1_555 ? ? ? ? ? ? WATSON-CRICK ? ? ? 
hydrog8  hydrog ? ? B DG 3 O6 ? ? ? 1_555 C DC 5 N4 ? ? B DG 3 C DC 12 1_555 ? ? ? ? ? ? WATSON-CRICK ? ? ? 
hydrog9  hydrog ? ? B DG 4 N1 ? ? ? 1_555 C DC 4 N3 ? ? B DG 4 C DC 11 1_555 ? ? ? ? ? ? WATSON-CRICK ? ? ? 
hydrog10 hydrog ? ? B DG 4 N2 ? ? ? 1_555 C DC 4 O2 ? ? B DG 4 C DC 11 1_555 ? ? ? ? ? ? WATSON-CRICK ? ? ? 
hydrog11 hydrog ? ? B DG 4 O6 ? ? ? 1_555 C DC 4 N4 ? ? B DG 4 C DC 11 1_555 ? ? ? ? ? ? WATSON-CRICK ? ? ? 
hydrog12 hydrog ? ? B DA 5 N1 ? ? ? 1_555 C DT 3 N3 ? ? B DA 5 C DT 10 1_555 ? ? ? ? ? ? WATSON-CRICK ? ? ? 
hydrog13 hydrog ? ? B DA 5 N6 ? ? ? 1_555 C DT 3 O4 ? ? B DA 5 C DT 10 1_555 ? ? ? ? ? ? WATSON-CRICK ? ? ? 
hydrog14 hydrog ? ? B DG 6 N1 ? ? ? 1_555 C DC 2 N3 ? ? B DG 6 C DC 9  1_555 ? ? ? ? ? ? WATSON-CRICK ? ? ? 
hydrog15 hydrog ? ? B DG 6 N2 ? ? ? 1_555 C DC 2 O2 ? ? B DG 6 C DC 9  1_555 ? ? ? ? ? ? WATSON-CRICK ? ? ? 
hydrog16 hydrog ? ? B DG 6 O6 ? ? ? 1_555 C DC 2 N4 ? ? B DG 6 C DC 9  1_555 ? ? ? ? ? ? WATSON-CRICK ? ? ? 
hydrog17 hydrog ? ? B DG 7 N1 ? ? ? 1_555 C DC 1 N3 ? ? B DG 7 C DC 8  1_555 ? ? ? ? ? ? WATSON-CRICK ? ? ? 
hydrog18 hydrog ? ? B DG 7 N2 ? ? ? 1_555 C DC 1 O2 ? ? B DG 7 C DC 8  1_555 ? ? ? ? ? ? WATSON-CRICK ? ? ? 
hydrog19 hydrog ? ? B DG 7 O6 ? ? ? 1_555 C DC 1 N4 ? ? B DG 7 C DC 8  1_555 ? ? ? ? ? ? WATSON-CRICK ? ? ? 
# 
_struct_conn_type.id          hydrog 
_struct_conn_type.criteria    ? 
_struct_conn_type.reference   ? 
# 
_atom_sites.entry_id                    2BZF 
_atom_sites.fract_transf_matrix[1][1]   -0.01260056 
_atom_sites.fract_transf_matrix[1][2]   -0.01687305 
_atom_sites.fract_transf_matrix[1][3]   -0.00571303 
_atom_sites.fract_transf_matrix[2][1]   -0.00104969 
_atom_sites.fract_transf_matrix[2][2]   0.00768889 
_atom_sites.fract_transf_matrix[2][3]   -0.02039342 
_atom_sites.fract_transf_matrix[3][1]   0.00336916 
_atom_sites.fract_transf_matrix[3][2]   -0.00217914 
_atom_sites.fract_transf_matrix[3][3]   -0.00099502 
_atom_sites.fract_transf_vector[1]      0.298809 
_atom_sites.fract_transf_vector[2]      0.425043 
_atom_sites.fract_transf_vector[3]      -0.543956 
# 
loop_
_atom_type.symbol 
C 
N 
O 
P 
S 
# 
loop_
_atom_site.group_PDB 
_atom_site.id 
_atom_site.type_symbol 
_atom_site.label_atom_id 
_atom_site.label_alt_id 
_atom_site.label_comp_id 
_atom_site.label_asym_id 
_atom_site.label_entity_id 
_atom_site.label_seq_id 
_atom_site.pdbx_PDB_ins_code 
_atom_site.Cartn_x 
_atom_site.Cartn_y 
_atom_site.Cartn_z 
_atom_site.occupancy 
_atom_site.B_iso_or_equiv 
_atom_site.pdbx_formal_charge 
_atom_site.auth_seq_id 
_atom_site.auth_comp_id 
_atom_site.auth_asym_id 
_atom_site.auth_atom_id 
_atom_site.pdbx_PDB_model_num 
ATOM   1   N N     . THR A 1 2  ? 2.931   17.074  4.690   1.00 60.20 ? 2    THR A N     1 
ATOM   2   C CA    . THR A 1 2  ? 3.721   16.313  3.663   1.00 61.21 ? 2    THR A CA    1 
ATOM   3   C C     . THR A 1 2  ? 3.318   14.832  3.618   1.00 59.62 ? 2    THR A C     1 
ATOM   4   O O     . THR A 1 2  ? 3.169   14.253  2.533   1.00 60.60 ? 2    THR A O     1 
ATOM   5   C CB    . THR A 1 2  ? 5.270   16.364  3.949   1.00 61.49 ? 2    THR A CB    1 
ATOM   6   O OG1   . THR A 1 2  ? 5.556   15.715  5.205   1.00 63.32 ? 2    THR A OG1   1 
ATOM   7   C CG2   . THR A 1 2  ? 5.785   17.814  3.972   1.00 61.19 ? 2    THR A CG2   1 
ATOM   8   N N     . THR A 1 3  ? 3.160   14.232  4.798   1.00 56.99 ? 3    THR A N     1 
ATOM   9   C CA    . THR A 1 3  ? 2.774   12.830  4.926   1.00 55.37 ? 3    THR A CA    1 
ATOM   10  C C     . THR A 1 3  ? 1.654   12.755  5.953   1.00 53.15 ? 3    THR A C     1 
ATOM   11  O O     . THR A 1 3  ? 1.696   13.445  6.975   1.00 52.26 ? 3    THR A O     1 
ATOM   12  C CB    . THR A 1 3  ? 3.951   11.970  5.425   1.00 55.13 ? 3    THR A CB    1 
ATOM   13  O OG1   . THR A 1 3  ? 4.177   12.208  6.828   1.00 54.91 ? 3    THR A OG1   1 
ATOM   14  C CG2   . THR A 1 3  ? 5.229   12.327  4.654   1.00 54.58 ? 3    THR A CG2   1 
ATOM   15  N N     . SER A 1 4  ? 0.655   11.926  5.676   1.00 51.56 ? 4    SER A N     1 
ATOM   16  C CA    . SER A 1 4  ? -0.481  11.786  6.573   1.00 50.02 ? 4    SER A CA    1 
ATOM   17  C C     . SER A 1 4  ? -0.077  11.079  7.853   1.00 50.92 ? 4    SER A C     1 
ATOM   18  O O     . SER A 1 4  ? 0.974   10.433  7.921   1.00 51.70 ? 4    SER A O     1 
ATOM   19  C CB    . SER A 1 4  ? -1.605  11.009  5.886   1.00 49.22 ? 4    SER A CB    1 
ATOM   20  O OG    . SER A 1 4  ? -1.200  9.700   5.529   1.00 46.86 ? 4    SER A OG    1 
ATOM   21  N N     . GLN A 1 5  ? -0.904  11.212  8.883   1.00 51.67 ? 5    GLN A N     1 
ATOM   22  C CA    . GLN A 1 5  ? -0.597  10.558  10.141  1.00 52.16 ? 5    GLN A CA    1 
ATOM   23  C C     . GLN A 1 5  ? -0.688  9.064   9.866   1.00 52.20 ? 5    GLN A C     1 
ATOM   24  O O     . GLN A 1 5  ? 0.152   8.284   10.331  1.00 52.40 ? 5    GLN A O     1 
ATOM   25  C CB    . GLN A 1 5  ? -1.596  10.969  11.226  1.00 51.24 ? 5    GLN A CB    1 
ATOM   26  C CG    . GLN A 1 5  ? -1.318  10.359  12.598  1.00 51.07 ? 5    GLN A CG    1 
ATOM   27  C CD    . GLN A 1 5  ? 0.131   10.537  13.046  1.00 51.62 ? 5    GLN A CD    1 
ATOM   28  O OE1   . GLN A 1 5  ? 0.653   11.662  13.112  1.00 51.79 ? 5    GLN A OE1   1 
ATOM   29  N NE2   . GLN A 1 5  ? 0.788   9.421   13.360  1.00 51.19 ? 5    GLN A NE2   1 
ATOM   30  N N     . LYS A 1 6  ? -1.695  8.676   9.083   1.00 50.00 ? 6    LYS A N     1 
ATOM   31  C CA    . LYS A 1 6  ? -1.883  7.273   8.739   1.00 49.80 ? 6    LYS A CA    1 
ATOM   32  C C     . LYS A 1 6  ? -0.553  6.734   8.226   1.00 49.57 ? 6    LYS A C     1 
ATOM   33  O O     . LYS A 1 6  ? -0.087  5.666   8.633   1.00 49.03 ? 6    LYS A O     1 
ATOM   34  C CB    . LYS A 1 6  ? -2.979  7.125   7.673   1.00 48.50 ? 6    LYS A CB    1 
ATOM   35  C CG    . LYS A 1 6  ? -3.460  5.692   7.459   1.00 46.72 ? 6    LYS A CG    1 
ATOM   36  C CD    . LYS A 1 6  ? -4.954  5.660   7.174   1.00 45.74 ? 6    LYS A CD    1 
ATOM   37  C CE    . LYS A 1 6  ? -5.459  4.254   6.883   1.00 45.26 ? 6    LYS A CE    1 
ATOM   38  N NZ    . LYS A 1 6  ? -5.047  3.772   5.544   1.00 45.73 ? 6    LYS A NZ    1 
ATOM   39  N N     . HIS A 1 7  ? 0.064   7.498   7.336   1.00 50.18 ? 7    HIS A N     1 
ATOM   40  C CA    . HIS A 1 7  ? 1.349   7.119   6.777   1.00 50.76 ? 7    HIS A CA    1 
ATOM   41  C C     . HIS A 1 7  ? 2.342   6.758   7.891   1.00 50.51 ? 7    HIS A C     1 
ATOM   42  O O     . HIS A 1 7  ? 2.731   5.600   8.030   1.00 51.17 ? 7    HIS A O     1 
ATOM   43  C CB    . HIS A 1 7  ? 1.899   8.275   5.948   1.00 51.22 ? 7    HIS A CB    1 
ATOM   44  C CG    . HIS A 1 7  ? 3.288   8.052   5.448   1.00 52.11 ? 7    HIS A CG    1 
ATOM   45  N ND1   . HIS A 1 7  ? 3.568   7.283   4.339   1.00 52.83 ? 7    HIS A ND1   1 
ATOM   46  C CD2   . HIS A 1 7  ? 4.480   8.496   5.911   1.00 52.39 ? 7    HIS A CD2   1 
ATOM   47  C CE1   . HIS A 1 7  ? 4.874   7.266   4.139   1.00 53.09 ? 7    HIS A CE1   1 
ATOM   48  N NE2   . HIS A 1 7  ? 5.450   7.994   5.080   1.00 52.66 ? 7    HIS A NE2   1 
ATOM   49  N N     . ARG A 1 8  ? 2.727   7.751   8.689   1.00 50.79 ? 8    ARG A N     1 
ATOM   50  C CA    . ARG A 1 8  ? 3.689   7.563   9.773   1.00 50.86 ? 8    ARG A CA    1 
ATOM   51  C C     . ARG A 1 8  ? 3.432   6.327   10.631  1.00 50.81 ? 8    ARG A C     1 
ATOM   52  O O     . ARG A 1 8  ? 4.364   5.611   10.993  1.00 50.42 ? 8    ARG A O     1 
ATOM   53  C CB    . ARG A 1 8  ? 3.707   8.785   10.678  1.00 51.86 ? 8    ARG A CB    1 
ATOM   54  C CG    . ARG A 1 8  ? 3.621   10.098  9.951   1.00 53.92 ? 8    ARG A CG    1 
ATOM   55  C CD    . ARG A 1 8  ? 4.040   11.247  10.863  1.00 56.05 ? 8    ARG A CD    1 
ATOM   56  N NE    . ARG A 1 8  ? 3.836   12.536  10.212  1.00 58.34 ? 8    ARG A NE    1 
ATOM   57  C CZ    . ARG A 1 8  ? 2.648   13.118  10.055  1.00 59.37 ? 8    ARG A CZ    1 
ATOM   58  N NH1   . ARG A 1 8  ? 1.545   12.526  10.511  1.00 58.72 ? 8    ARG A NH1   1 
ATOM   59  N NH2   . ARG A 1 8  ? 2.568   14.293  9.432   1.00 60.86 ? 8    ARG A NH2   1 
ATOM   60  N N     . ASP A 1 9  ? 2.170   6.094   10.972  1.00 50.74 ? 9    ASP A N     1 
ATOM   61  C CA    . ASP A 1 9  ? 1.816   4.944   11.780  1.00 51.19 ? 9    ASP A CA    1 
ATOM   62  C C     . ASP A 1 9  ? 2.273   3.656   11.108  1.00 51.23 ? 9    ASP A C     1 
ATOM   63  O O     . ASP A 1 9  ? 2.763   2.737   11.768  1.00 51.63 ? 9    ASP A O     1 
ATOM   64  C CB    . ASP A 1 9  ? 0.308   4.912   12.020  1.00 51.69 ? 9    ASP A CB    1 
ATOM   65  C CG    . ASP A 1 9  ? -0.176  6.135   12.782  1.00 52.79 ? 9    ASP A CG    1 
ATOM   66  O OD1   . ASP A 1 9  ? 0.547   6.571   13.713  1.00 52.65 ? 9    ASP A OD1   1 
ATOM   67  O OD2   . ASP A 1 9  ? -1.270  6.658   12.459  1.00 53.34 ? 9    ASP A OD2   1 
ATOM   68  N N     . PHE A 1 10 ? 2.123   3.591   9.790   1.00 51.15 ? 10   PHE A N     1 
ATOM   69  C CA    . PHE A 1 10 ? 2.533   2.406   9.051   1.00 50.48 ? 10   PHE A CA    1 
ATOM   70  C C     . PHE A 1 10 ? 4.054   2.356   8.878   1.00 49.91 ? 10   PHE A C     1 
ATOM   71  O O     . PHE A 1 10 ? 4.664   1.287   8.942   1.00 50.37 ? 10   PHE A O     1 
ATOM   72  C CB    . PHE A 1 10 ? 1.873   2.374   7.669   1.00 50.31 ? 10   PHE A CB    1 
ATOM   73  C CG    . PHE A 1 10 ? 2.042   1.055   6.944   1.00 50.98 ? 10   PHE A CG    1 
ATOM   74  C CD1   . PHE A 1 10 ? 1.157   -0.004  7.171   1.00 50.95 ? 10   PHE A CD1   1 
ATOM   75  C CD2   . PHE A 1 10 ? 3.096   0.863   6.046   1.00 50.64 ? 10   PHE A CD2   1 
ATOM   76  C CE1   . PHE A 1 10 ? 1.313   -1.227  6.507   1.00 50.31 ? 10   PHE A CE1   1 
ATOM   77  C CE2   . PHE A 1 10 ? 3.259   -0.356  5.379   1.00 50.00 ? 10   PHE A CE2   1 
ATOM   78  C CZ    . PHE A 1 10 ? 2.368   -1.404  5.612   1.00 49.65 ? 10   PHE A CZ    1 
ATOM   79  N N     . VAL A 1 11 ? 4.667   3.509   8.661   1.00 47.90 ? 11   VAL A N     1 
ATOM   80  C CA    . VAL A 1 11 ? 6.101   3.558   8.458   1.00 48.11 ? 11   VAL A CA    1 
ATOM   81  C C     . VAL A 1 11 ? 6.840   3.455   9.785   1.00 48.64 ? 11   VAL A C     1 
ATOM   82  O O     . VAL A 1 11 ? 8.051   3.247   9.844   1.00 47.44 ? 11   VAL A O     1 
ATOM   83  C CB    . VAL A 1 11 ? 6.479   4.865   7.741   1.00 47.59 ? 11   VAL A CB    1 
ATOM   84  C CG1   . VAL A 1 11 ? 7.923   4.827   7.276   1.00 48.28 ? 11   VAL A CG1   1 
ATOM   85  C CG2   . VAL A 1 11 ? 5.561   5.065   6.561   1.00 46.54 ? 11   VAL A CG2   1 
ATOM   86  N N     . ALA A 1 12 ? 6.095   3.565   10.866  1.00 50.60 ? 12   ALA A N     1 
ATOM   87  C CA    . ALA A 1 12 ? 6.716   3.518   12.175  1.00 51.97 ? 12   ALA A CA    1 
ATOM   88  C C     . ALA A 1 12 ? 7.174   2.139   12.634  1.00 52.73 ? 12   ALA A C     1 
ATOM   89  O O     . ALA A 1 12 ? 8.208   2.017   13.280  1.00 53.80 ? 12   ALA A O     1 
ATOM   90  C CB    . ALA A 1 12 ? 5.765   4.115   13.206  1.00 52.48 ? 12   ALA A CB    1 
ATOM   91  N N     . GLU A 1 13 ? 6.412   1.104   12.305  1.00 53.26 ? 13   GLU A N     1 
ATOM   92  C CA    . GLU A 1 13 ? 6.738   -0.249  12.757  1.00 54.00 ? 13   GLU A CA    1 
ATOM   93  C C     . GLU A 1 13 ? 6.415   -1.325  11.714  1.00 53.91 ? 13   GLU A C     1 
ATOM   94  O O     . GLU A 1 13 ? 5.637   -1.084  10.786  1.00 54.39 ? 13   GLU A O     1 
ATOM   95  C CB    . GLU A 1 13 ? 5.949   -0.531  14.041  1.00 53.82 ? 13   GLU A CB    1 
ATOM   96  C CG    . GLU A 1 13 ? 4.602   0.195   14.067  1.00 54.58 ? 13   GLU A CG    1 
ATOM   97  C CD    . GLU A 1 13 ? 3.524   -0.538  14.850  1.00 55.07 ? 13   GLU A CD    1 
ATOM   98  O OE1   . GLU A 1 13 ? 3.786   -0.917  16.017  1.00 56.94 ? 13   GLU A OE1   1 
ATOM   99  O OE2   . GLU A 1 13 ? 2.406   -0.725  14.305  1.00 54.42 ? 13   GLU A OE2   1 
ATOM   100 N N     . PRO A 1 14 ? 7.001   -2.531  11.862  1.00 53.05 ? 14   PRO A N     1 
ATOM   101 C CA    . PRO A 1 14 ? 6.788   -3.659  10.947  1.00 51.36 ? 14   PRO A CA    1 
ATOM   102 C C     . PRO A 1 14 ? 5.310   -3.957  10.770  1.00 50.27 ? 14   PRO A C     1 
ATOM   103 O O     . PRO A 1 14 ? 4.591   -4.137  11.747  1.00 50.54 ? 14   PRO A O     1 
ATOM   104 C CB    . PRO A 1 14 ? 7.517   -4.803  11.643  1.00 51.38 ? 14   PRO A CB    1 
ATOM   105 C CG    . PRO A 1 14 ? 8.656   -4.107  12.271  1.00 51.82 ? 14   PRO A CG    1 
ATOM   106 C CD    . PRO A 1 14 ? 7.985   -2.899  12.894  1.00 52.43 ? 14   PRO A CD    1 
ATOM   107 N N     . MET A 1 15 ? 4.852   -4.018  9.528   1.00 48.50 ? 15   MET A N     1 
ATOM   108 C CA    . MET A 1 15 ? 3.450   -4.283  9.303   1.00 46.86 ? 15   MET A CA    1 
ATOM   109 C C     . MET A 1 15 ? 2.991   -5.575  9.955   1.00 46.19 ? 15   MET A C     1 
ATOM   110 O O     . MET A 1 15 ? 1.868   -5.649  10.437  1.00 45.81 ? 15   MET A O     1 
ATOM   111 C CB    . MET A 1 15 ? 3.147   -4.295  7.809   1.00 46.21 ? 15   MET A CB    1 
ATOM   112 C CG    . MET A 1 15 ? 3.981   -5.234  6.996   1.00 45.63 ? 15   MET A CG    1 
ATOM   113 S SD    . MET A 1 15 ? 4.190   -4.506  5.365   1.00 47.95 ? 15   MET A SD    1 
ATOM   114 C CE    . MET A 1 15 ? 2.602   -4.755  4.725   1.00 45.99 ? 15   MET A CE    1 
ATOM   115 N N     . GLY A 1 16 ? 3.855   -6.583  9.997   1.00 45.49 ? 16   GLY A N     1 
ATOM   116 C CA    . GLY A 1 16 ? 3.464   -7.843  10.602  1.00 45.30 ? 16   GLY A CA    1 
ATOM   117 C C     . GLY A 1 16 ? 2.162   -8.375  10.026  1.00 45.23 ? 16   GLY A C     1 
ATOM   118 O O     . GLY A 1 16 ? 2.129   -8.879  8.906   1.00 45.19 ? 16   GLY A O     1 
ATOM   119 N N     . GLU A 1 17 ? 1.080   -8.261  10.789  1.00 46.14 ? 17   GLU A N     1 
ATOM   120 C CA    . GLU A 1 17 ? -0.232  -8.729  10.340  1.00 46.71 ? 17   GLU A CA    1 
ATOM   121 C C     . GLU A 1 17 ? -1.256  -7.617  10.096  1.00 46.43 ? 17   GLU A C     1 
ATOM   122 O O     . GLU A 1 17 ? -2.444  -7.908  9.917   1.00 46.07 ? 17   GLU A O     1 
ATOM   123 C CB    . GLU A 1 17 ? -0.819  -9.704  11.358  1.00 48.32 ? 17   GLU A CB    1 
ATOM   124 C CG    . GLU A 1 17 ? -0.240  -11.107 11.333  1.00 50.86 ? 17   GLU A CG    1 
ATOM   125 C CD    . GLU A 1 17 ? -0.477  -11.812 10.015  1.00 52.45 ? 17   GLU A CD    1 
ATOM   126 O OE1   . GLU A 1 17 ? -1.588  -11.671 9.458   1.00 53.39 ? 17   GLU A OE1   1 
ATOM   127 O OE2   . GLU A 1 17 ? 0.441   -12.518 9.543   1.00 54.47 ? 17   GLU A OE2   1 
ATOM   128 N N     . LYS A 1 18 ? -0.817  -6.354  10.098  1.00 46.30 ? 18   LYS A N     1 
ATOM   129 C CA    . LYS A 1 18 ? -1.747  -5.242  9.871   1.00 46.32 ? 18   LYS A CA    1 
ATOM   130 C C     . LYS A 1 18 ? -2.571  -5.495  8.622   1.00 47.45 ? 18   LYS A C     1 
ATOM   131 O O     . LYS A 1 18 ? -2.089  -6.063  7.641   1.00 47.94 ? 18   LYS A O     1 
ATOM   132 C CB    . LYS A 1 18 ? -1.028  -3.898  9.688   1.00 44.44 ? 18   LYS A CB    1 
ATOM   133 C CG    . LYS A 1 18 ? -0.295  -3.347  10.897  1.00 43.69 ? 18   LYS A CG    1 
ATOM   134 C CD    . LYS A 1 18 ? -0.063  -1.854  10.719  1.00 45.01 ? 18   LYS A CD    1 
ATOM   135 C CE    . LYS A 1 18 ? 0.869   -1.258  11.761  1.00 45.78 ? 18   LYS A CE    1 
ATOM   136 N NZ    . LYS A 1 18 ? 2.295   -1.561  11.470  1.00 48.96 ? 18   LYS A NZ    1 
ATOM   137 N N     . PRO A 1 19 ? -3.840  -5.086  8.645   1.00 48.20 ? 19   PRO A N     1 
ATOM   138 C CA    . PRO A 1 19 ? -4.693  -5.288  7.480   1.00 49.55 ? 19   PRO A CA    1 
ATOM   139 C C     . PRO A 1 19 ? -4.337  -4.267  6.409   1.00 50.17 ? 19   PRO A C     1 
ATOM   140 O O     . PRO A 1 19 ? -3.698  -3.241  6.676   1.00 50.36 ? 19   PRO A O     1 
ATOM   141 C CB    . PRO A 1 19 ? -6.090  -5.078  8.040   1.00 48.35 ? 19   PRO A CB    1 
ATOM   142 C CG    . PRO A 1 19 ? -5.857  -4.018  9.055   1.00 48.17 ? 19   PRO A CG    1 
ATOM   143 C CD    . PRO A 1 19 ? -4.609  -4.508  9.755   1.00 48.28 ? 19   PRO A CD    1 
ATOM   144 N N     . VAL A 1 20 ? -4.755  -4.556  5.188   1.00 50.98 ? 20   VAL A N     1 
ATOM   145 C CA    . VAL A 1 20 ? -4.481  -3.694  4.056   1.00 52.01 ? 20   VAL A CA    1 
ATOM   146 C C     . VAL A 1 20 ? -5.025  -2.275  4.297   1.00 52.12 ? 20   VAL A C     1 
ATOM   147 O O     . VAL A 1 20 ? -4.440  -1.288  3.840   1.00 52.20 ? 20   VAL A O     1 
ATOM   148 C CB    . VAL A 1 20 ? -5.070  -4.330  2.782   1.00 52.15 ? 20   VAL A CB    1 
ATOM   149 C CG1   . VAL A 1 20 ? -6.574  -4.424  2.892   1.00 52.80 ? 20   VAL A CG1   1 
ATOM   150 C CG2   . VAL A 1 20 ? -4.654  -3.539  1.576   1.00 53.94 ? 20   VAL A CG2   1 
ATOM   151 N N     . GLY A 1 21 ? -6.129  -2.174  5.030   1.00 51.72 ? 21   GLY A N     1 
ATOM   152 C CA    . GLY A 1 21 ? -6.681  -0.867  5.326   1.00 51.35 ? 21   GLY A CA    1 
ATOM   153 C C     . GLY A 1 21 ? -5.719  -0.010  6.146   1.00 50.92 ? 21   GLY A C     1 
ATOM   154 O O     . GLY A 1 21 ? -5.926  1.195   6.305   1.00 51.12 ? 21   GLY A O     1 
ATOM   155 N N     . SER A 1 22 ? -4.659  -0.616  6.672   1.00 49.47 ? 22   SER A N     1 
ATOM   156 C CA    . SER A 1 22 ? -3.697  0.137   7.466   1.00 48.63 ? 22   SER A CA    1 
ATOM   157 C C     . SER A 1 22 ? -2.751  0.875   6.541   1.00 48.71 ? 22   SER A C     1 
ATOM   158 O O     . SER A 1 22 ? -2.015  1.764   6.968   1.00 48.93 ? 22   SER A O     1 
ATOM   159 C CB    . SER A 1 22 ? -2.901  -0.795  8.381   1.00 48.34 ? 22   SER A CB    1 
ATOM   160 O OG    . SER A 1 22 ? -3.768  -1.533  9.224   1.00 46.50 ? 22   SER A OG    1 
ATOM   161 N N     . LEU A 1 23 ? -2.776  0.495   5.267   1.00 48.44 ? 23   LEU A N     1 
ATOM   162 C CA    . LEU A 1 23 ? -1.927  1.122   4.256   1.00 47.02 ? 23   LEU A CA    1 
ATOM   163 C C     . LEU A 1 23 ? -2.364  2.543   3.956   1.00 45.77 ? 23   LEU A C     1 
ATOM   164 O O     . LEU A 1 23 ? -3.549  2.810   3.774   1.00 45.24 ? 23   LEU A O     1 
ATOM   165 C CB    . LEU A 1 23 ? -1.970  0.314   2.965   1.00 46.44 ? 23   LEU A CB    1 
ATOM   166 C CG    . LEU A 1 23 ? -1.173  -0.970  3.051   1.00 46.80 ? 23   LEU A CG    1 
ATOM   167 C CD1   . LEU A 1 23 ? -1.676  -1.967  2.027   1.00 47.97 ? 23   LEU A CD1   1 
ATOM   168 C CD2   . LEU A 1 23 ? 0.289   -0.641  2.860   1.00 46.46 ? 23   LEU A CD2   1 
ATOM   169 N N     . ALA A 1 24 ? -1.399  3.450   3.903   1.00 43.85 ? 24   ALA A N     1 
ATOM   170 C CA    . ALA A 1 24 ? -1.697  4.834   3.602   1.00 44.45 ? 24   ALA A CA    1 
ATOM   171 C C     . ALA A 1 24 ? -2.343  4.878   2.219   1.00 45.16 ? 24   ALA A C     1 
ATOM   172 O O     . ALA A 1 24 ? -1.868  4.232   1.288   1.00 45.40 ? 24   ALA A O     1 
ATOM   173 C CB    . ALA A 1 24 ? -0.423  5.656   3.620   1.00 42.91 ? 24   ALA A CB    1 
ATOM   174 N N     . GLY A 1 25 ? -3.442  5.618   2.099   1.00 45.87 ? 25   GLY A N     1 
ATOM   175 C CA    . GLY A 1 25 ? -4.134  5.734   0.827   1.00 45.43 ? 25   GLY A CA    1 
ATOM   176 C C     . GLY A 1 25 ? -5.256  4.731   0.650   1.00 45.40 ? 25   GLY A C     1 
ATOM   177 O O     . GLY A 1 25 ? -6.131  4.905   -0.201  1.00 45.32 ? 25   GLY A O     1 
ATOM   178 N N     . ILE A 1 26 ? -5.238  3.678   1.458   1.00 45.10 ? 26   ILE A N     1 
ATOM   179 C CA    . ILE A 1 26 ? -6.254  2.637   1.372   1.00 45.77 ? 26   ILE A CA    1 
ATOM   180 C C     . ILE A 1 26 ? -7.288  2.753   2.491   1.00 45.70 ? 26   ILE A C     1 
ATOM   181 O O     . ILE A 1 26 ? -6.968  2.585   3.666   1.00 45.66 ? 26   ILE A O     1 
ATOM   182 C CB    . ILE A 1 26 ? -5.599  1.254   1.441   1.00 45.43 ? 26   ILE A CB    1 
ATOM   183 C CG1   . ILE A 1 26 ? -4.455  1.193   0.426   1.00 46.05 ? 26   ILE A CG1   1 
ATOM   184 C CG2   . ILE A 1 26 ? -6.630  0.166   1.188   1.00 45.16 ? 26   ILE A CG2   1 
ATOM   185 C CD1   . ILE A 1 26 ? -4.870  1.378   -1.016  1.00 46.54 ? 26   ILE A CD1   1 
ATOM   186 N N     . GLY A 1 27 ? -8.528  3.036   2.113   1.00 44.76 ? 27   GLY A N     1 
ATOM   187 C CA    . GLY A 1 27 ? -9.582  3.161   3.092   1.00 43.50 ? 27   GLY A CA    1 
ATOM   188 C C     . GLY A 1 27 ? -10.510 1.971   3.039   1.00 45.08 ? 27   GLY A C     1 
ATOM   189 O O     . GLY A 1 27 ? -10.153 0.921   2.508   1.00 44.91 ? 27   GLY A O     1 
ATOM   190 N N     . GLU A 1 28 ? -11.713 2.133   3.572   1.00 46.31 ? 28   GLU A N     1 
ATOM   191 C CA    . GLU A 1 28 ? -12.675 1.043   3.596   1.00 48.51 ? 28   GLU A CA    1 
ATOM   192 C C     . GLU A 1 28 ? -13.139 0.585   2.221   1.00 47.89 ? 28   GLU A C     1 
ATOM   193 O O     . GLU A 1 28 ? -13.325 -0.607  2.006   1.00 48.26 ? 28   GLU A O     1 
ATOM   194 C CB    . GLU A 1 28 ? -13.882 1.447   4.430   1.00 51.92 ? 28   GLU A CB    1 
ATOM   195 C CG    . GLU A 1 28 ? -13.518 2.383   5.570   1.00 58.33 ? 28   GLU A CG    1 
ATOM   196 C CD    . GLU A 1 28 ? -14.400 2.205   6.804   1.00 61.91 ? 28   GLU A CD    1 
ATOM   197 O OE1   . GLU A 1 28 ? -15.658 2.316   6.674   1.00 64.03 ? 28   GLU A OE1   1 
ATOM   198 O OE2   . GLU A 1 28 ? -13.819 1.959   7.908   1.00 65.04 ? 28   GLU A OE2   1 
ATOM   199 N N     . VAL A 1 29 ? -13.319 1.521   1.293   1.00 47.43 ? 29   VAL A N     1 
ATOM   200 C CA    . VAL A 1 29 ? -13.783 1.188   -0.056  1.00 47.36 ? 29   VAL A CA    1 
ATOM   201 C C     . VAL A 1 29 ? -12.728 0.444   -0.877  1.00 47.62 ? 29   VAL A C     1 
ATOM   202 O O     . VAL A 1 29 ? -12.973 -0.650  -1.412  1.00 47.63 ? 29   VAL A O     1 
ATOM   203 C CB    . VAL A 1 29 ? -14.190 2.463   -0.821  1.00 46.95 ? 29   VAL A CB    1 
ATOM   204 C CG1   . VAL A 1 29 ? -14.812 2.102   -2.157  1.00 45.50 ? 29   VAL A CG1   1 
ATOM   205 C CG2   . VAL A 1 29 ? -15.152 3.269   0.016   1.00 46.39 ? 29   VAL A CG2   1 
ATOM   206 N N     . LEU A 1 30 ? -11.556 1.058   -0.991  1.00 47.49 ? 30   LEU A N     1 
ATOM   207 C CA    . LEU A 1 30 ? -10.447 0.469   -1.724  1.00 48.16 ? 30   LEU A CA    1 
ATOM   208 C C     . LEU A 1 30 ? -10.031 -0.830  -1.032  1.00 49.09 ? 30   LEU A C     1 
ATOM   209 O O     . LEU A 1 30 ? -9.993  -1.898  -1.655  1.00 47.82 ? 30   LEU A O     1 
ATOM   210 C CB    . LEU A 1 30 ? -9.271  1.450   -1.757  1.00 47.02 ? 30   LEU A CB    1 
ATOM   211 C CG    . LEU A 1 30 ? -9.507  2.706   -2.604  1.00 47.25 ? 30   LEU A CG    1 
ATOM   212 C CD1   . LEU A 1 30 ? -8.306  3.628   -2.513  1.00 47.36 ? 30   LEU A CD1   1 
ATOM   213 C CD2   . LEU A 1 30 ? -9.757  2.302   -4.047  1.00 45.87 ? 30   LEU A CD2   1 
ATOM   214 N N     . GLY A 1 31 ? -9.732  -0.721  0.263   1.00 49.49 ? 31   GLY A N     1 
ATOM   215 C CA    . GLY A 1 31 ? -9.336  -1.873  1.043   1.00 49.35 ? 31   GLY A CA    1 
ATOM   216 C C     . GLY A 1 31 ? -10.232 -3.060  0.764   1.00 50.12 ? 31   GLY A C     1 
ATOM   217 O O     . GLY A 1 31 ? -9.758  -4.154  0.448   1.00 51.36 ? 31   GLY A O     1 
ATOM   218 N N     . LYS A 1 32 ? -11.536 -2.843  0.863   1.00 49.54 ? 32   LYS A N     1 
ATOM   219 C CA    . LYS A 1 32 ? -12.502 -3.905  0.620   1.00 49.90 ? 32   LYS A CA    1 
ATOM   220 C C     . LYS A 1 32 ? -12.213 -4.634  -0.681  1.00 48.79 ? 32   LYS A C     1 
ATOM   221 O O     . LYS A 1 32 ? -11.995 -5.838  -0.681  1.00 47.97 ? 32   LYS A O     1 
ATOM   222 C CB    . LYS A 1 32 ? -13.911 -3.327  0.565   1.00 51.26 ? 32   LYS A CB    1 
ATOM   223 C CG    . LYS A 1 32 ? -15.018 -4.364  0.668   1.00 54.73 ? 32   LYS A CG    1 
ATOM   224 C CD    . LYS A 1 32 ? -15.437 -4.646  2.122   1.00 58.61 ? 32   LYS A CD    1 
ATOM   225 C CE    . LYS A 1 32 ? -14.422 -5.514  2.889   1.00 61.65 ? 32   LYS A CE    1 
ATOM   226 N NZ    . LYS A 1 32 ? -14.925 -5.906  4.260   1.00 63.93 ? 32   LYS A NZ    1 
ATOM   227 N N     . LYS A 1 33 ? -12.208 -3.902  -1.790  1.00 49.97 ? 33   LYS A N     1 
ATOM   228 C CA    . LYS A 1 33 ? -11.957 -4.509  -3.097  1.00 51.08 ? 33   LYS A CA    1 
ATOM   229 C C     . LYS A 1 33 ? -10.649 -5.285  -3.116  1.00 51.05 ? 33   LYS A C     1 
ATOM   230 O O     . LYS A 1 33 ? -10.588 -6.384  -3.673  1.00 51.60 ? 33   LYS A O     1 
ATOM   231 C CB    . LYS A 1 33 ? -11.916 -3.441  -4.197  1.00 52.65 ? 33   LYS A CB    1 
ATOM   232 C CG    . LYS A 1 33 ? -13.195 -2.613  -4.328  1.00 54.72 ? 33   LYS A CG    1 
ATOM   233 C CD    . LYS A 1 33 ? -13.063 -1.513  -5.392  1.00 55.06 ? 33   LYS A CD    1 
ATOM   234 C CE    . LYS A 1 33 ? -14.375 -0.749  -5.577  1.00 54.50 ? 33   LYS A CE    1 
ATOM   235 N NZ    . LYS A 1 33 ? -14.266 0.364   -6.568  1.00 53.43 ? 33   LYS A NZ    1 
ATOM   236 N N     . LEU A 1 34 ? -9.606  -4.711  -2.515  1.00 51.11 ? 34   LEU A N     1 
ATOM   237 C CA    . LEU A 1 34 ? -8.296  -5.366  -2.487  1.00 50.46 ? 34   LEU A CA    1 
ATOM   238 C C     . LEU A 1 34 ? -8.415  -6.760  -1.899  1.00 50.81 ? 34   LEU A C     1 
ATOM   239 O O     . LEU A 1 34 ? -7.926  -7.736  -2.474  1.00 50.54 ? 34   LEU A O     1 
ATOM   240 C CB    . LEU A 1 34 ? -7.289  -4.543  -1.675  1.00 49.22 ? 34   LEU A CB    1 
ATOM   241 C CG    . LEU A 1 34 ? -6.633  -3.357  -2.386  1.00 49.12 ? 34   LEU A CG    1 
ATOM   242 C CD1   . LEU A 1 34 ? -5.923  -2.487  -1.365  1.00 48.40 ? 34   LEU A CD1   1 
ATOM   243 C CD2   . LEU A 1 34 ? -5.658  -3.845  -3.445  1.00 47.60 ? 34   LEU A CD2   1 
ATOM   244 N N     . GLU A 1 35 ? -9.078  -6.843  -0.751  1.00 50.69 ? 35   GLU A N     1 
ATOM   245 C CA    . GLU A 1 35 ? -9.273  -8.118  -0.083  1.00 51.73 ? 35   GLU A CA    1 
ATOM   246 C C     . GLU A 1 35 ? -9.942  -9.089  -1.028  1.00 51.48 ? 35   GLU A C     1 
ATOM   247 O O     . GLU A 1 35 ? -9.499  -10.231 -1.191  1.00 51.11 ? 35   GLU A O     1 
ATOM   248 C CB    . GLU A 1 35 ? -10.118 -7.917  1.162   1.00 52.65 ? 35   GLU A CB    1 
ATOM   249 C CG    . GLU A 1 35 ? -9.459  -6.927  2.089   1.00 56.24 ? 35   GLU A CG    1 
ATOM   250 C CD    . GLU A 1 35 ? -10.319 -6.545  3.270   1.00 57.92 ? 35   GLU A CD    1 
ATOM   251 O OE1   . GLU A 1 35 ? -11.564 -6.414  3.094   1.00 59.44 ? 35   GLU A OE1   1 
ATOM   252 O OE2   . GLU A 1 35 ? -9.738  -6.335  4.367   1.00 59.05 ? 35   GLU A OE2   1 
ATOM   253 N N     . GLU A 1 36 ? -11.000 -8.627  -1.673  1.00 51.85 ? 36   GLU A N     1 
ATOM   254 C CA    . GLU A 1 36 ? -11.717 -9.473  -2.605  1.00 53.63 ? 36   GLU A CA    1 
ATOM   255 C C     . GLU A 1 36 ? -10.848 -9.955  -3.750  1.00 52.67 ? 36   GLU A C     1 
ATOM   256 O O     . GLU A 1 36 ? -10.989 -11.096 -4.180  1.00 52.45 ? 36   GLU A O     1 
ATOM   257 C CB    . GLU A 1 36 ? -12.905 -8.728  -3.164  1.00 56.06 ? 36   GLU A CB    1 
ATOM   258 C CG    . GLU A 1 36 ? -13.948 -8.420  -2.136  1.00 61.43 ? 36   GLU A CG    1 
ATOM   259 C CD    . GLU A 1 36 ? -14.498 -7.029  -2.325  1.00 64.49 ? 36   GLU A CD    1 
ATOM   260 O OE1   . GLU A 1 36 ? -14.741 -6.643  -3.510  1.00 66.35 ? 36   GLU A OE1   1 
ATOM   261 O OE2   . GLU A 1 36 ? -14.692 -6.324  -1.292  1.00 67.14 ? 36   GLU A OE2   1 
ATOM   262 N N     . ARG A 1 37 ? -9.963  -9.089  -4.246  1.00 52.47 ? 37   ARG A N     1 
ATOM   263 C CA    . ARG A 1 37 ? -9.071  -9.453  -5.346  1.00 52.39 ? 37   ARG A CA    1 
ATOM   264 C C     . ARG A 1 37 ? -8.025  -10.437 -4.865  1.00 51.71 ? 37   ARG A C     1 
ATOM   265 O O     . ARG A 1 37 ? -7.241  -10.946 -5.666  1.00 51.12 ? 37   ARG A O     1 
ATOM   266 C CB    . ARG A 1 37 ? -8.339  -8.238  -5.882  1.00 54.99 ? 37   ARG A CB    1 
ATOM   267 C CG    . ARG A 1 37 ? -9.222  -7.186  -6.479  1.00 59.59 ? 37   ARG A CG    1 
ATOM   268 C CD    . ARG A 1 37 ? -9.576  -7.501  -7.915  1.00 63.14 ? 37   ARG A CD    1 
ATOM   269 N NE    . ARG A 1 37 ? -10.294 -6.358  -8.497  1.00 66.40 ? 37   ARG A NE    1 
ATOM   270 C CZ    . ARG A 1 37 ? -10.662 -6.272  -9.776  1.00 67.87 ? 37   ARG A CZ    1 
ATOM   271 N NH1   . ARG A 1 37 ? -11.312 -5.196  -10.203 1.00 67.88 ? 37   ARG A NH1   1 
ATOM   272 N NH2   . ARG A 1 37 ? -10.382 -7.268  -10.623 1.00 69.78 ? 37   ARG A NH2   1 
ATOM   273 N N     . GLY A 1 38 ? -7.999  -10.677 -3.557  1.00 50.84 ? 38   GLY A N     1 
ATOM   274 C CA    . GLY A 1 38 ? -7.042  -11.613 -3.010  1.00 50.65 ? 38   GLY A CA    1 
ATOM   275 C C     . GLY A 1 38 ? -6.089  -10.999 -2.006  1.00 50.78 ? 38   GLY A C     1 
ATOM   276 O O     . GLY A 1 38 ? -5.779  -11.619 -0.989  1.00 51.53 ? 38   GLY A O     1 
ATOM   277 N N     . PHE A 1 39 ? -5.616  -9.789  -2.292  1.00 49.29 ? 39   PHE A N     1 
ATOM   278 C CA    . PHE A 1 39 ? -4.695  -9.101  -1.400  1.00 48.40 ? 39   PHE A CA    1 
ATOM   279 C C     . PHE A 1 39 ? -5.448  -8.678  -0.153  1.00 48.57 ? 39   PHE A C     1 
ATOM   280 O O     . PHE A 1 39 ? -5.964  -7.569  -0.058  1.00 47.97 ? 39   PHE A O     1 
ATOM   281 C CB    . PHE A 1 39 ? -4.116  -7.905  -2.117  1.00 47.92 ? 39   PHE A CB    1 
ATOM   282 C CG    . PHE A 1 39 ? -3.621  -8.220  -3.484  1.00 48.37 ? 39   PHE A CG    1 
ATOM   283 C CD1   . PHE A 1 39 ? -4.513  -8.388  -4.540  1.00 48.24 ? 39   PHE A CD1   1 
ATOM   284 C CD2   . PHE A 1 39 ? -2.257  -8.369  -3.722  1.00 48.61 ? 39   PHE A CD2   1 
ATOM   285 C CE1   . PHE A 1 39 ? -4.048  -8.693  -5.821  1.00 48.99 ? 39   PHE A CE1   1 
ATOM   286 C CE2   . PHE A 1 39 ? -1.777  -8.674  -4.997  1.00 48.82 ? 39   PHE A CE2   1 
ATOM   287 C CZ    . PHE A 1 39 ? -2.671  -8.839  -6.051  1.00 49.22 ? 39   PHE A CZ    1 
ATOM   288 N N     . ASP A 1 40 ? -5.482  -9.582  0.815   1.00 49.63 ? 40   ASP A N     1 
ATOM   289 C CA    . ASP A 1 40 ? -6.218  -9.364  2.043   1.00 50.02 ? 40   ASP A CA    1 
ATOM   290 C C     . ASP A 1 40 ? -5.331  -9.081  3.232   1.00 48.82 ? 40   ASP A C     1 
ATOM   291 O O     . ASP A 1 40 ? -5.726  -9.317  4.370   1.00 48.21 ? 40   ASP A O     1 
ATOM   292 C CB    . ASP A 1 40 ? -7.052  -10.601 2.321   1.00 52.74 ? 40   ASP A CB    1 
ATOM   293 C CG    . ASP A 1 40 ? -6.195  -11.831 2.531   1.00 55.73 ? 40   ASP A CG    1 
ATOM   294 O OD1   . ASP A 1 40 ? -5.312  -12.111 1.687   1.00 56.93 ? 40   ASP A OD1   1 
ATOM   295 O OD2   . ASP A 1 40 ? -6.400  -12.521 3.549   1.00 59.46 ? 40   ASP A OD2   1 
ATOM   296 N N     . LYS A 1 41 ? -4.135  -8.577  2.973   1.00 47.66 ? 41   LYS A N     1 
ATOM   297 C CA    . LYS A 1 41 ? -3.202  -8.272  4.049   1.00 47.88 ? 41   LYS A CA    1 
ATOM   298 C C     . LYS A 1 41 ? -2.136  -7.320  3.551   1.00 47.84 ? 41   LYS A C     1 
ATOM   299 O O     . LYS A 1 41 ? -1.565  -7.527  2.482   1.00 48.39 ? 41   LYS A O     1 
ATOM   300 C CB    . LYS A 1 41 ? -2.539  -9.554  4.546   1.00 48.05 ? 41   LYS A CB    1 
ATOM   301 C CG    . LYS A 1 41 ? -3.372  -10.340 5.508   1.00 47.62 ? 41   LYS A CG    1 
ATOM   302 C CD    . LYS A 1 41 ? -3.461  -9.594  6.803   1.00 48.84 ? 41   LYS A CD    1 
ATOM   303 C CE    . LYS A 1 41 ? -4.211  -10.388 7.841   1.00 49.57 ? 41   LYS A CE    1 
ATOM   304 N NZ    . LYS A 1 41 ? -4.122  -9.672  9.140   1.00 52.15 ? 41   LYS A NZ    1 
ATOM   305 N N     . ALA A 1 42 ? -1.857  -6.284  4.331   1.00 46.32 ? 42   ALA A N     1 
ATOM   306 C CA    . ALA A 1 42 ? -0.854  -5.318  3.930   1.00 46.02 ? 42   ALA A CA    1 
ATOM   307 C C     . ALA A 1 42 ? 0.390   -6.007  3.358   1.00 46.56 ? 42   ALA A C     1 
ATOM   308 O O     . ALA A 1 42 ? 0.872   -5.640  2.284   1.00 45.88 ? 42   ALA A O     1 
ATOM   309 C CB    . ALA A 1 42 ? -0.481  -4.443  5.097   1.00 44.31 ? 42   ALA A CB    1 
ATOM   310 N N     . TYR A 1 43 ? 0.904   -7.017  4.049   1.00 46.86 ? 43   TYR A N     1 
ATOM   311 C CA    . TYR A 1 43 ? 2.097   -7.681  3.551   1.00 47.36 ? 43   TYR A CA    1 
ATOM   312 C C     . TYR A 1 43 ? 1.902   -8.251  2.154   1.00 46.51 ? 43   TYR A C     1 
ATOM   313 O O     . TYR A 1 43 ? 2.855   -8.354  1.389   1.00 47.03 ? 43   TYR A O     1 
ATOM   314 C CB    . TYR A 1 43 ? 2.574   -8.773  4.521   1.00 47.92 ? 43   TYR A CB    1 
ATOM   315 C CG    . TYR A 1 43 ? 1.737   -10.025 4.561   1.00 48.80 ? 43   TYR A CG    1 
ATOM   316 C CD1   . TYR A 1 43 ? 1.683   -10.889 3.470   1.00 49.31 ? 43   TYR A CD1   1 
ATOM   317 C CD2   . TYR A 1 43 ? 1.015   -10.356 5.702   1.00 50.22 ? 43   TYR A CD2   1 
ATOM   318 C CE1   . TYR A 1 43 ? 0.927   -12.063 3.509   1.00 50.60 ? 43   TYR A CE1   1 
ATOM   319 C CE2   . TYR A 1 43 ? 0.253   -11.526 5.763   1.00 51.13 ? 43   TYR A CE2   1 
ATOM   320 C CZ    . TYR A 1 43 ? 0.212   -12.380 4.660   1.00 51.15 ? 43   TYR A CZ    1 
ATOM   321 O OH    . TYR A 1 43 ? -0.547  -13.535 4.710   1.00 51.26 ? 43   TYR A OH    1 
ATOM   322 N N     . VAL A 1 44 ? 0.674   -8.608  1.804   1.00 45.49 ? 44   VAL A N     1 
ATOM   323 C CA    . VAL A 1 44 ? 0.459   -9.154  0.478   1.00 45.22 ? 44   VAL A CA    1 
ATOM   324 C C     . VAL A 1 44 ? 0.704   -8.060  -0.546  1.00 46.59 ? 44   VAL A C     1 
ATOM   325 O O     . VAL A 1 44 ? 1.297   -8.302  -1.602  1.00 46.81 ? 44   VAL A O     1 
ATOM   326 C CB    . VAL A 1 44 ? -0.962  -9.705  0.305   1.00 44.21 ? 44   VAL A CB    1 
ATOM   327 C CG1   . VAL A 1 44 ? -1.075  -10.411 -1.024  1.00 41.98 ? 44   VAL A CG1   1 
ATOM   328 C CG2   . VAL A 1 44 ? -1.284  -10.666 1.424   1.00 43.54 ? 44   VAL A CG2   1 
ATOM   329 N N     . VAL A 1 45 ? 0.262   -6.847  -0.224  1.00 46.76 ? 45   VAL A N     1 
ATOM   330 C CA    . VAL A 1 45 ? 0.447   -5.711  -1.119  1.00 45.84 ? 45   VAL A CA    1 
ATOM   331 C C     . VAL A 1 45 ? 1.944   -5.425  -1.210  1.00 45.89 ? 45   VAL A C     1 
ATOM   332 O O     . VAL A 1 45 ? 2.456   -5.087  -2.273  1.00 46.67 ? 45   VAL A O     1 
ATOM   333 C CB    . VAL A 1 45 ? -0.316  -4.466  -0.597  1.00 45.22 ? 45   VAL A CB    1 
ATOM   334 C CG1   . VAL A 1 45 ? -0.162  -3.305  -1.554  1.00 43.66 ? 45   VAL A CG1   1 
ATOM   335 C CG2   . VAL A 1 45 ? -1.774  -4.801  -0.429  1.00 44.46 ? 45   VAL A CG2   1 
ATOM   336 N N     . LEU A 1 46 ? 2.645   -5.571  -0.093  1.00 45.59 ? 46   LEU A N     1 
ATOM   337 C CA    . LEU A 1 46 ? 4.086   -5.352  -0.081  1.00 46.37 ? 46   LEU A CA    1 
ATOM   338 C C     . LEU A 1 46 ? 4.747   -6.361  -1.016  1.00 47.07 ? 46   LEU A C     1 
ATOM   339 O O     . LEU A 1 46 ? 5.753   -6.065  -1.661  1.00 46.28 ? 46   LEU A O     1 
ATOM   340 C CB    . LEU A 1 46 ? 4.635   -5.543  1.323   1.00 46.12 ? 46   LEU A CB    1 
ATOM   341 C CG    . LEU A 1 46 ? 6.152   -5.576  1.458   1.00 45.27 ? 46   LEU A CG    1 
ATOM   342 C CD1   . LEU A 1 46 ? 6.742   -4.219  1.112   1.00 44.93 ? 46   LEU A CD1   1 
ATOM   343 C CD2   . LEU A 1 46 ? 6.487   -5.967  2.885   1.00 45.21 ? 46   LEU A CD2   1 
ATOM   344 N N     . GLY A 1 47 ? 4.172   -7.559  -1.073  1.00 47.34 ? 47   GLY A N     1 
ATOM   345 C CA    . GLY A 1 47 ? 4.707   -8.595  -1.933  1.00 47.57 ? 47   GLY A CA    1 
ATOM   346 C C     . GLY A 1 47 ? 4.597   -8.168  -3.381  1.00 48.44 ? 47   GLY A C     1 
ATOM   347 O O     . GLY A 1 47 ? 5.523   -8.375  -4.166  1.00 48.87 ? 47   GLY A O     1 
ATOM   348 N N     . GLN A 1 48 ? 3.459   -7.567  -3.728  1.00 48.01 ? 48   GLN A N     1 
ATOM   349 C CA    . GLN A 1 48 ? 3.199   -7.089  -5.086  1.00 47.16 ? 48   GLN A CA    1 
ATOM   350 C C     . GLN A 1 48 ? 4.123   -5.919  -5.393  1.00 46.62 ? 48   GLN A C     1 
ATOM   351 O O     . GLN A 1 48 ? 4.604   -5.767  -6.510  1.00 46.84 ? 48   GLN A O     1 
ATOM   352 C CB    . GLN A 1 48 ? 1.740   -6.655  -5.211  1.00 47.33 ? 48   GLN A CB    1 
ATOM   353 C CG    . GLN A 1 48 ? 1.334   -6.148  -6.585  1.00 49.89 ? 48   GLN A CG    1 
ATOM   354 C CD    . GLN A 1 48 ? 1.309   -7.236  -7.649  1.00 51.69 ? 48   GLN A CD    1 
ATOM   355 O OE1   . GLN A 1 48 ? 0.735   -8.316  -7.452  1.00 52.83 ? 48   GLN A OE1   1 
ATOM   356 N NE2   . GLN A 1 48 ? 1.916   -6.948  -8.797  1.00 53.71 ? 48   GLN A NE2   1 
ATOM   357 N N     . PHE A 1 49 ? 4.366   -5.090  -4.389  1.00 45.99 ? 49   PHE A N     1 
ATOM   358 C CA    . PHE A 1 49 ? 5.253   -3.948  -4.546  1.00 46.28 ? 49   PHE A CA    1 
ATOM   359 C C     . PHE A 1 49 ? 6.635   -4.489  -4.888  1.00 45.96 ? 49   PHE A C     1 
ATOM   360 O O     . PHE A 1 49 ? 7.259   -4.076  -5.862  1.00 44.99 ? 49   PHE A O     1 
ATOM   361 C CB    . PHE A 1 49 ? 5.320   -3.193  -3.230  1.00 46.89 ? 49   PHE A CB    1 
ATOM   362 C CG    . PHE A 1 49 ? 6.233   -2.007  -3.243  1.00 47.10 ? 49   PHE A CG    1 
ATOM   363 C CD1   . PHE A 1 49 ? 5.813   -0.799  -3.772  1.00 47.70 ? 49   PHE A CD1   1 
ATOM   364 C CD2   . PHE A 1 49 ? 7.484   -2.076  -2.647  1.00 47.63 ? 49   PHE A CD2   1 
ATOM   365 C CE1   . PHE A 1 49 ? 6.622   0.329   -3.691  1.00 47.93 ? 49   PHE A CE1   1 
ATOM   366 C CE2   . PHE A 1 49 ? 8.298   -0.953  -2.563  1.00 47.73 ? 49   PHE A CE2   1 
ATOM   367 C CZ    . PHE A 1 49 ? 7.867   0.248   -3.085  1.00 47.67 ? 49   PHE A CZ    1 
ATOM   368 N N     . LEU A 1 50 ? 7.098   -5.423  -4.064  1.00 46.56 ? 50   LEU A N     1 
ATOM   369 C CA    . LEU A 1 50 ? 8.399   -6.035  -4.248  1.00 46.86 ? 50   LEU A CA    1 
ATOM   370 C C     . LEU A 1 50 ? 8.511   -6.735  -5.589  1.00 46.63 ? 50   LEU A C     1 
ATOM   371 O O     . LEU A 1 50 ? 9.539   -6.630  -6.262  1.00 46.66 ? 50   LEU A O     1 
ATOM   372 C CB    . LEU A 1 50 ? 8.677   -7.022  -3.123  1.00 46.83 ? 50   LEU A CB    1 
ATOM   373 C CG    . LEU A 1 50 ? 8.977   -6.348  -1.793  1.00 48.12 ? 50   LEU A CG    1 
ATOM   374 C CD1   . LEU A 1 50 ? 9.305   -7.398  -0.754  1.00 50.13 ? 50   LEU A CD1   1 
ATOM   375 C CD2   . LEU A 1 50 ? 10.143  -5.380  -1.951  1.00 48.11 ? 50   LEU A CD2   1 
ATOM   376 N N     . VAL A 1 51 ? 7.460   -7.456  -5.969  1.00 46.20 ? 51   VAL A N     1 
ATOM   377 C CA    . VAL A 1 51 ? 7.452   -8.156  -7.240  1.00 46.99 ? 51   VAL A CA    1 
ATOM   378 C C     . VAL A 1 51 ? 7.660   -7.152  -8.365  1.00 47.11 ? 51   VAL A C     1 
ATOM   379 O O     . VAL A 1 51 ? 8.453   -7.383  -9.275  1.00 47.73 ? 51   VAL A O     1 
ATOM   380 C CB    . VAL A 1 51 ? 6.132   -8.895  -7.468  1.00 46.32 ? 51   VAL A CB    1 
ATOM   381 C CG1   . VAL A 1 51 ? 6.060   -9.388  -8.898  1.00 46.59 ? 51   VAL A CG1   1 
ATOM   382 C CG2   . VAL A 1 51 ? 6.033   -10.058 -6.521  1.00 46.13 ? 51   VAL A CG2   1 
ATOM   383 N N     . LEU A 1 52 ? 6.958   -6.028  -8.300  1.00 48.20 ? 52   LEU A N     1 
ATOM   384 C CA    . LEU A 1 52 ? 7.110   -5.015  -9.327  1.00 48.32 ? 52   LEU A CA    1 
ATOM   385 C C     . LEU A 1 52 ? 8.380   -4.226  -9.066  1.00 49.19 ? 52   LEU A C     1 
ATOM   386 O O     . LEU A 1 52 ? 8.493   -3.059  -9.432  1.00 50.47 ? 52   LEU A O     1 
ATOM   387 C CB    . LEU A 1 52 ? 5.900   -4.091  -9.350  1.00 47.38 ? 52   LEU A CB    1 
ATOM   388 C CG    . LEU A 1 52 ? 4.588   -4.861  -9.523  1.00 46.64 ? 52   LEU A CG    1 
ATOM   389 C CD1   . LEU A 1 52 ? 3.422   -3.898  -9.650  1.00 46.24 ? 52   LEU A CD1   1 
ATOM   390 C CD2   . LEU A 1 52 ? 4.683   -5.742  -10.743 1.00 46.06 ? 52   LEU A CD2   1 
ATOM   391 N N     . LYS A 1 53 ? 9.330   -4.883  -8.412  1.00 49.40 ? 53   LYS A N     1 
ATOM   392 C CA    . LYS A 1 53 ? 10.629  -4.302  -8.112  1.00 50.01 ? 53   LYS A CA    1 
ATOM   393 C C     . LYS A 1 53 ? 10.612  -2.850  -7.616  1.00 49.19 ? 53   LYS A C     1 
ATOM   394 O O     . LYS A 1 53 ? 11.530  -2.080  -7.898  1.00 48.74 ? 53   LYS A O     1 
ATOM   395 C CB    . LYS A 1 53 ? 11.536  -4.438  -9.352  1.00 50.28 ? 53   LYS A CB    1 
ATOM   396 C CG    . LYS A 1 53 ? 11.864  -5.899  -9.726  1.00 51.15 ? 53   LYS A CG    1 
ATOM   397 C CD    . LYS A 1 53 ? 12.907  -6.044  -10.861 1.00 52.17 ? 53   LYS A CD    1 
ATOM   398 C CE    . LYS A 1 53 ? 14.234  -5.276  -10.594 1.00 53.17 ? 53   LYS A CE    1 
ATOM   399 N NZ    . LYS A 1 53 ? 15.011  -5.681  -9.369  1.00 52.07 ? 53   LYS A NZ    1 
ATOM   400 N N     . LYS A 1 54 ? 9.574   -2.479  -6.871  1.00 49.26 ? 54   LYS A N     1 
ATOM   401 C CA    . LYS A 1 54 ? 9.466   -1.129  -6.315  1.00 48.43 ? 54   LYS A CA    1 
ATOM   402 C C     . LYS A 1 54 ? 9.193   -0.026  -7.341  1.00 49.50 ? 54   LYS A C     1 
ATOM   403 O O     . LYS A 1 54 ? 9.238   1.157   -6.998  1.00 49.80 ? 54   LYS A O     1 
ATOM   404 C CB    . LYS A 1 54 ? 10.743  -0.787  -5.534  1.00 46.87 ? 54   LYS A CB    1 
ATOM   405 C CG    . LYS A 1 54 ? 11.086  -1.797  -4.445  1.00 46.42 ? 54   LYS A CG    1 
ATOM   406 C CD    . LYS A 1 54 ? 12.437  -1.526  -3.818  1.00 45.34 ? 54   LYS A CD    1 
ATOM   407 C CE    . LYS A 1 54 ? 12.738  -2.513  -2.713  1.00 44.73 ? 54   LYS A CE    1 
ATOM   408 N NZ    . LYS A 1 54 ? 14.130  -2.352  -2.208  1.00 45.30 ? 54   LYS A NZ    1 
ATOM   409 N N     . ASP A 1 55 ? 8.906   -0.393  -8.591  1.00 50.08 ? 55   ASP A N     1 
ATOM   410 C CA    . ASP A 1 55 ? 8.642   0.631   -9.607  1.00 51.36 ? 55   ASP A CA    1 
ATOM   411 C C     . ASP A 1 55 ? 7.376   1.424   -9.325  1.00 51.47 ? 55   ASP A C     1 
ATOM   412 O O     . ASP A 1 55 ? 6.275   0.867   -9.223  1.00 50.75 ? 55   ASP A O     1 
ATOM   413 C CB    . ASP A 1 55 ? 8.535   0.032   -11.014 1.00 52.89 ? 55   ASP A CB    1 
ATOM   414 C CG    . ASP A 1 55 ? 8.292   1.102   -12.081 1.00 54.73 ? 55   ASP A CG    1 
ATOM   415 O OD1   . ASP A 1 55 ? 9.118   2.043   -12.165 1.00 55.74 ? 55   ASP A OD1   1 
ATOM   416 O OD2   . ASP A 1 55 ? 7.282   1.012   -12.824 1.00 55.81 ? 55   ASP A OD2   1 
ATOM   417 N N     . GLU A 1 56 ? 7.529   2.738   -9.239  1.00 51.32 ? 56   GLU A N     1 
ATOM   418 C CA    . GLU A 1 56 ? 6.393   3.591   -8.944  1.00 51.80 ? 56   GLU A CA    1 
ATOM   419 C C     . GLU A 1 56 ? 5.239   3.475   -9.919  1.00 51.81 ? 56   GLU A C     1 
ATOM   420 O O     . GLU A 1 56 ? 4.126   3.112   -9.532  1.00 51.50 ? 56   GLU A O     1 
ATOM   421 C CB    . GLU A 1 56 ? 6.823   5.048   -8.870  1.00 51.59 ? 56   GLU A CB    1 
ATOM   422 C CG    . GLU A 1 56 ? 5.759   5.917   -8.257  1.00 52.75 ? 56   GLU A CG    1 
ATOM   423 C CD    . GLU A 1 56 ? 6.207   7.348   -8.117  1.00 53.87 ? 56   GLU A CD    1 
ATOM   424 O OE1   . GLU A 1 56 ? 7.423   7.553   -7.864  1.00 53.91 ? 56   GLU A OE1   1 
ATOM   425 O OE2   . GLU A 1 56 ? 5.346   8.259   -8.244  1.00 54.25 ? 56   GLU A OE2   1 
ATOM   426 N N     . ASP A 1 57 ? 5.486   3.783   -11.183 1.00 52.46 ? 57   ASP A N     1 
ATOM   427 C CA    . ASP A 1 57 ? 4.402   3.718   -12.149 1.00 53.50 ? 57   ASP A CA    1 
ATOM   428 C C     . ASP A 1 57 ? 3.731   2.361   -12.180 1.00 52.92 ? 57   ASP A C     1 
ATOM   429 O O     . ASP A 1 57 ? 2.506   2.264   -12.062 1.00 52.91 ? 57   ASP A O     1 
ATOM   430 C CB    . ASP A 1 57 ? 4.900   4.066   -13.545 1.00 55.39 ? 57   ASP A CB    1 
ATOM   431 C CG    . ASP A 1 57 ? 5.444   5.461   -13.619 1.00 56.79 ? 57   ASP A CG    1 
ATOM   432 O OD1   . ASP A 1 57 ? 5.002   6.309   -12.795 1.00 57.38 ? 57   ASP A OD1   1 
ATOM   433 O OD2   . ASP A 1 57 ? 6.301   5.708   -14.504 1.00 57.91 ? 57   ASP A OD2   1 
ATOM   434 N N     . LEU A 1 58 ? 4.533   1.314   -12.339 1.00 50.61 ? 58   LEU A N     1 
ATOM   435 C CA    . LEU A 1 58 ? 3.989   -0.030  -12.402 1.00 49.28 ? 58   LEU A CA    1 
ATOM   436 C C     . LEU A 1 58 ? 3.091   -0.345  -11.227 1.00 48.34 ? 58   LEU A C     1 
ATOM   437 O O     . LEU A 1 58 ? 1.974   -0.822  -11.408 1.00 48.16 ? 58   LEU A O     1 
ATOM   438 C CB    . LEU A 1 58 ? 5.116   -1.055  -12.465 1.00 48.38 ? 58   LEU A CB    1 
ATOM   439 C CG    . LEU A 1 58 ? 5.768   -1.267  -13.827 1.00 46.45 ? 58   LEU A CG    1 
ATOM   440 C CD1   . LEU A 1 58 ? 6.878   -2.270  -13.657 1.00 45.47 ? 58   LEU A CD1   1 
ATOM   441 C CD2   . LEU A 1 58 ? 4.739   -1.755  -14.844 1.00 45.11 ? 58   LEU A CD2   1 
ATOM   442 N N     . PHE A 1 59 ? 3.588   -0.078  -10.025 1.00 48.19 ? 59   PHE A N     1 
ATOM   443 C CA    . PHE A 1 59 ? 2.828   -0.341  -8.810  1.00 48.56 ? 59   PHE A CA    1 
ATOM   444 C C     . PHE A 1 59 ? 1.546   0.474   -8.733  1.00 48.81 ? 59   PHE A C     1 
ATOM   445 O O     . PHE A 1 59 ? 0.457   -0.077  -8.544  1.00 48.22 ? 59   PHE A O     1 
ATOM   446 C CB    . PHE A 1 59 ? 3.674   -0.027  -7.581  1.00 49.47 ? 59   PHE A CB    1 
ATOM   447 C CG    . PHE A 1 59 ? 2.913   -0.115  -6.293  1.00 50.78 ? 59   PHE A CG    1 
ATOM   448 C CD1   . PHE A 1 59 ? 2.333   -1.317  -5.895  1.00 51.11 ? 59   PHE A CD1   1 
ATOM   449 C CD2   . PHE A 1 59 ? 2.771   1.000   -5.474  1.00 51.69 ? 59   PHE A CD2   1 
ATOM   450 C CE1   . PHE A 1 59 ? 1.619   -1.410  -4.703  1.00 51.05 ? 59   PHE A CE1   1 
ATOM   451 C CE2   . PHE A 1 59 ? 2.061   0.919   -4.277  1.00 51.95 ? 59   PHE A CE2   1 
ATOM   452 C CZ    . PHE A 1 59 ? 1.486   -0.293  -3.894  1.00 51.61 ? 59   PHE A CZ    1 
ATOM   453 N N     . ARG A 1 60 ? 1.687   1.791   -8.871  1.00 48.88 ? 60   ARG A N     1 
ATOM   454 C CA    . ARG A 1 60 ? 0.550   2.697   -8.798  1.00 48.28 ? 60   ARG A CA    1 
ATOM   455 C C     . ARG A 1 60 ? -0.488  2.363   -9.844  1.00 47.96 ? 60   ARG A C     1 
ATOM   456 O O     . ARG A 1 60 ? -1.685  2.497   -9.613  1.00 48.39 ? 60   ARG A O     1 
ATOM   457 C CB    . ARG A 1 60 ? 1.022   4.148   -8.955  1.00 47.63 ? 60   ARG A CB    1 
ATOM   458 C CG    . ARG A 1 60 ? 1.850   4.635   -7.776  1.00 48.40 ? 60   ARG A CG    1 
ATOM   459 C CD    . ARG A 1 60 ? 2.288   6.083   -7.920  1.00 49.90 ? 60   ARG A CD    1 
ATOM   460 N NE    . ARG A 1 60 ? 1.155   7.008   -8.015  1.00 51.30 ? 60   ARG A NE    1 
ATOM   461 C CZ    . ARG A 1 60 ? 1.273   8.331   -8.132  1.00 51.69 ? 60   ARG A CZ    1 
ATOM   462 N NH1   . ARG A 1 60 ? 2.480   8.894   -8.164  1.00 52.05 ? 60   ARG A NH1   1 
ATOM   463 N NH2   . ARG A 1 60 ? 0.188   9.091   -8.227  1.00 51.05 ? 60   ARG A NH2   1 
ATOM   464 N N     . GLU A 1 61 ? -0.021  1.905   -10.992 1.00 48.14 ? 61   GLU A N     1 
ATOM   465 C CA    . GLU A 1 61 ? -0.912  1.564   -12.080 1.00 49.20 ? 61   GLU A CA    1 
ATOM   466 C C     . GLU A 1 61 ? -1.624  0.242   -11.763 1.00 48.64 ? 61   GLU A C     1 
ATOM   467 O O     . GLU A 1 61 ? -2.776  0.026   -12.149 1.00 47.06 ? 61   GLU A O     1 
ATOM   468 C CB    . GLU A 1 61 ? -0.088  1.486   -13.367 1.00 51.36 ? 61   GLU A CB    1 
ATOM   469 C CG    . GLU A 1 61 ? -0.869  1.707   -14.645 1.00 55.24 ? 61   GLU A CG    1 
ATOM   470 C CD    . GLU A 1 61 ? -1.072  0.417   -15.407 1.00 57.41 ? 61   GLU A CD    1 
ATOM   471 O OE1   . GLU A 1 61 ? -0.036  -0.237  -15.737 1.00 58.10 ? 61   GLU A OE1   1 
ATOM   472 O OE2   . GLU A 1 61 ? -2.258  0.062   -15.677 1.00 58.54 ? 61   GLU A OE2   1 
ATOM   473 N N     . TRP A 1 62 ? -0.933  -0.629  -11.036 1.00 48.36 ? 62   TRP A N     1 
ATOM   474 C CA    . TRP A 1 62 ? -1.494  -1.916  -10.644 1.00 47.62 ? 62   TRP A CA    1 
ATOM   475 C C     . TRP A 1 62 ? -2.604  -1.660  -9.637  1.00 47.27 ? 62   TRP A C     1 
ATOM   476 O O     . TRP A 1 62 ? -3.685  -2.247  -9.699  1.00 47.49 ? 62   TRP A O     1 
ATOM   477 C CB    . TRP A 1 62 ? -0.421  -2.798  -10.001 1.00 47.36 ? 62   TRP A CB    1 
ATOM   478 C CG    . TRP A 1 62 ? -0.993  -3.961  -9.258  1.00 47.47 ? 62   TRP A CG    1 
ATOM   479 C CD1   . TRP A 1 62 ? -1.457  -5.138  -9.787  1.00 47.81 ? 62   TRP A CD1   1 
ATOM   480 C CD2   . TRP A 1 62 ? -1.260  -4.020  -7.858  1.00 47.08 ? 62   TRP A CD2   1 
ATOM   481 N NE1   . TRP A 1 62 ? -2.000  -5.925  -8.795  1.00 47.31 ? 62   TRP A NE1   1 
ATOM   482 C CE2   . TRP A 1 62 ? -1.889  -5.263  -7.603  1.00 46.72 ? 62   TRP A CE2   1 
ATOM   483 C CE3   . TRP A 1 62 ? -1.024  -3.148  -6.793  1.00 45.87 ? 62   TRP A CE3   1 
ATOM   484 C CZ2   . TRP A 1 62 ? -2.294  -5.642  -6.330  1.00 45.21 ? 62   TRP A CZ2   1 
ATOM   485 C CZ3   . TRP A 1 62 ? -1.425  -3.525  -5.530  1.00 45.21 ? 62   TRP A CZ3   1 
ATOM   486 C CH2   . TRP A 1 62 ? -2.050  -4.767  -5.307  1.00 45.24 ? 62   TRP A CH2   1 
ATOM   487 N N     . LEU A 1 63 ? -2.313  -0.774  -8.700  1.00 47.77 ? 63   LEU A N     1 
ATOM   488 C CA    . LEU A 1 63 ? -3.270  -0.405  -7.676  1.00 48.63 ? 63   LEU A CA    1 
ATOM   489 C C     . LEU A 1 63 ? -4.542  0.109   -8.354  1.00 49.35 ? 63   LEU A C     1 
ATOM   490 O O     . LEU A 1 63 ? -5.632  -0.454  -8.180  1.00 49.29 ? 63   LEU A O     1 
ATOM   491 C CB    . LEU A 1 63 ? -2.660  0.685   -6.800  1.00 48.42 ? 63   LEU A CB    1 
ATOM   492 C CG    . LEU A 1 63 ? -3.293  0.885   -5.433  1.00 48.61 ? 63   LEU A CG    1 
ATOM   493 C CD1   . LEU A 1 63 ? -3.501  -0.457  -4.761  1.00 47.94 ? 63   LEU A CD1   1 
ATOM   494 C CD2   . LEU A 1 63 ? -2.395  1.779   -4.600  1.00 48.87 ? 63   LEU A CD2   1 
ATOM   495 N N     . LYS A 1 64 ? -4.385  1.175   -9.138  1.00 48.91 ? 64   LYS A N     1 
ATOM   496 C CA    . LYS A 1 64 ? -5.490  1.791   -9.865  1.00 48.58 ? 64   LYS A CA    1 
ATOM   497 C C     . LYS A 1 64 ? -6.313  0.767   -10.622 1.00 48.14 ? 64   LYS A C     1 
ATOM   498 O O     . LYS A 1 64 ? -7.527  0.899   -10.750 1.00 47.75 ? 64   LYS A O     1 
ATOM   499 C CB    . LYS A 1 64 ? -4.970  2.812   -10.875 1.00 49.59 ? 64   LYS A CB    1 
ATOM   500 C CG    . LYS A 1 64 ? -6.088  3.483   -11.653 1.00 51.42 ? 64   LYS A CG    1 
ATOM   501 C CD    . LYS A 1 64 ? -5.618  4.046   -12.986 1.00 54.17 ? 64   LYS A CD    1 
ATOM   502 C CE    . LYS A 1 64 ? -6.817  4.496   -13.827 1.00 56.09 ? 64   LYS A CE    1 
ATOM   503 N NZ    . LYS A 1 64 ? -6.458  4.763   -15.261 1.00 58.19 ? 64   LYS A NZ    1 
ATOM   504 N N     . ASP A 1 65 ? -5.642  -0.247  -11.144 1.00 49.06 ? 65   ASP A N     1 
ATOM   505 C CA    . ASP A 1 65 ? -6.317  -1.273  -11.910 1.00 49.57 ? 65   ASP A CA    1 
ATOM   506 C C     . ASP A 1 65 ? -6.966  -2.323  -11.043 1.00 47.92 ? 65   ASP A C     1 
ATOM   507 O O     . ASP A 1 65 ? -7.899  -2.990  -11.473 1.00 46.29 ? 65   ASP A O     1 
ATOM   508 C CB    . ASP A 1 65 ? -5.322  -1.933  -12.865 1.00 54.08 ? 65   ASP A CB    1 
ATOM   509 C CG    . ASP A 1 65 ? -5.079  -1.104  -14.115 1.00 58.71 ? 65   ASP A CG    1 
ATOM   510 O OD1   . ASP A 1 65 ? -5.430  0.109   -14.117 1.00 62.04 ? 65   ASP A OD1   1 
ATOM   511 O OD2   . ASP A 1 65 ? -4.529  -1.655  -15.104 1.00 62.13 ? 65   ASP A OD2   1 
ATOM   512 N N     . THR A 1 66 ? -6.495  -2.453  -9.813  1.00 46.99 ? 66   THR A N     1 
ATOM   513 C CA    . THR A 1 66 ? -7.019  -3.477  -8.931  1.00 47.17 ? 66   THR A CA    1 
ATOM   514 C C     . THR A 1 66 ? -8.160  -3.073  -8.014  1.00 48.68 ? 66   THR A C     1 
ATOM   515 O O     . THR A 1 66 ? -9.163  -3.786  -7.908  1.00 49.16 ? 66   THR A O     1 
ATOM   516 C CB    . THR A 1 66 ? -5.896  -4.055  -8.068  1.00 46.42 ? 66   THR A CB    1 
ATOM   517 O OG1   . THR A 1 66 ? -4.795  -4.403  -8.911  1.00 45.29 ? 66   THR A OG1   1 
ATOM   518 C CG2   . THR A 1 66 ? -6.377  -5.292  -7.331  1.00 45.00 ? 66   THR A CG2   1 
ATOM   519 N N     . CYS A 1 67 ? -8.011  -1.943  -7.336  1.00 49.52 ? 67   CYS A N     1 
ATOM   520 C CA    . CYS A 1 67 ? -9.045  -1.497  -6.410  1.00 50.93 ? 67   CYS A CA    1 
ATOM   521 C C     . CYS A 1 67 ? -9.655  -0.164  -6.846  1.00 51.01 ? 67   CYS A C     1 
ATOM   522 O O     . CYS A 1 67 ? -10.679 0.255   -6.309  1.00 51.34 ? 67   CYS A O     1 
ATOM   523 C CB    . CYS A 1 67 ? -8.454  -1.358  -5.008  1.00 50.18 ? 67   CYS A CB    1 
ATOM   524 S SG    . CYS A 1 67 ? -7.216  -0.044  -4.914  1.00 50.88 ? 67   CYS A SG    1 
ATOM   525 N N     . GLY A 1 68 ? -9.013  0.496   -7.810  1.00 50.67 ? 68   GLY A N     1 
ATOM   526 C CA    . GLY A 1 68 ? -9.511  1.761   -8.315  1.00 48.88 ? 68   GLY A CA    1 
ATOM   527 C C     . GLY A 1 68 ? -9.001  3.001   -7.607  1.00 49.32 ? 68   GLY A C     1 
ATOM   528 O O     . GLY A 1 68 ? -9.658  4.043   -7.629  1.00 49.28 ? 68   GLY A O     1 
ATOM   529 N N     . ALA A 1 69 ? -7.838  2.915   -6.974  1.00 48.40 ? 69   ALA A N     1 
ATOM   530 C CA    . ALA A 1 69 ? -7.292  4.077   -6.274  1.00 48.23 ? 69   ALA A CA    1 
ATOM   531 C C     . ALA A 1 69 ? -7.093  5.222   -7.253  1.00 47.47 ? 69   ALA A C     1 
ATOM   532 O O     . ALA A 1 69 ? -7.103  5.015   -8.460  1.00 47.93 ? 69   ALA A O     1 
ATOM   533 C CB    . ALA A 1 69 ? -5.966  3.715   -5.631  1.00 48.01 ? 69   ALA A CB    1 
ATOM   534 N N     . ASN A 1 70 ? -6.922  6.434   -6.741  1.00 47.07 ? 70   ASN A N     1 
ATOM   535 C CA    . ASN A 1 70 ? -6.694  7.565   -7.622  1.00 47.07 ? 70   ASN A CA    1 
ATOM   536 C C     . ASN A 1 70 ? -5.285  8.095   -7.453  1.00 47.38 ? 70   ASN A C     1 
ATOM   537 O O     . ASN A 1 70 ? -4.467  7.515   -6.747  1.00 46.03 ? 70   ASN A O     1 
ATOM   538 C CB    . ASN A 1 70 ? -7.700  8.700   -7.366  1.00 48.08 ? 70   ASN A CB    1 
ATOM   539 C CG    . ASN A 1 70 ? -7.506  9.383   -6.012  1.00 49.03 ? 70   ASN A CG    1 
ATOM   540 O OD1   . ASN A 1 70 ? -6.375  9.594   -5.551  1.00 49.84 ? 70   ASN A OD1   1 
ATOM   541 N ND2   . ASN A 1 70 ? -8.616  9.762   -5.385  1.00 49.26 ? 70   ASN A ND2   1 
ATOM   542 N N     . ALA A 1 71 ? -5.024  9.217   -8.104  1.00 48.26 ? 71   ALA A N     1 
ATOM   543 C CA    . ALA A 1 71 ? -3.726  9.856   -8.058  1.00 49.94 ? 71   ALA A CA    1 
ATOM   544 C C     . ALA A 1 71 ? -3.169  10.006  -6.647  1.00 50.57 ? 71   ALA A C     1 
ATOM   545 O O     . ALA A 1 71 ? -2.037  9.616   -6.376  1.00 51.39 ? 71   ALA A O     1 
ATOM   546 C CB    . ALA A 1 71 ? -3.807  11.221  -8.729  1.00 50.58 ? 71   ALA A CB    1 
ATOM   547 N N     . LYS A 1 72 ? -3.952  10.583  -5.745  1.00 51.33 ? 72   LYS A N     1 
ATOM   548 C CA    . LYS A 1 72 ? -3.472  10.777  -4.385  1.00 52.14 ? 72   LYS A CA    1 
ATOM   549 C C     . LYS A 1 72 ? -3.364  9.458   -3.643  1.00 51.94 ? 72   LYS A C     1 
ATOM   550 O O     . LYS A 1 72 ? -2.409  9.229   -2.899  1.00 52.23 ? 72   LYS A O     1 
ATOM   551 C CB    . LYS A 1 72 ? -4.398  11.708  -3.612  1.00 52.62 ? 72   LYS A CB    1 
ATOM   552 C CG    . LYS A 1 72 ? -3.904  12.008  -2.209  1.00 51.95 ? 72   LYS A CG    1 
ATOM   553 C CD    . LYS A 1 72 ? -4.817  12.988  -1.506  1.00 50.13 ? 72   LYS A CD    1 
ATOM   554 C CE    . LYS A 1 72 ? -4.246  13.360  -0.164  1.00 48.32 ? 72   LYS A CE    1 
ATOM   555 N NZ    . LYS A 1 72 ? -2.907  13.985  -0.337  1.00 48.43 ? 72   LYS A NZ    1 
ATOM   556 N N     . GLN A 1 73 ? -4.358  8.600   -3.855  1.00 50.60 ? 73   GLN A N     1 
ATOM   557 C CA    . GLN A 1 73 ? -4.401  7.301   -3.215  1.00 48.95 ? 73   GLN A CA    1 
ATOM   558 C C     . GLN A 1 73 ? -3.192  6.427   -3.550  1.00 48.45 ? 73   GLN A C     1 
ATOM   559 O O     . GLN A 1 73 ? -2.494  5.958   -2.650  1.00 48.13 ? 73   GLN A O     1 
ATOM   560 C CB    . GLN A 1 73 ? -5.699  6.597   -3.590  1.00 48.84 ? 73   GLN A CB    1 
ATOM   561 C CG    . GLN A 1 73 ? -6.840  6.960   -2.665  1.00 50.11 ? 73   GLN A CG    1 
ATOM   562 C CD    . GLN A 1 73 ? -8.133  7.274   -3.397  1.00 51.15 ? 73   GLN A CD    1 
ATOM   563 O OE1   . GLN A 1 73 ? -8.452  6.656   -4.414  1.00 54.31 ? 73   GLN A OE1   1 
ATOM   564 N NE2   . GLN A 1 73 ? -8.896  8.226   -2.872  1.00 51.34 ? 73   GLN A NE2   1 
ATOM   565 N N     . SER A 1 74 ? -2.930  6.215   -4.836  1.00 47.64 ? 74   SER A N     1 
ATOM   566 C CA    . SER A 1 74 ? -1.796  5.388   -5.226  1.00 47.75 ? 74   SER A CA    1 
ATOM   567 C C     . SER A 1 74 ? -0.482  6.048   -4.817  1.00 47.04 ? 74   SER A C     1 
ATOM   568 O O     . SER A 1 74 ? 0.453   5.379   -4.383  1.00 47.07 ? 74   SER A O     1 
ATOM   569 C CB    . SER A 1 74 ? -1.793  5.149   -6.734  1.00 47.65 ? 74   SER A CB    1 
ATOM   570 O OG    . SER A 1 74 ? -1.374  6.309   -7.424  1.00 48.68 ? 74   SER A OG    1 
ATOM   571 N N     . ARG A 1 75 ? -0.407  7.361   -4.961  1.00 46.43 ? 75   ARG A N     1 
ATOM   572 C CA    . ARG A 1 75 ? 0.797   8.070   -4.586  1.00 47.62 ? 75   ARG A CA    1 
ATOM   573 C C     . ARG A 1 75 ? 1.121   7.797   -3.115  1.00 48.36 ? 75   ARG A C     1 
ATOM   574 O O     . ARG A 1 75 ? 2.252   7.452   -2.774  1.00 47.85 ? 75   ARG A O     1 
ATOM   575 C CB    . ARG A 1 75 ? 0.610   9.565   -4.784  1.00 48.13 ? 75   ARG A CB    1 
ATOM   576 C CG    . ARG A 1 75 ? 1.867   10.381  -4.543  1.00 49.76 ? 75   ARG A CG    1 
ATOM   577 C CD    . ARG A 1 75 ? 1.552   11.727  -3.877  1.00 53.11 ? 75   ARG A CD    1 
ATOM   578 N NE    . ARG A 1 75 ? 0.198   12.231  -4.162  1.00 55.81 ? 75   ARG A NE    1 
ATOM   579 C CZ    . ARG A 1 75 ? -0.263  12.575  -5.368  1.00 57.26 ? 75   ARG A CZ    1 
ATOM   580 N NH1   . ARG A 1 75 ? 0.520   12.474  -6.446  1.00 57.99 ? 75   ARG A NH1   1 
ATOM   581 N NH2   . ARG A 1 75 ? -1.514  13.032  -5.493  1.00 57.49 ? 75   ARG A NH2   1 
ATOM   582 N N     . ASP A 1 76 ? 0.127   7.947   -2.244  1.00 49.35 ? 76   ASP A N     1 
ATOM   583 C CA    . ASP A 1 76 ? 0.341   7.723   -0.819  1.00 49.79 ? 76   ASP A CA    1 
ATOM   584 C C     . ASP A 1 76 ? 0.636   6.274   -0.470  1.00 48.22 ? 76   ASP A C     1 
ATOM   585 O O     . ASP A 1 76 ? 1.502   6.006   0.353   1.00 48.70 ? 76   ASP A O     1 
ATOM   586 C CB    . ASP A 1 76 ? -0.865  8.184   0.003   1.00 52.12 ? 76   ASP A CB    1 
ATOM   587 C CG    . ASP A 1 76 ? -1.155  9.666   -0.150  1.00 54.73 ? 76   ASP A CG    1 
ATOM   588 O OD1   . ASP A 1 76 ? -0.190  10.475  -0.256  1.00 55.75 ? 76   ASP A OD1   1 
ATOM   589 O OD2   . ASP A 1 76 ? -2.361  10.020  -0.145  1.00 56.70 ? 76   ASP A OD2   1 
ATOM   590 N N     . CYS A 1 77 ? -0.096  5.343   -1.071  1.00 45.80 ? 77   CYS A N     1 
ATOM   591 C CA    . CYS A 1 77 ? 0.118   3.934   -0.795  1.00 45.21 ? 77   CYS A CA    1 
ATOM   592 C C     . CYS A 1 77 ? 1.544   3.561   -1.175  1.00 45.46 ? 77   CYS A C     1 
ATOM   593 O O     . CYS A 1 77 ? 2.243   2.886   -0.424  1.00 45.00 ? 77   CYS A O     1 
ATOM   594 C CB    . CYS A 1 77 ? -0.870  3.092   -1.591  1.00 44.25 ? 77   CYS A CB    1 
ATOM   595 S SG    . CYS A 1 77 ? -0.743  1.329   -1.285  1.00 44.39 ? 77   CYS A SG    1 
ATOM   596 N N     . PHE A 1 78 ? 1.960   4.015   -2.352  1.00 46.73 ? 78   PHE A N     1 
ATOM   597 C CA    . PHE A 1 78 ? 3.298   3.768   -2.864  1.00 46.90 ? 78   PHE A CA    1 
ATOM   598 C C     . PHE A 1 78 ? 4.352   4.337   -1.926  1.00 47.50 ? 78   PHE A C     1 
ATOM   599 O O     . PHE A 1 78 ? 5.168   3.594   -1.388  1.00 48.54 ? 78   PHE A O     1 
ATOM   600 C CB    . PHE A 1 78 ? 3.460   4.409   -4.239  1.00 46.86 ? 78   PHE A CB    1 
ATOM   601 C CG    . PHE A 1 78 ? 4.877   4.433   -4.728  1.00 47.49 ? 78   PHE A CG    1 
ATOM   602 C CD1   . PHE A 1 78 ? 5.468   3.288   -5.246  1.00 48.31 ? 78   PHE A CD1   1 
ATOM   603 C CD2   . PHE A 1 78 ? 5.636   5.595   -4.641  1.00 47.82 ? 78   PHE A CD2   1 
ATOM   604 C CE1   . PHE A 1 78 ? 6.799   3.301   -5.672  1.00 48.43 ? 78   PHE A CE1   1 
ATOM   605 C CE2   . PHE A 1 78 ? 6.968   5.622   -5.063  1.00 47.70 ? 78   PHE A CE2   1 
ATOM   606 C CZ    . PHE A 1 78 ? 7.548   4.474   -5.577  1.00 48.27 ? 78   PHE A CZ    1 
ATOM   607 N N     . GLY A 1 79 ? 4.338   5.655   -1.739  1.00 48.45 ? 79   GLY A N     1 
ATOM   608 C CA    . GLY A 1 79 ? 5.317   6.298   -0.874  1.00 49.20 ? 79   GLY A CA    1 
ATOM   609 C C     . GLY A 1 79 ? 5.363   5.652   0.497   1.00 49.68 ? 79   GLY A C     1 
ATOM   610 O O     . GLY A 1 79 ? 6.402   5.608   1.169   1.00 49.24 ? 79   GLY A O     1 
ATOM   611 N N     . CYS A 1 80 ? 4.208   5.150   0.909   1.00 49.46 ? 80   CYS A N     1 
ATOM   612 C CA    . CYS A 1 80 ? 4.060   4.479   2.189   1.00 49.29 ? 80   CYS A CA    1 
ATOM   613 C C     . CYS A 1 80 ? 4.943   3.233   2.216   1.00 49.46 ? 80   CYS A C     1 
ATOM   614 O O     . CYS A 1 80 ? 5.814   3.102   3.071   1.00 50.05 ? 80   CYS A O     1 
ATOM   615 C CB    . CYS A 1 80 ? 2.597   4.092   2.376   1.00 49.86 ? 80   CYS A CB    1 
ATOM   616 S SG    . CYS A 1 80 ? 2.322   2.748   3.500   1.00 49.48 ? 80   CYS A SG    1 
ATOM   617 N N     . LEU A 1 81 ? 4.715   2.322   1.272   1.00 48.03 ? 81   LEU A N     1 
ATOM   618 C CA    . LEU A 1 81 ? 5.503   1.101   1.189   1.00 48.14 ? 81   LEU A CA    1 
ATOM   619 C C     . LEU A 1 81 ? 6.975   1.413   0.923   1.00 48.31 ? 81   LEU A C     1 
ATOM   620 O O     . LEU A 1 81 ? 7.867   0.854   1.562   1.00 47.36 ? 81   LEU A O     1 
ATOM   621 C CB    . LEU A 1 81 ? 4.958   0.194   0.085   1.00 46.79 ? 81   LEU A CB    1 
ATOM   622 C CG    . LEU A 1 81 ? 3.552   -0.329  0.365   1.00 46.47 ? 81   LEU A CG    1 
ATOM   623 C CD1   . LEU A 1 81 ? 3.004   -1.050  -0.844  1.00 46.60 ? 81   LEU A CD1   1 
ATOM   624 C CD2   . LEU A 1 81 ? 3.598   -1.258  1.569   1.00 46.64 ? 81   LEU A CD2   1 
ATOM   625 N N     . ARG A 1 82 ? 7.230   2.313   -0.020  1.00 48.90 ? 82   ARG A N     1 
ATOM   626 C CA    . ARG A 1 82 ? 8.600   2.672   -0.339  1.00 50.28 ? 82   ARG A CA    1 
ATOM   627 C C     . ARG A 1 82 ? 9.366   3.002   0.925   1.00 50.53 ? 82   ARG A C     1 
ATOM   628 O O     . ARG A 1 82 ? 10.510  2.578   1.096   1.00 51.56 ? 82   ARG A O     1 
ATOM   629 C CB    . ARG A 1 82 ? 8.652   3.872   -1.277  1.00 51.09 ? 82   ARG A CB    1 
ATOM   630 C CG    . ARG A 1 82 ? 10.077  4.329   -1.602  1.00 53.67 ? 82   ARG A CG    1 
ATOM   631 C CD    . ARG A 1 82 ? 10.080  5.531   -2.553  1.00 56.69 ? 82   ARG A CD    1 
ATOM   632 N NE    . ARG A 1 82 ? 9.360   6.670   -1.978  1.00 59.80 ? 82   ARG A NE    1 
ATOM   633 C CZ    . ARG A 1 82 ? 8.994   7.764   -2.648  1.00 61.24 ? 82   ARG A CZ    1 
ATOM   634 N NH1   . ARG A 1 82 ? 9.282   7.886   -3.946  1.00 61.87 ? 82   ARG A NH1   1 
ATOM   635 N NH2   . ARG A 1 82 ? 8.328   8.732   -2.017  1.00 61.64 ? 82   ARG A NH2   1 
ATOM   636 N N     . GLU A 1 83 ? 8.740   3.754   1.820   1.00 50.33 ? 83   GLU A N     1 
ATOM   637 C CA    . GLU A 1 83 ? 9.409   4.127   3.052   1.00 51.19 ? 83   GLU A CA    1 
ATOM   638 C C     . GLU A 1 83 ? 9.542   3.000   4.048   1.00 50.71 ? 83   GLU A C     1 
ATOM   639 O O     . GLU A 1 83 ? 10.557  2.896   4.746   1.00 50.81 ? 83   GLU A O     1 
ATOM   640 C CB    . GLU A 1 83 ? 8.683   5.280   3.705   1.00 52.54 ? 83   GLU A CB    1 
ATOM   641 C CG    . GLU A 1 83 ? 9.364   6.595   3.503   1.00 55.50 ? 83   GLU A CG    1 
ATOM   642 C CD    . GLU A 1 83 ? 8.496   7.719   3.989   1.00 57.52 ? 83   GLU A CD    1 
ATOM   643 O OE1   . GLU A 1 83 ? 8.108   7.685   5.188   1.00 58.79 ? 83   GLU A OE1   1 
ATOM   644 O OE2   . GLU A 1 83 ? 8.192   8.628   3.176   1.00 59.83 ? 83   GLU A OE2   1 
ATOM   645 N N     . TRP A 1 84 ? 8.519   2.158   4.127   1.00 50.31 ? 84   TRP A N     1 
ATOM   646 C CA    . TRP A 1 84 ? 8.554   1.041   5.059   1.00 49.42 ? 84   TRP A CA    1 
ATOM   647 C C     . TRP A 1 84 ? 9.750   0.159   4.718   1.00 48.83 ? 84   TRP A C     1 
ATOM   648 O O     . TRP A 1 84 ? 10.475  -0.292  5.606   1.00 48.54 ? 84   TRP A O     1 
ATOM   649 C CB    . TRP A 1 84 ? 7.267   0.227   4.962   1.00 49.05 ? 84   TRP A CB    1 
ATOM   650 C CG    . TRP A 1 84 ? 7.197   -0.854  5.991   1.00 50.04 ? 84   TRP A CG    1 
ATOM   651 C CD1   . TRP A 1 84 ? 6.592   -0.787  7.215   1.00 50.37 ? 84   TRP A CD1   1 
ATOM   652 C CD2   . TRP A 1 84 ? 7.773   -2.168  5.896   1.00 50.59 ? 84   TRP A CD2   1 
ATOM   653 N NE1   . TRP A 1 84 ? 6.756   -1.976  7.890   1.00 50.77 ? 84   TRP A NE1   1 
ATOM   654 C CE2   . TRP A 1 84 ? 7.480   -2.833  7.111   1.00 50.52 ? 84   TRP A CE2   1 
ATOM   655 C CE3   . TRP A 1 84 ? 8.523   -2.832  4.913   1.00 49.03 ? 84   TRP A CE3   1 
ATOM   656 C CZ2   . TRP A 1 84 ? 7.896   -4.149  7.352   1.00 50.09 ? 84   TRP A CZ2   1 
ATOM   657 C CZ3   . TRP A 1 84 ? 8.934   -4.133  5.158   1.00 47.80 ? 84   TRP A CZ3   1 
ATOM   658 C CH2   . TRP A 1 84 ? 8.626   -4.775  6.373   1.00 49.09 ? 84   TRP A CH2   1 
ATOM   659 N N     . CYS A 1 85 ? 9.949   -0.074  3.421   1.00 49.60 ? 85   CYS A N     1 
ATOM   660 C CA    . CYS A 1 85 ? 11.050  -0.902  2.942   1.00 50.22 ? 85   CYS A CA    1 
ATOM   661 C C     . CYS A 1 85 ? 12.395  -0.288  3.274   1.00 50.44 ? 85   CYS A C     1 
ATOM   662 O O     . CYS A 1 85 ? 13.316  -0.982  3.717   1.00 50.14 ? 85   CYS A O     1 
ATOM   663 C CB    . CYS A 1 85 ? 10.943  -1.110  1.443   1.00 49.72 ? 85   CYS A CB    1 
ATOM   664 S SG    . CYS A 1 85 ? 9.526   -2.102  1.012   1.00 51.36 ? 85   CYS A SG    1 
ATOM   665 N N     . ASP A 1 86 ? 12.520  1.014   3.059   1.00 50.15 ? 86   ASP A N     1 
ATOM   666 C CA    . ASP A 1 86 ? 13.769  1.670   3.375   1.00 51.04 ? 86   ASP A CA    1 
ATOM   667 C C     . ASP A 1 86 ? 14.006  1.613   4.860   1.00 50.89 ? 86   ASP A C     1 
ATOM   668 O O     . ASP A 1 86 ? 15.131  1.787   5.318   1.00 51.06 ? 86   ASP A O     1 
ATOM   669 C CB    . ASP A 1 86 ? 13.744  3.117   2.942   1.00 52.27 ? 86   ASP A CB    1 
ATOM   670 C CG    . ASP A 1 86 ? 13.761  3.253   1.463   1.00 54.35 ? 86   ASP A CG    1 
ATOM   671 O OD1   . ASP A 1 86 ? 14.628  2.605   0.830   1.00 56.22 ? 86   ASP A OD1   1 
ATOM   672 O OD2   . ASP A 1 86 ? 12.913  3.997   0.926   1.00 56.58 ? 86   ASP A OD2   1 
ATOM   673 N N     . ALA A 1 87 ? 12.947  1.348   5.610   1.00 50.33 ? 87   ALA A N     1 
ATOM   674 C CA    . ALA A 1 87 ? 13.049  1.300   7.049   1.00 50.25 ? 87   ALA A CA    1 
ATOM   675 C C     . ALA A 1 87 ? 13.238  -0.085  7.635   1.00 51.03 ? 87   ALA A C     1 
ATOM   676 O O     . ALA A 1 87 ? 13.827  -0.223  8.702   1.00 52.16 ? 87   ALA A O     1 
ATOM   677 C CB    . ALA A 1 87 ? 11.817  1.942   7.662   1.00 49.50 ? 87   ALA A CB    1 
ATOM   678 N N     . PHE A 1 88 ? 12.770  -1.120  6.951   1.00 51.61 ? 88   PHE A N     1 
ATOM   679 C CA    . PHE A 1 88 ? 12.868  -2.456  7.533   1.00 52.05 ? 88   PHE A CA    1 
ATOM   680 C C     . PHE A 1 88 ? 13.379  -3.570  6.637   1.00 51.74 ? 88   PHE A C     1 
ATOM   681 O O     . PHE A 1 88 ? 13.920  -4.563  7.124   1.00 52.12 ? 88   PHE A O     1 
ATOM   682 C CB    . PHE A 1 88 ? 11.499  -2.851  8.061   1.00 52.77 ? 88   PHE A CB    1 
ATOM   683 C CG    . PHE A 1 88 ? 10.941  -1.899  9.069   1.00 53.57 ? 88   PHE A CG    1 
ATOM   684 C CD1   . PHE A 1 88 ? 11.393  -1.923  10.388  1.00 54.00 ? 88   PHE A CD1   1 
ATOM   685 C CD2   . PHE A 1 88 ? 9.935   -1.008  8.713   1.00 53.96 ? 88   PHE A CD2   1 
ATOM   686 C CE1   . PHE A 1 88 ? 10.839  -1.079  11.353  1.00 55.07 ? 88   PHE A CE1   1 
ATOM   687 C CE2   . PHE A 1 88 ? 9.374   -0.160  9.664   1.00 55.55 ? 88   PHE A CE2   1 
ATOM   688 C CZ    . PHE A 1 88 ? 9.826   -0.194  10.995  1.00 55.61 ? 88   PHE A CZ    1 
ATOM   689 N N     . LEU A 1 89 ? 13.181  -3.412  5.335   1.00 51.85 ? 89   LEU A N     1 
ATOM   690 C CA    . LEU A 1 89 ? 13.611  -4.409  4.364   1.00 51.13 ? 89   LEU A CA    1 
ATOM   691 C C     . LEU A 1 89 ? 15.135  -4.429  4.241   1.00 51.34 ? 89   LEU A C     1 
ATOM   692 O O     . LEU A 1 89 ? 15.744  -5.486  4.508   1.00 51.56 ? 89   LEU A O     1 
ATOM   693 C CB    . LEU A 1 89 ? 12.986  -4.095  3.008   1.00 49.52 ? 89   LEU A CB    1 
ATOM   694 C CG    . LEU A 1 89 ? 13.212  -5.159  1.947   1.00 48.92 ? 89   LEU A CG    1 
ATOM   695 C CD1   . LEU A 1 89 ? 12.419  -6.403  2.317   1.00 47.04 ? 89   LEU A CD1   1 
ATOM   696 C CD2   . LEU A 1 89 ? 12.788  -4.628  0.585   1.00 48.84 ? 89   LEU A CD2   1 
ATOM   697 O OXT   . LEU A 1 89 ? 15.704  -3.382  3.875   1.00 51.76 ? 89   LEU A OXT   1 
ATOM   698 O "O5'" . DG  B 2 1  ? -22.154 11.657  11.912  1.00 42.32 ? 1    DG  B "O5'" 1 
ATOM   699 C "C5'" . DG  B 2 1  ? -22.296 12.994  12.407  1.00 49.18 ? 1    DG  B "C5'" 1 
ATOM   700 C "C4'" . DG  B 2 1  ? -21.423 13.918  11.592  1.00 53.05 ? 1    DG  B "C4'" 1 
ATOM   701 O "O4'" . DG  B 2 1  ? -20.129 13.278  11.426  1.00 53.70 ? 1    DG  B "O4'" 1 
ATOM   702 C "C3'" . DG  B 2 1  ? -21.959 14.142  10.169  1.00 54.42 ? 1    DG  B "C3'" 1 
ATOM   703 O "O3'" . DG  B 2 1  ? -21.409 15.345  9.606   1.00 56.65 ? 1    DG  B "O3'" 1 
ATOM   704 C "C2'" . DG  B 2 1  ? -21.295 13.002  9.419   1.00 55.28 ? 1    DG  B "C2'" 1 
ATOM   705 C "C1'" . DG  B 2 1  ? -19.904 13.102  10.036  1.00 52.69 ? 1    DG  B "C1'" 1 
ATOM   706 N N9    . DG  B 2 1  ? -19.028 11.957  9.836   1.00 49.62 ? 1    DG  B N9    1 
ATOM   707 C C8    . DG  B 2 1  ? -19.384 10.675  9.477   1.00 49.03 ? 1    DG  B C8    1 
ATOM   708 N N7    . DG  B 2 1  ? -18.357 9.893   9.288   1.00 47.34 ? 1    DG  B N7    1 
ATOM   709 C C5    . DG  B 2 1  ? -17.260 10.702  9.564   1.00 45.95 ? 1    DG  B C5    1 
ATOM   710 C C6    . DG  B 2 1  ? -15.876 10.407  9.535   1.00 45.74 ? 1    DG  B C6    1 
ATOM   711 O O6    . DG  B 2 1  ? -15.326 9.340   9.256   1.00 48.67 ? 1    DG  B O6    1 
ATOM   712 N N1    . DG  B 2 1  ? -15.107 11.514  9.882   1.00 42.97 ? 1    DG  B N1    1 
ATOM   713 C C2    . DG  B 2 1  ? -15.610 12.746  10.217  1.00 41.06 ? 1    DG  B C2    1 
ATOM   714 N N2    . DG  B 2 1  ? -14.705 13.691  10.501  1.00 37.57 ? 1    DG  B N2    1 
ATOM   715 N N3    . DG  B 2 1  ? -16.902 13.031  10.262  1.00 41.61 ? 1    DG  B N3    1 
ATOM   716 C C4    . DG  B 2 1  ? -17.661 11.969  9.922   1.00 45.60 ? 1    DG  B C4    1 
ATOM   717 P P     . DT  B 2 2  ? -21.876 16.785  10.139  1.00 57.70 ? 2    DT  B P     1 
ATOM   718 O OP1   . DT  B 2 2  ? -22.331 16.612  11.549  1.00 58.62 ? 2    DT  B OP1   1 
ATOM   719 O OP2   . DT  B 2 2  ? -22.806 17.358  9.126   1.00 57.25 ? 2    DT  B OP2   1 
ATOM   720 O "O5'" . DT  B 2 2  ? -20.526 17.640  10.147  1.00 55.31 ? 2    DT  B "O5'" 1 
ATOM   721 C "C5'" . DT  B 2 2  ? -19.273 16.982  10.061  1.00 53.23 ? 2    DT  B "C5'" 1 
ATOM   722 C "C4'" . DT  B 2 2  ? -18.134 17.970  9.950   1.00 53.99 ? 2    DT  B "C4'" 1 
ATOM   723 O "O4'" . DT  B 2 2  ? -16.955 17.157  9.701   1.00 52.90 ? 2    DT  B "O4'" 1 
ATOM   724 C "C3'" . DT  B 2 2  ? -18.191 18.953  8.773   1.00 53.31 ? 2    DT  B "C3'" 1 
ATOM   725 O "O3'" . DT  B 2 2  ? -17.436 20.150  9.082   1.00 55.78 ? 2    DT  B "O3'" 1 
ATOM   726 C "C2'" . DT  B 2 2  ? -17.574 18.162  7.629   1.00 52.50 ? 2    DT  B "C2'" 1 
ATOM   727 C "C1'" . DT  B 2 2  ? -16.572 17.232  8.324   1.00 49.67 ? 2    DT  B "C1'" 1 
ATOM   728 N N1    . DT  B 2 2  ? -16.579 15.854  7.795   1.00 45.28 ? 2    DT  B N1    1 
ATOM   729 C C2    . DT  B 2 2  ? -15.365 15.263  7.588   1.00 44.23 ? 2    DT  B C2    1 
ATOM   730 O O2    . DT  B 2 2  ? -14.304 15.850  7.760   1.00 45.26 ? 2    DT  B O2    1 
ATOM   731 N N3    . DT  B 2 2  ? -15.433 13.959  7.159   1.00 41.47 ? 2    DT  B N3    1 
ATOM   732 C C4    . DT  B 2 2  ? -16.574 13.219  6.902   1.00 39.25 ? 2    DT  B C4    1 
ATOM   733 O O4    . DT  B 2 2  ? -16.482 12.042  6.562   1.00 37.83 ? 2    DT  B O4    1 
ATOM   734 C C5    . DT  B 2 2  ? -17.813 13.923  7.086   1.00 39.06 ? 2    DT  B C5    1 
ATOM   735 C C7    . DT  B 2 2  ? -19.092 13.222  6.764   1.00 36.78 ? 2    DT  B C7    1 
ATOM   736 C C6    . DT  B 2 2  ? -17.760 15.185  7.530   1.00 41.89 ? 2    DT  B C6    1 
ATOM   737 P P     . DG  B 2 3  ? -16.831 21.063  7.884   1.00 58.28 ? 3    DG  B P     1 
ATOM   738 O OP1   . DG  B 2 3  ? -16.307 22.335  8.474   1.00 56.83 ? 3    DG  B OP1   1 
ATOM   739 O OP2   . DG  B 2 3  ? -17.813 21.111  6.754   1.00 58.55 ? 3    DG  B OP2   1 
ATOM   740 O "O5'" . DG  B 2 3  ? -15.558 20.258  7.365   1.00 56.57 ? 3    DG  B "O5'" 1 
ATOM   741 C "C5'" . DG  B 2 3  ? -14.355 20.260  8.117   1.00 54.94 ? 3    DG  B "C5'" 1 
ATOM   742 C "C4'" . DG  B 2 3  ? -13.168 20.121  7.196   1.00 53.64 ? 3    DG  B "C4'" 1 
ATOM   743 O "O4'" . DG  B 2 3  ? -13.120 18.784  6.636   1.00 52.05 ? 3    DG  B "O4'" 1 
ATOM   744 C "C3'" . DG  B 2 3  ? -13.152 21.077  6.008   1.00 51.53 ? 3    DG  B "C3'" 1 
ATOM   745 O "O3'" . DG  B 2 3  ? -11.807 21.495  5.796   1.00 53.33 ? 3    DG  B "O3'" 1 
ATOM   746 C "C2'" . DG  B 2 3  ? -13.680 20.233  4.859   1.00 50.19 ? 3    DG  B "C2'" 1 
ATOM   747 C "C1'" . DG  B 2 3  ? -13.199 18.831  5.212   1.00 48.13 ? 3    DG  B "C1'" 1 
ATOM   748 N N9    . DG  B 2 3  ? -14.092 17.748  4.808   1.00 44.82 ? 3    DG  B N9    1 
ATOM   749 C C8    . DG  B 2 3  ? -15.464 17.768  4.782   1.00 43.49 ? 3    DG  B C8    1 
ATOM   750 N N7    . DG  B 2 3  ? -15.985 16.623  4.436   1.00 42.68 ? 3    DG  B N7    1 
ATOM   751 C C5    . DG  B 2 3  ? -14.890 15.802  4.212   1.00 43.12 ? 3    DG  B C5    1 
ATOM   752 C C6    . DG  B 2 3  ? -14.827 14.429  3.829   1.00 42.83 ? 3    DG  B C6    1 
ATOM   753 O O6    . DG  B 2 3  ? -15.760 13.637  3.616   1.00 41.63 ? 3    DG  B O6    1 
ATOM   754 N N1    . DG  B 2 3  ? -13.512 13.999  3.701   1.00 44.14 ? 3    DG  B N1    1 
ATOM   755 C C2    . DG  B 2 3  ? -12.396 14.778  3.924   1.00 45.59 ? 3    DG  B C2    1 
ATOM   756 N N2    . DG  B 2 3  ? -11.220 14.175  3.735   1.00 47.32 ? 3    DG  B N2    1 
ATOM   757 N N3    . DG  B 2 3  ? -12.440 16.049  4.298   1.00 44.87 ? 3    DG  B N3    1 
ATOM   758 C C4    . DG  B 2 3  ? -13.709 16.492  4.419   1.00 44.18 ? 3    DG  B C4    1 
ATOM   759 P P     . DG  B 2 4  ? -11.438 22.362  4.499   1.00 56.82 ? 4    DG  B P     1 
ATOM   760 O OP1   . DG  B 2 4  ? -10.230 23.195  4.830   1.00 54.42 ? 4    DG  B OP1   1 
ATOM   761 O OP2   . DG  B 2 4  ? -12.689 23.011  3.998   1.00 55.55 ? 4    DG  B OP2   1 
ATOM   762 O "O5'" . DG  B 2 4  ? -10.967 21.264  3.444   1.00 56.06 ? 4    DG  B "O5'" 1 
ATOM   763 C "C5'" . DG  B 2 4  ? -9.782  20.508  3.691   1.00 56.16 ? 4    DG  B "C5'" 1 
ATOM   764 C "C4'" . DG  B 2 4  ? -9.479  19.612  2.517   1.00 54.84 ? 4    DG  B "C4'" 1 
ATOM   765 O "O4'" . DG  B 2 4  ? -10.461 18.546  2.413   1.00 53.08 ? 4    DG  B "O4'" 1 
ATOM   766 C "C3'" . DG  B 2 4  ? -9.505  20.338  1.177   1.00 53.66 ? 4    DG  B "C3'" 1 
ATOM   767 O "O3'" . DG  B 2 4  ? -8.458  19.806  0.378   1.00 55.07 ? 4    DG  B "O3'" 1 
ATOM   768 C "C2'" . DG  B 2 4  ? -10.854 19.946  0.600   1.00 52.59 ? 4    DG  B "C2'" 1 
ATOM   769 C "C1'" . DG  B 2 4  ? -10.953 18.514  1.084   1.00 50.30 ? 4    DG  B "C1'" 1 
ATOM   770 N N9    . DG  B 2 4  ? -12.291 17.940  1.102   1.00 47.19 ? 4    DG  B N9    1 
ATOM   771 C C8    . DG  B 2 4  ? -13.470 18.597  1.350   1.00 45.58 ? 4    DG  B C8    1 
ATOM   772 N N7    . DG  B 2 4  ? -14.515 17.819  1.289   1.00 44.70 ? 4    DG  B N7    1 
ATOM   773 C C5    . DG  B 2 4  ? -13.998 16.565  0.987   1.00 45.04 ? 4    DG  B C5    1 
ATOM   774 C C6    . DG  B 2 4  ? -14.660 15.317  0.795   1.00 45.26 ? 4    DG  B C6    1 
ATOM   775 O O6    . DG  B 2 4  ? -15.874 15.064  0.866   1.00 46.25 ? 4    DG  B O6    1 
ATOM   776 N N1    . DG  B 2 4  ? -13.758 14.297  0.495   1.00 44.97 ? 4    DG  B N1    1 
ATOM   777 C C2    . DG  B 2 4  ? -12.397 14.451  0.394   1.00 44.93 ? 4    DG  B C2    1 
ATOM   778 N N2    . DG  B 2 4  ? -11.708 13.344  0.080   1.00 43.12 ? 4    DG  B N2    1 
ATOM   779 N N3    . DG  B 2 4  ? -11.761 15.611  0.581   1.00 44.96 ? 4    DG  B N3    1 
ATOM   780 C C4    . DG  B 2 4  ? -12.625 16.621  0.869   1.00 45.86 ? 4    DG  B C4    1 
ATOM   781 P P     . DA  B 2 5  ? -8.052  20.543  -0.982  1.00 57.16 ? 5    DA  B P     1 
ATOM   782 O OP1   . DA  B 2 5  ? -6.993  21.551  -0.654  1.00 56.17 ? 5    DA  B OP1   1 
ATOM   783 O OP2   . DA  B 2 5  ? -9.317  20.966  -1.657  1.00 55.98 ? 5    DA  B OP2   1 
ATOM   784 O "O5'" . DA  B 2 5  ? -7.370  19.394  -1.840  1.00 55.67 ? 5    DA  B "O5'" 1 
ATOM   785 C "C5'" . DA  B 2 5  ? -6.491  18.464  -1.225  1.00 54.56 ? 5    DA  B "C5'" 1 
ATOM   786 C "C4'" . DA  B 2 5  ? -6.582  17.138  -1.936  1.00 53.25 ? 5    DA  B "C4'" 1 
ATOM   787 O "O4'" . DA  B 2 5  ? -7.887  16.552  -1.705  1.00 50.80 ? 5    DA  B "O4'" 1 
ATOM   788 C "C3'" . DA  B 2 5  ? -6.422  17.259  -3.447  1.00 52.06 ? 5    DA  B "C3'" 1 
ATOM   789 O "O3'" . DA  B 2 5  ? -5.523  16.262  -3.906  1.00 55.06 ? 5    DA  B "O3'" 1 
ATOM   790 C "C2'" . DA  B 2 5  ? -7.828  17.075  -3.994  1.00 50.79 ? 5    DA  B "C2'" 1 
ATOM   791 C "C1'" . DA  B 2 5  ? -8.529  16.255  -2.933  1.00 48.26 ? 5    DA  B "C1'" 1 
ATOM   792 N N9    . DA  B 2 5  ? -9.948  16.566  -2.771  1.00 45.35 ? 5    DA  B N9    1 
ATOM   793 C C8    . DA  B 2 5  ? -10.520 17.768  -2.418  1.00 44.86 ? 5    DA  B C8    1 
ATOM   794 N N7    . DA  B 2 5  ? -11.832 17.723  -2.325  1.00 43.84 ? 5    DA  B N7    1 
ATOM   795 C C5    . DA  B 2 5  ? -12.141 16.403  -2.642  1.00 42.51 ? 5    DA  B C5    1 
ATOM   796 C C6    . DA  B 2 5  ? -13.359 15.703  -2.713  1.00 41.70 ? 5    DA  B C6    1 
ATOM   797 N N6    . DA  B 2 5  ? -14.532 16.255  -2.450  1.00 41.26 ? 5    DA  B N6    1 
ATOM   798 N N1    . DA  B 2 5  ? -13.324 14.396  -3.063  1.00 41.24 ? 5    DA  B N1    1 
ATOM   799 C C2    . DA  B 2 5  ? -12.140 13.838  -3.313  1.00 41.35 ? 5    DA  B C2    1 
ATOM   800 N N3    . DA  B 2 5  ? -10.920 14.388  -3.274  1.00 42.19 ? 5    DA  B N3    1 
ATOM   801 C C4    . DA  B 2 5  ? -10.992 15.686  -2.929  1.00 43.11 ? 5    DA  B C4    1 
ATOM   802 P P     . DG  B 2 6  ? -5.171  16.160  -5.471  1.00 57.72 ? 6    DG  B P     1 
ATOM   803 O OP1   . DG  B 2 6  ? -3.843  15.462  -5.543  1.00 57.31 ? 6    DG  B OP1   1 
ATOM   804 O OP2   . DG  B 2 6  ? -5.345  17.493  -6.122  1.00 57.56 ? 6    DG  B OP2   1 
ATOM   805 O "O5'" . DG  B 2 6  ? -6.297  15.178  -6.025  1.00 55.54 ? 6    DG  B "O5'" 1 
ATOM   806 C "C5'" . DG  B 2 6  ? -6.359  13.848  -5.548  1.00 53.94 ? 6    DG  B "C5'" 1 
ATOM   807 C "C4'" . DG  B 2 6  ? -7.378  13.061  -6.330  1.00 53.06 ? 6    DG  B "C4'" 1 
ATOM   808 O "O4'" . DG  B 2 6  ? -8.713  13.497  -5.979  1.00 52.41 ? 6    DG  B "O4'" 1 
ATOM   809 C "C3'" . DG  B 2 6  ? -7.260  13.211  -7.846  1.00 52.24 ? 6    DG  B "C3'" 1 
ATOM   810 O "O3'" . DG  B 2 6  ? -7.409  11.922  -8.444  1.00 52.17 ? 6    DG  B "O3'" 1 
ATOM   811 C "C2'" . DG  B 2 6  ? -8.434  14.115  -8.205  1.00 52.15 ? 6    DG  B "C2'" 1 
ATOM   812 C "C1'" . DG  B 2 6  ? -9.467  13.713  -7.164  1.00 50.29 ? 6    DG  B "C1'" 1 
ATOM   813 N N9    . DG  B 2 6  ? -10.499 14.695  -6.855  1.00 46.62 ? 6    DG  B N9    1 
ATOM   814 C C8    . DG  B 2 6  ? -10.311 16.010  -6.499  1.00 44.52 ? 6    DG  B C8    1 
ATOM   815 N N7    . DG  B 2 6  ? -11.421 16.623  -6.192  1.00 42.97 ? 6    DG  B N7    1 
ATOM   816 C C5    . DG  B 2 6  ? -12.412 15.661  -6.368  1.00 42.02 ? 6    DG  B C5    1 
ATOM   817 C C6    . DG  B 2 6  ? -13.815 15.733  -6.147  1.00 41.97 ? 6    DG  B C6    1 
ATOM   818 O O6    . DG  B 2 6  ? -14.476 16.677  -5.721  1.00 43.06 ? 6    DG  B O6    1 
ATOM   819 N N1    . DG  B 2 6  ? -14.448 14.539  -6.461  1.00 40.73 ? 6    DG  B N1    1 
ATOM   820 C C2    . DG  B 2 6  ? -13.818 13.414  -6.916  1.00 40.42 ? 6    DG  B C2    1 
ATOM   821 N N2    . DG  B 2 6  ? -14.615 12.371  -7.180  1.00 40.52 ? 6    DG  B N2    1 
ATOM   822 N N3    . DG  B 2 6  ? -12.507 13.319  -7.104  1.00 41.22 ? 6    DG  B N3    1 
ATOM   823 C C4    . DG  B 2 6  ? -11.869 14.479  -6.807  1.00 42.95 ? 6    DG  B C4    1 
ATOM   824 P P     . DG  B 2 7  ? -7.190  11.740  -10.020 1.00 50.52 ? 7    DG  B P     1 
ATOM   825 O OP1   . DG  B 2 7  ? -6.734  10.343  -10.217 1.00 49.80 ? 7    DG  B OP1   1 
ATOM   826 O OP2   . DG  B 2 7  ? -6.343  12.871  -10.466 1.00 48.94 ? 7    DG  B OP2   1 
ATOM   827 O "O5'" . DG  B 2 7  ? -8.666  11.827  -10.612 1.00 48.98 ? 7    DG  B "O5'" 1 
ATOM   828 C "C5'" . DG  B 2 7  ? -9.611  10.815  -10.270 1.00 48.84 ? 7    DG  B "C5'" 1 
ATOM   829 C "C4'" . DG  B 2 7  ? -10.975 11.110  -10.852 1.00 50.19 ? 7    DG  B "C4'" 1 
ATOM   830 O "O4'" . DG  B 2 7  ? -11.675 12.140  -10.103 1.00 48.45 ? 7    DG  B "O4'" 1 
ATOM   831 C "C3'" . DG  B 2 7  ? -11.017 11.538  -12.324 1.00 50.14 ? 7    DG  B "C3'" 1 
ATOM   832 O "O3'" . DG  B 2 7  ? -12.075 10.856  -13.017 1.00 51.00 ? 7    DG  B "O3'" 1 
ATOM   833 C "C2'" . DG  B 2 7  ? -11.409 13.005  -12.249 1.00 49.81 ? 7    DG  B "C2'" 1 
ATOM   834 C "C1'" . DG  B 2 7  ? -12.313 13.003  -11.032 1.00 46.79 ? 7    DG  B "C1'" 1 
ATOM   835 N N9    . DG  B 2 7  ? -12.527 14.304  -10.403 1.00 44.08 ? 7    DG  B N9    1 
ATOM   836 C C8    . DG  B 2 7  ? -11.598 15.288  -10.156 1.00 42.47 ? 7    DG  B C8    1 
ATOM   837 N N7    . DG  B 2 7  ? -12.123 16.357  -9.620  1.00 40.64 ? 7    DG  B N7    1 
ATOM   838 C C5    . DG  B 2 7  ? -13.474 16.052  -9.497  1.00 39.93 ? 7    DG  B C5    1 
ATOM   839 C C6    . DG  B 2 7  ? -14.556 16.825  -8.988  1.00 39.44 ? 7    DG  B C6    1 
ATOM   840 O O6    . DG  B 2 7  ? -14.539 17.976  -8.544  1.00 39.27 ? 7    DG  B O6    1 
ATOM   841 N N1    . DG  B 2 7  ? -15.754 16.123  -9.035  1.00 39.43 ? 7    DG  B N1    1 
ATOM   842 C C2    . DG  B 2 7  ? -15.902 14.846  -9.511  1.00 40.56 ? 7    DG  B C2    1 
ATOM   843 N N2    . DG  B 2 7  ? -17.139 14.325  -9.466  1.00 41.73 ? 7    DG  B N2    1 
ATOM   844 N N3    . DG  B 2 7  ? -14.910 14.124  -9.997  1.00 40.94 ? 7    DG  B N3    1 
ATOM   845 C C4    . DG  B 2 7  ? -13.734 14.785  -9.960  1.00 41.08 ? 7    DG  B C4    1 
ATOM   846 O "O5'" . DC  C 3 1  ? -24.248 19.971  -9.210  1.00 57.31 ? 8    DC  C "O5'" 1 
ATOM   847 C "C5'" . DC  C 3 1  ? -24.229 19.146  -8.045  1.00 55.18 ? 8    DC  C "C5'" 1 
ATOM   848 C "C4'" . DC  C 3 1  ? -23.837 17.717  -8.342  1.00 53.61 ? 8    DC  C "C4'" 1 
ATOM   849 O "O4'" . DC  C 3 1  ? -22.459 17.631  -8.785  1.00 51.18 ? 8    DC  C "O4'" 1 
ATOM   850 C "C3'" . DC  C 3 1  ? -23.938 16.785  -7.142  1.00 52.32 ? 8    DC  C "C3'" 1 
ATOM   851 O "O3'" . DC  C 3 1  ? -24.335 15.508  -7.621  1.00 53.71 ? 8    DC  C "O3'" 1 
ATOM   852 C "C2'" . DC  C 3 1  ? -22.521 16.762  -6.599  1.00 50.36 ? 8    DC  C "C2'" 1 
ATOM   853 C "C1'" . DC  C 3 1  ? -21.689 16.864  -7.866  1.00 47.51 ? 8    DC  C "C1'" 1 
ATOM   854 N N1    . DC  C 3 1  ? -20.386 17.536  -7.709  1.00 44.73 ? 8    DC  C N1    1 
ATOM   855 C C2    . DC  C 3 1  ? -19.237 16.882  -8.160  1.00 43.01 ? 8    DC  C C2    1 
ATOM   856 O O2    . DC  C 3 1  ? -19.352 15.753  -8.660  1.00 43.66 ? 8    DC  C O2    1 
ATOM   857 N N3    . DC  C 3 1  ? -18.036 17.496  -8.039  1.00 40.77 ? 8    DC  C N3    1 
ATOM   858 C C4    . DC  C 3 1  ? -17.962 18.713  -7.496  1.00 40.11 ? 8    DC  C C4    1 
ATOM   859 N N4    . DC  C 3 1  ? -16.764 19.287  -7.407  1.00 39.23 ? 8    DC  C N4    1 
ATOM   860 C C5    . DC  C 3 1  ? -19.116 19.398  -7.024  1.00 39.07 ? 8    DC  C C5    1 
ATOM   861 C C6    . DC  C 3 1  ? -20.295 18.780  -7.145  1.00 41.48 ? 8    DC  C C6    1 
ATOM   862 P P     . DC  C 3 2  ? -24.852 14.400  -6.593  1.00 55.30 ? 9    DC  C P     1 
ATOM   863 O OP1   . DC  C 3 2  ? -26.044 13.754  -7.223  1.00 54.42 ? 9    DC  C OP1   1 
ATOM   864 O OP2   . DC  C 3 2  ? -24.968 14.998  -5.236  1.00 55.62 ? 9    DC  C OP2   1 
ATOM   865 O "O5'" . DC  C 3 2  ? -23.658 13.347  -6.601  1.00 55.72 ? 9    DC  C "O5'" 1 
ATOM   866 C "C5'" . DC  C 3 2  ? -23.321 12.682  -7.815  1.00 56.17 ? 9    DC  C "C5'" 1 
ATOM   867 C "C4'" . DC  C 3 2  ? -22.078 11.846  -7.640  1.00 54.86 ? 9    DC  C "C4'" 1 
ATOM   868 O "O4'" . DC  C 3 2  ? -20.886 12.671  -7.599  1.00 53.29 ? 9    DC  C "O4'" 1 
ATOM   869 C "C3'" . DC  C 3 2  ? -22.040 10.965  -6.394  1.00 53.47 ? 9    DC  C "C3'" 1 
ATOM   870 O "O3'" . DC  C 3 2  ? -21.567 9.684   -6.808  1.00 54.98 ? 9    DC  C "O3'" 1 
ATOM   871 C "C2'" . DC  C 3 2  ? -21.033 11.667  -5.496  1.00 52.18 ? 9    DC  C "C2'" 1 
ATOM   872 C "C1'" . DC  C 3 2  ? -20.077 12.268  -6.511  1.00 50.18 ? 9    DC  C "C1'" 1 
ATOM   873 N N1    . DC  C 3 2  ? -19.323 13.445  -6.060  1.00 47.23 ? 9    DC  C N1    1 
ATOM   874 C C2    . DC  C 3 2  ? -17.943 13.500  -6.307  1.00 46.13 ? 9    DC  C C2    1 
ATOM   875 O O2    . DC  C 3 2  ? -17.394 12.549  -6.893  1.00 47.06 ? 9    DC  C O2    1 
ATOM   876 N N3    . DC  C 3 2  ? -17.243 14.588  -5.904  1.00 44.94 ? 9    DC  C N3    1 
ATOM   877 C C4    . DC  C 3 2  ? -17.869 15.586  -5.277  1.00 44.03 ? 9    DC  C C4    1 
ATOM   878 N N4    . DC  C 3 2  ? -17.141 16.639  -4.898  1.00 43.04 ? 9    DC  C N4    1 
ATOM   879 C C5    . DC  C 3 2  ? -19.268 15.550  -5.009  1.00 43.22 ? 9    DC  C C5    1 
ATOM   880 C C6    . DC  C 3 2  ? -19.951 14.473  -5.417  1.00 44.91 ? 9    DC  C C6    1 
ATOM   881 P P     . DT  C 3 3  ? -21.501 8.473   -5.751  1.00 57.42 ? 10   DT  C P     1 
ATOM   882 O OP1   . DT  C 3 3  ? -21.926 7.235   -6.476  1.00 55.42 ? 10   DT  C OP1   1 
ATOM   883 O OP2   . DT  C 3 3  ? -22.204 8.876   -4.488  1.00 55.07 ? 10   DT  C OP2   1 
ATOM   884 O "O5'" . DT  C 3 3  ? -19.935 8.351   -5.470  1.00 55.10 ? 10   DT  C "O5'" 1 
ATOM   885 C "C5'" . DT  C 3 3  ? -19.045 8.129   -6.550  1.00 53.35 ? 10   DT  C "C5'" 1 
ATOM   886 C "C4'" . DT  C 3 3  ? -17.626 8.032   -6.050  1.00 52.20 ? 10   DT  C "C4'" 1 
ATOM   887 O "O4'" . DT  C 3 3  ? -17.099 9.339   -5.727  1.00 51.08 ? 10   DT  C "O4'" 1 
ATOM   888 C "C3'" . DT  C 3 3  ? -17.432 7.170   -4.802  1.00 51.43 ? 10   DT  C "C3'" 1 
ATOM   889 O "O3'" . DT  C 3 3  ? -16.295 6.323   -5.021  1.00 52.21 ? 10   DT  C "O3'" 1 
ATOM   890 C "C2'" . DT  C 3 3  ? -17.145 8.194   -3.714  1.00 50.52 ? 10   DT  C "C2'" 1 
ATOM   891 C "C1'" . DT  C 3 3  ? -16.429 9.278   -4.487  1.00 49.34 ? 10   DT  C "C1'" 1 
ATOM   892 N N1    . DT  C 3 3  ? -16.452 10.628  -3.902  1.00 47.75 ? 10   DT  C N1    1 
ATOM   893 C C2    . DT  C 3 3  ? -15.261 11.329  -3.813  1.00 47.62 ? 10   DT  C C2    1 
ATOM   894 O O2    . DT  C 3 3  ? -14.183 10.856  -4.121  1.00 49.12 ? 10   DT  C O2    1 
ATOM   895 N N3    . DT  C 3 3  ? -15.380 12.612  -3.336  1.00 46.93 ? 10   DT  C N3    1 
ATOM   896 C C4    . DT  C 3 3  ? -16.540 13.241  -2.928  1.00 46.97 ? 10   DT  C C4    1 
ATOM   897 O O4    . DT  C 3 3  ? -16.502 14.407  -2.549  1.00 47.09 ? 10   DT  C O4    1 
ATOM   898 C C5    . DT  C 3 3  ? -17.741 12.435  -3.001  1.00 46.89 ? 10   DT  C C5    1 
ATOM   899 C C7    . DT  C 3 3  ? -19.036 13.025  -2.542  1.00 46.84 ? 10   DT  C C7    1 
ATOM   900 C C6    . DT  C 3 3  ? -17.638 11.186  -3.481  1.00 46.70 ? 10   DT  C C6    1 
ATOM   901 P P     . DC  C 3 4  ? -16.146 4.929   -4.222  1.00 51.54 ? 11   DC  C P     1 
ATOM   902 O OP1   . DC  C 3 4  ? -15.688 3.893   -5.188  1.00 51.43 ? 11   DC  C OP1   1 
ATOM   903 O OP2   . DC  C 3 4  ? -17.334 4.660   -3.380  1.00 51.12 ? 11   DC  C OP2   1 
ATOM   904 O "O5'" . DC  C 3 4  ? -14.921 5.260   -3.272  1.00 51.45 ? 11   DC  C "O5'" 1 
ATOM   905 C "C5'" . DC  C 3 4  ? -13.744 5.856   -3.811  1.00 52.15 ? 11   DC  C "C5'" 1 
ATOM   906 C "C4'" . DC  C 3 4  ? -12.915 6.436   -2.696  1.00 52.08 ? 11   DC  C "C4'" 1 
ATOM   907 O "O4'" . DC  C 3 4  ? -13.227 7.838   -2.471  1.00 51.48 ? 11   DC  C "O4'" 1 
ATOM   908 C "C3'" . DC  C 3 4  ? -13.107 5.718   -1.357  1.00 51.66 ? 11   DC  C "C3'" 1 
ATOM   909 O "O3'" . DC  C 3 4  ? -11.820 5.492   -0.782  1.00 51.80 ? 11   DC  C "O3'" 1 
ATOM   910 C "C2'" . DC  C 3 4  ? -13.896 6.727   -0.537  1.00 51.74 ? 11   DC  C "C2'" 1 
ATOM   911 C "C1'" . DC  C 3 4  ? -13.351 8.043   -1.075  1.00 50.39 ? 11   DC  C "C1'" 1 
ATOM   912 N N1    . DC  C 3 4  ? -14.188 9.245   -0.821  1.00 48.61 ? 11   DC  C N1    1 
ATOM   913 C C2    . DC  C 3 4  ? -13.557 10.509  -0.667  1.00 46.91 ? 11   DC  C C2    1 
ATOM   914 O O2    . DC  C 3 4  ? -12.336 10.606  -0.861  1.00 46.48 ? 11   DC  C O2    1 
ATOM   915 N N3    . DC  C 3 4  ? -14.305 11.585  -0.317  1.00 45.82 ? 11   DC  C N3    1 
ATOM   916 C C4    . DC  C 3 4  ? -15.627 11.451  -0.146  1.00 46.45 ? 11   DC  C C4    1 
ATOM   917 N N4    . DC  C 3 4  ? -16.324 12.536  0.238   1.00 44.68 ? 11   DC  C N4    1 
ATOM   918 C C5    . DC  C 3 4  ? -16.297 10.199  -0.352  1.00 46.25 ? 11   DC  C C5    1 
ATOM   919 C C6    . DC  C 3 4  ? -15.547 9.137   -0.688  1.00 46.81 ? 11   DC  C C6    1 
ATOM   920 P P     . DC  C 3 5  ? -11.661 4.620   0.563   1.00 51.22 ? 12   DC  C P     1 
ATOM   921 O OP1   . DC  C 3 5  ? -11.198 3.270   0.143   1.00 49.48 ? 12   DC  C OP1   1 
ATOM   922 O OP2   . DC  C 3 5  ? -12.840 4.749   1.471   1.00 50.00 ? 12   DC  C OP2   1 
ATOM   923 O "O5'" . DC  C 3 5  ? -10.438 5.364   1.244   1.00 49.01 ? 12   DC  C "O5'" 1 
ATOM   924 C "C5'" . DC  C 3 5  ? -9.415  5.875   0.415   1.00 47.85 ? 12   DC  C "C5'" 1 
ATOM   925 C "C4'" . DC  C 3 5  ? -8.829  7.133   1.001   1.00 47.36 ? 12   DC  C "C4'" 1 
ATOM   926 O "O4'" . DC  C 3 5  ? -9.830  8.174   1.040   1.00 47.15 ? 12   DC  C "O4'" 1 
ATOM   927 C "C3'" . DC  C 3 5  ? -8.303  6.989   2.421   1.00 47.06 ? 12   DC  C "C3'" 1 
ATOM   928 O "O3'" . DC  C 3 5  ? -7.027  7.610   2.505   1.00 49.09 ? 12   DC  C "O3'" 1 
ATOM   929 C "C2'" . DC  C 3 5  ? -9.333  7.719   3.265   1.00 46.42 ? 12   DC  C "C2'" 1 
ATOM   930 C "C1'" . DC  C 3 5  ? -9.823  8.795   2.318   1.00 45.86 ? 12   DC  C "C1'" 1 
ATOM   931 N N1    . DC  C 3 5  ? -11.185 9.307   2.579   1.00 44.38 ? 12   DC  C N1    1 
ATOM   932 C C2    . DC  C 3 5  ? -11.368 10.659  2.956   1.00 43.06 ? 12   DC  C C2    1 
ATOM   933 O O2    . DC  C 3 5  ? -10.384 11.396  3.072   1.00 41.98 ? 12   DC  C O2    1 
ATOM   934 N N3    . DC  C 3 5  ? -12.620 11.117  3.172   1.00 42.63 ? 12   DC  C N3    1 
ATOM   935 C C4    . DC  C 3 5  ? -13.664 10.296  3.026   1.00 43.89 ? 12   DC  C C4    1 
ATOM   936 N N4    . DC  C 3 5  ? -14.891 10.792  3.230   1.00 44.26 ? 12   DC  C N4    1 
ATOM   937 C C5    . DC  C 3 5  ? -13.504 8.928   2.657   1.00 43.35 ? 12   DC  C C5    1 
ATOM   938 C C6    . DC  C 3 5  ? -12.263 8.482   2.446   1.00 43.55 ? 12   DC  C C6    1 
ATOM   939 P P     . DA  C 3 6  ? -6.184  7.490   3.862   1.00 51.08 ? 13   DA  C P     1 
ATOM   940 O OP1   . DA  C 3 6  ? -4.721  7.595   3.560   1.00 50.09 ? 13   DA  C OP1   1 
ATOM   941 O OP2   . DA  C 3 6  ? -6.715  6.297   4.581   1.00 49.84 ? 13   DA  C OP2   1 
ATOM   942 O "O5'" . DA  C 3 6  ? -6.571  8.827   4.640   1.00 50.91 ? 13   DA  C "O5'" 1 
ATOM   943 C "C5'" . DA  C 3 6  ? -6.089  10.082  4.162   1.00 51.34 ? 13   DA  C "C5'" 1 
ATOM   944 C "C4'" . DA  C 3 6  ? -6.191  11.140  5.236   1.00 50.74 ? 13   DA  C "C4'" 1 
ATOM   945 O "O4'" . DA  C 3 6  ? -7.558  11.578  5.404   1.00 49.17 ? 13   DA  C "O4'" 1 
ATOM   946 C "C3'" . DA  C 3 6  ? -5.710  10.712  6.614   1.00 50.41 ? 13   DA  C "C3'" 1 
ATOM   947 O "O3'" . DA  C 3 6  ? -4.958  11.779  7.192   1.00 52.06 ? 13   DA  C "O3'" 1 
ATOM   948 C "C2'" . DA  C 3 6  ? -6.996  10.413  7.372   1.00 48.50 ? 13   DA  C "C2'" 1 
ATOM   949 C "C1'" . DA  C 3 6  ? -8.015  11.337  6.726   1.00 46.56 ? 13   DA  C "C1'" 1 
ATOM   950 N N9    . DA  C 3 6  ? -9.373  10.801  6.610   1.00 44.81 ? 13   DA  C N9    1 
ATOM   951 C C8    . DA  C 3 6  ? -9.757  9.518   6.308   1.00 43.75 ? 13   DA  C C8    1 
ATOM   952 N N7    . DA  C 3 6  ? -11.061 9.357   6.229   1.00 42.46 ? 13   DA  C N7    1 
ATOM   953 C C5    . DA  C 3 6  ? -11.573 10.620  6.507   1.00 41.74 ? 13   DA  C C5    1 
ATOM   954 C C6    . DA  C 3 6  ? -12.893 11.116  6.579   1.00 40.39 ? 13   DA  C C6    1 
ATOM   955 N N6    . DA  C 3 6  ? -13.977 10.373  6.372   1.00 37.62 ? 13   DA  C N6    1 
ATOM   956 N N1    . DA  C 3 6  ? -13.056 12.422  6.877   1.00 40.00 ? 13   DA  C N1    1 
ATOM   957 C C2    . DA  C 3 6  ? -11.968 13.171  7.089   1.00 41.76 ? 13   DA  C C2    1 
ATOM   958 N N3    . DA  C 3 6  ? -10.681 12.824  7.055   1.00 42.83 ? 13   DA  C N3    1 
ATOM   959 C C4    . DA  C 3 6  ? -10.547 11.517  6.753   1.00 43.45 ? 13   DA  C C4    1 
ATOM   960 P P     . DC  C 3 7  ? -4.439  11.651  8.702   1.00 54.76 ? 14   DC  C P     1 
ATOM   961 O OP1   . DC  C 3 7  ? -3.329  12.636  8.908   1.00 53.37 ? 14   DC  C OP1   1 
ATOM   962 O OP2   . DC  C 3 7  ? -4.204  10.204  8.970   1.00 54.65 ? 14   DC  C OP2   1 
ATOM   963 O "O5'" . DC  C 3 7  ? -5.717  12.144  9.525   1.00 53.74 ? 14   DC  C "O5'" 1 
ATOM   964 C "C5'" . DC  C 3 7  ? -6.264  13.452  9.294   1.00 52.70 ? 14   DC  C "C5'" 1 
ATOM   965 C "C4'" . DC  C 3 7  ? -7.338  13.783  10.310  1.00 50.79 ? 14   DC  C "C4'" 1 
ATOM   966 O "O4'" . DC  C 3 7  ? -8.650  13.329  9.882   1.00 49.30 ? 14   DC  C "O4'" 1 
ATOM   967 C "C3'" . DC  C 3 7  ? -7.125  13.245  11.729  1.00 49.71 ? 14   DC  C "C3'" 1 
ATOM   968 O "O3'" . DC  C 3 7  ? -7.319  14.277  12.672  1.00 49.59 ? 14   DC  C "O3'" 1 
ATOM   969 C "C2'" . DC  C 3 7  ? -8.247  12.235  11.902  1.00 48.47 ? 14   DC  C "C2'" 1 
ATOM   970 C "C1'" . DC  C 3 7  ? -9.339  12.777  10.989  1.00 46.41 ? 14   DC  C "C1'" 1 
ATOM   971 N N1    . DC  C 3 7  ? -10.243 11.737  10.487  1.00 44.19 ? 14   DC  C N1    1 
ATOM   972 C C2    . DC  C 3 7  ? -11.612 12.020  10.337  1.00 44.65 ? 14   DC  C C2    1 
ATOM   973 O O2    . DC  C 3 7  ? -12.019 13.175  10.541  1.00 45.14 ? 14   DC  C O2    1 
ATOM   974 N N3    . DC  C 3 7  ? -12.456 11.026  9.970   1.00 43.34 ? 14   DC  C N3    1 
ATOM   975 C C4    . DC  C 3 7  ? -11.977 9.800   9.742   1.00 43.30 ? 14   DC  C C4    1 
ATOM   976 N N4    . DC  C 3 7  ? -12.837 8.833   9.429   1.00 44.08 ? 14   DC  C N4    1 
ATOM   977 C C5    . DC  C 3 7  ? -10.587 9.503   9.836   1.00 43.12 ? 14   DC  C C5    1 
ATOM   978 C C6    . DC  C 3 7  ? -9.764  10.493  10.200  1.00 43.01 ? 14   DC  C C6    1 
HETATM 979 O O     . HOH D 4 .  ? 3.469   -1.029  9.422   1.00 46.88 ? 2001 HOH A O     1 
HETATM 980 O O     . HOH D 4 .  ? -6.150  -6.565  5.291   1.00 56.54 ? 2002 HOH A O     1 
HETATM 981 O O     . HOH D 4 .  ? -1.572  3.420   8.947   1.00 44.87 ? 2003 HOH A O     1 
HETATM 982 O O     . HOH D 4 .  ? 2.210   7.947   1.933   1.00 38.85 ? 2004 HOH A O     1 
HETATM 983 O O     . HOH D 4 .  ? 8.885   7.402   0.570   1.00 49.71 ? 2005 HOH A O     1 
# 
loop_
_pdbx_poly_seq_scheme.asym_id 
_pdbx_poly_seq_scheme.entity_id 
_pdbx_poly_seq_scheme.seq_id 
_pdbx_poly_seq_scheme.mon_id 
_pdbx_poly_seq_scheme.ndb_seq_num 
_pdbx_poly_seq_scheme.pdb_seq_num 
_pdbx_poly_seq_scheme.auth_seq_num 
_pdbx_poly_seq_scheme.pdb_mon_id 
_pdbx_poly_seq_scheme.auth_mon_id 
_pdbx_poly_seq_scheme.pdb_strand_id 
_pdbx_poly_seq_scheme.pdb_ins_code 
_pdbx_poly_seq_scheme.hetero 
A 1 1  MET 1  1  ?  ?   ?   A . n 
A 1 2  THR 2  2  2  THR THR A . n 
A 1 3  THR 3  3  3  THR THR A . n 
A 1 4  SER 4  4  4  SER SER A . n 
A 1 5  GLN 5  5  5  GLN GLN A . n 
A 1 6  LYS 6  6  6  LYS LYS A . n 
A 1 7  HIS 7  7  7  HIS HIS A . n 
A 1 8  ARG 8  8  8  ARG ARG A . n 
A 1 9  ASP 9  9  9  ASP ASP A . n 
A 1 10 PHE 10 10 10 PHE PHE A . n 
A 1 11 VAL 11 11 11 VAL VAL A . n 
A 1 12 ALA 12 12 12 ALA ALA A . n 
A 1 13 GLU 13 13 13 GLU GLU A . n 
A 1 14 PRO 14 14 14 PRO PRO A . n 
A 1 15 MET 15 15 15 MET MET A . n 
A 1 16 GLY 16 16 16 GLY GLY A . n 
A 1 17 GLU 17 17 17 GLU GLU A . n 
A 1 18 LYS 18 18 18 LYS LYS A . n 
A 1 19 PRO 19 19 19 PRO PRO A . n 
A 1 20 VAL 20 20 20 VAL VAL A . n 
A 1 21 GLY 21 21 21 GLY GLY A . n 
A 1 22 SER 22 22 22 SER SER A . n 
A 1 23 LEU 23 23 23 LEU LEU A . n 
A 1 24 ALA 24 24 24 ALA ALA A . n 
A 1 25 GLY 25 25 25 GLY GLY A . n 
A 1 26 ILE 26 26 26 ILE ILE A . n 
A 1 27 GLY 27 27 27 GLY GLY A . n 
A 1 28 GLU 28 28 28 GLU GLU A . n 
A 1 29 VAL 29 29 29 VAL VAL A . n 
A 1 30 LEU 30 30 30 LEU LEU A . n 
A 1 31 GLY 31 31 31 GLY GLY A . n 
A 1 32 LYS 32 32 32 LYS LYS A . n 
A 1 33 LYS 33 33 33 LYS LYS A . n 
A 1 34 LEU 34 34 34 LEU LEU A . n 
A 1 35 GLU 35 35 35 GLU GLU A . n 
A 1 36 GLU 36 36 36 GLU GLU A . n 
A 1 37 ARG 37 37 37 ARG ARG A . n 
A 1 38 GLY 38 38 38 GLY GLY A . n 
A 1 39 PHE 39 39 39 PHE PHE A . n 
A 1 40 ASP 40 40 40 ASP ASP A . n 
A 1 41 LYS 41 41 41 LYS LYS A . n 
A 1 42 ALA 42 42 42 ALA ALA A . n 
A 1 43 TYR 43 43 43 TYR TYR A . n 
A 1 44 VAL 44 44 44 VAL VAL A . n 
A 1 45 VAL 45 45 45 VAL VAL A . n 
A 1 46 LEU 46 46 46 LEU LEU A . n 
A 1 47 GLY 47 47 47 GLY GLY A . n 
A 1 48 GLN 48 48 48 GLN GLN A . n 
A 1 49 PHE 49 49 49 PHE PHE A . n 
A 1 50 LEU 50 50 50 LEU LEU A . n 
A 1 51 VAL 51 51 51 VAL VAL A . n 
A 1 52 LEU 52 52 52 LEU LEU A . n 
A 1 53 LYS 53 53 53 LYS LYS A . n 
A 1 54 LYS 54 54 54 LYS LYS A . n 
A 1 55 ASP 55 55 55 ASP ASP A . n 
A 1 56 GLU 56 56 56 GLU GLU A . n 
A 1 57 ASP 57 57 57 ASP ASP A . n 
A 1 58 LEU 58 58 58 LEU LEU A . n 
A 1 59 PHE 59 59 59 PHE PHE A . n 
A 1 60 ARG 60 60 60 ARG ARG A . n 
A 1 61 GLU 61 61 61 GLU GLU A . n 
A 1 62 TRP 62 62 62 TRP TRP A . n 
A 1 63 LEU 63 63 63 LEU LEU A . n 
A 1 64 LYS 64 64 64 LYS LYS A . n 
A 1 65 ASP 65 65 65 ASP ASP A . n 
A 1 66 THR 66 66 66 THR THR A . n 
A 1 67 CYS 67 67 67 CYS CYS A . n 
A 1 68 GLY 68 68 68 GLY GLY A . n 
A 1 69 ALA 69 69 69 ALA ALA A . n 
A 1 70 ASN 70 70 70 ASN ASN A . n 
A 1 71 ALA 71 71 71 ALA ALA A . n 
A 1 72 LYS 72 72 72 LYS LYS A . n 
A 1 73 GLN 73 73 73 GLN GLN A . n 
A 1 74 SER 74 74 74 SER SER A . n 
A 1 75 ARG 75 75 75 ARG ARG A . n 
A 1 76 ASP 76 76 76 ASP ASP A . n 
A 1 77 CYS 77 77 77 CYS CYS A . n 
A 1 78 PHE 78 78 78 PHE PHE A . n 
A 1 79 GLY 79 79 79 GLY GLY A . n 
A 1 80 CYS 80 80 80 CYS CYS A . n 
A 1 81 LEU 81 81 81 LEU LEU A . n 
A 1 82 ARG 82 82 82 ARG ARG A . n 
A 1 83 GLU 83 83 83 GLU GLU A . n 
A 1 84 TRP 84 84 84 TRP TRP A . n 
A 1 85 CYS 85 85 85 CYS CYS A . n 
A 1 86 ASP 86 86 86 ASP ASP A . n 
A 1 87 ALA 87 87 87 ALA ALA A . n 
A 1 88 PHE 88 88 88 PHE PHE A . n 
A 1 89 LEU 89 89 89 LEU LEU A . n 
B 2 1  DG  1  1  1  DG  DG  B . n 
B 2 2  DT  2  2  2  DT  DT  B . n 
B 2 3  DG  3  3  3  DG  DG  B . n 
B 2 4  DG  4  4  4  DG  DG  B . n 
B 2 5  DA  5  5  5  DA  DA  B . n 
B 2 6  DG  6  6  6  DG  DG  B . n 
B 2 7  DG  7  7  7  DG  DG  B . n 
C 3 1  DC  1  8  8  DC  DC  C . n 
C 3 2  DC  2  9  9  DC  DC  C . n 
C 3 3  DT  3  10 10 DT  DT  C . n 
C 3 4  DC  4  11 11 DC  DC  C . n 
C 3 5  DC  5  12 12 DC  DC  C . n 
C 3 6  DA  6  13 13 DA  DA  C . n 
C 3 7  DC  7  14 14 DC  DC  C . n 
# 
loop_
_pdbx_nonpoly_scheme.asym_id 
_pdbx_nonpoly_scheme.entity_id 
_pdbx_nonpoly_scheme.mon_id 
_pdbx_nonpoly_scheme.ndb_seq_num 
_pdbx_nonpoly_scheme.pdb_seq_num 
_pdbx_nonpoly_scheme.auth_seq_num 
_pdbx_nonpoly_scheme.pdb_mon_id 
_pdbx_nonpoly_scheme.auth_mon_id 
_pdbx_nonpoly_scheme.pdb_strand_id 
_pdbx_nonpoly_scheme.pdb_ins_code 
D 4 HOH 1 2001 2001 HOH HOH A . 
D 4 HOH 2 2002 2002 HOH HOH A . 
D 4 HOH 3 2003 2003 HOH HOH A . 
D 4 HOH 4 2004 2004 HOH HOH A . 
D 4 HOH 5 2005 2005 HOH HOH A . 
# 
_pdbx_struct_assembly.id                   1 
_pdbx_struct_assembly.details              author_and_software_defined_assembly 
_pdbx_struct_assembly.method_details       PQS 
_pdbx_struct_assembly.oligomeric_details   hexameric 
_pdbx_struct_assembly.oligomeric_count     6 
# 
_pdbx_struct_assembly_gen.assembly_id       1 
_pdbx_struct_assembly_gen.oper_expression   1,2 
_pdbx_struct_assembly_gen.asym_id_list      A,B,C,D 
# 
loop_
_pdbx_struct_oper_list.id 
_pdbx_struct_oper_list.type 
_pdbx_struct_oper_list.name 
_pdbx_struct_oper_list.symmetry_operation 
_pdbx_struct_oper_list.matrix[1][1] 
_pdbx_struct_oper_list.matrix[1][2] 
_pdbx_struct_oper_list.matrix[1][3] 
_pdbx_struct_oper_list.vector[1] 
_pdbx_struct_oper_list.matrix[2][1] 
_pdbx_struct_oper_list.matrix[2][2] 
_pdbx_struct_oper_list.matrix[2][3] 
_pdbx_struct_oper_list.vector[2] 
_pdbx_struct_oper_list.matrix[3][1] 
_pdbx_struct_oper_list.matrix[3][2] 
_pdbx_struct_oper_list.matrix[3][3] 
_pdbx_struct_oper_list.vector[3] 
1 'identity operation'         1_555 x,y,z    1.0000000000  0.0000000000 0.0000000000 0.0000000000  0.0000000000 1.0000000000  0.0000000000 0.0000000000   0.0000000000 0.0000000000 1.0000000000 0.0000000000  
2 'crystal symmetry operation' 7_554 y,x,-z-1 -0.6086442994 0.2633118187 0.7484777905 14.2495115397 0.2633118187 -0.8228386254 0.5035905904 -17.7095538043 0.7484777905 0.5035905904 0.4314829248 -1.2204674102 
# 
loop_
_pdbx_audit_revision_history.ordinal 
_pdbx_audit_revision_history.data_content_type 
_pdbx_audit_revision_history.major_revision 
_pdbx_audit_revision_history.minor_revision 
_pdbx_audit_revision_history.revision_date 
1 'Structure model' 1 0 2005-09-15 
2 'Structure model' 1 1 2011-05-08 
3 'Structure model' 1 2 2011-07-13 
4 'Structure model' 1 3 2023-12-13 
# 
_pdbx_audit_revision_details.ordinal             1 
_pdbx_audit_revision_details.revision_ordinal    1 
_pdbx_audit_revision_details.data_content_type   'Structure model' 
_pdbx_audit_revision_details.provider            repository 
_pdbx_audit_revision_details.type                'Initial release' 
_pdbx_audit_revision_details.description         ? 
_pdbx_audit_revision_details.details             ? 
# 
loop_
_pdbx_audit_revision_group.ordinal 
_pdbx_audit_revision_group.revision_ordinal 
_pdbx_audit_revision_group.data_content_type 
_pdbx_audit_revision_group.group 
1 2 'Structure model' 'Version format compliance' 
2 3 'Structure model' 'Version format compliance' 
3 4 'Structure model' 'Data collection'           
4 4 'Structure model' 'Database references'       
5 4 'Structure model' 'Refinement description'    
# 
loop_
_pdbx_audit_revision_category.ordinal 
_pdbx_audit_revision_category.revision_ordinal 
_pdbx_audit_revision_category.data_content_type 
_pdbx_audit_revision_category.category 
1 4 'Structure model' chem_comp_atom                
2 4 'Structure model' chem_comp_bond                
3 4 'Structure model' database_2                    
4 4 'Structure model' pdbx_initial_refinement_model 
# 
loop_
_pdbx_audit_revision_item.ordinal 
_pdbx_audit_revision_item.revision_ordinal 
_pdbx_audit_revision_item.data_content_type 
_pdbx_audit_revision_item.item 
1 4 'Structure model' '_database_2.pdbx_DOI'                
2 4 'Structure model' '_database_2.pdbx_database_accession' 
# 
loop_
_software.name 
_software.classification 
_software.version 
_software.citation_id 
_software.pdbx_ordinal 
CNS       refinement       1.1 ? 1 
DENZO     'data reduction' .   ? 2 
SCALEPACK 'data scaling'   .   ? 3 
CNS       phasing          .   ? 4 
# 
_pdbx_entry_details.entry_id                 2BZF 
_pdbx_entry_details.compound_details         
;RESPONSIBLE FOR INHIBITING SELF-DESTRUCTING
 AUTOINTEGRATION OF RETROVIRAL DNA, THEREBY
 PROMOTING INTEGRATION OF RETROVIRAL DNA
 INTO THE HOST CHROMOSOME.
;
_pdbx_entry_details.source_details           ? 
_pdbx_entry_details.nonpolymer_details       ? 
_pdbx_entry_details.sequence_details         'MET 1 IS NOT SEEN IN THE STRUCTURE.' 
_pdbx_entry_details.has_ligand_of_interest   ? 
# 
_pdbx_validate_torsion.id              1 
_pdbx_validate_torsion.PDB_model_num   1 
_pdbx_validate_torsion.auth_comp_id    LEU 
_pdbx_validate_torsion.auth_asym_id    A 
_pdbx_validate_torsion.auth_seq_id     52 
_pdbx_validate_torsion.PDB_ins_code    ? 
_pdbx_validate_torsion.label_alt_id    ? 
_pdbx_validate_torsion.phi             -78.87 
_pdbx_validate_torsion.psi             27.26 
# 
_pdbx_unobs_or_zero_occ_residues.id               1 
_pdbx_unobs_or_zero_occ_residues.PDB_model_num    1 
_pdbx_unobs_or_zero_occ_residues.polymer_flag     Y 
_pdbx_unobs_or_zero_occ_residues.occupancy_flag   1 
_pdbx_unobs_or_zero_occ_residues.auth_asym_id     A 
_pdbx_unobs_or_zero_occ_residues.auth_comp_id     MET 
_pdbx_unobs_or_zero_occ_residues.auth_seq_id      1 
_pdbx_unobs_or_zero_occ_residues.PDB_ins_code     ? 
_pdbx_unobs_or_zero_occ_residues.label_asym_id    A 
_pdbx_unobs_or_zero_occ_residues.label_comp_id    MET 
_pdbx_unobs_or_zero_occ_residues.label_seq_id     1 
# 
loop_
_chem_comp_atom.comp_id 
_chem_comp_atom.atom_id 
_chem_comp_atom.type_symbol 
_chem_comp_atom.pdbx_aromatic_flag 
_chem_comp_atom.pdbx_stereo_config 
_chem_comp_atom.pdbx_ordinal 
ALA N      N N N 1   
ALA CA     C N S 2   
ALA C      C N N 3   
ALA O      O N N 4   
ALA CB     C N N 5   
ALA OXT    O N N 6   
ALA H      H N N 7   
ALA H2     H N N 8   
ALA HA     H N N 9   
ALA HB1    H N N 10  
ALA HB2    H N N 11  
ALA HB3    H N N 12  
ALA HXT    H N N 13  
ARG N      N N N 14  
ARG CA     C N S 15  
ARG C      C N N 16  
ARG O      O N N 17  
ARG CB     C N N 18  
ARG CG     C N N 19  
ARG CD     C N N 20  
ARG NE     N N N 21  
ARG CZ     C N N 22  
ARG NH1    N N N 23  
ARG NH2    N N N 24  
ARG OXT    O N N 25  
ARG H      H N N 26  
ARG H2     H N N 27  
ARG HA     H N N 28  
ARG HB2    H N N 29  
ARG HB3    H N N 30  
ARG HG2    H N N 31  
ARG HG3    H N N 32  
ARG HD2    H N N 33  
ARG HD3    H N N 34  
ARG HE     H N N 35  
ARG HH11   H N N 36  
ARG HH12   H N N 37  
ARG HH21   H N N 38  
ARG HH22   H N N 39  
ARG HXT    H N N 40  
ASN N      N N N 41  
ASN CA     C N S 42  
ASN C      C N N 43  
ASN O      O N N 44  
ASN CB     C N N 45  
ASN CG     C N N 46  
ASN OD1    O N N 47  
ASN ND2    N N N 48  
ASN OXT    O N N 49  
ASN H      H N N 50  
ASN H2     H N N 51  
ASN HA     H N N 52  
ASN HB2    H N N 53  
ASN HB3    H N N 54  
ASN HD21   H N N 55  
ASN HD22   H N N 56  
ASN HXT    H N N 57  
ASP N      N N N 58  
ASP CA     C N S 59  
ASP C      C N N 60  
ASP O      O N N 61  
ASP CB     C N N 62  
ASP CG     C N N 63  
ASP OD1    O N N 64  
ASP OD2    O N N 65  
ASP OXT    O N N 66  
ASP H      H N N 67  
ASP H2     H N N 68  
ASP HA     H N N 69  
ASP HB2    H N N 70  
ASP HB3    H N N 71  
ASP HD2    H N N 72  
ASP HXT    H N N 73  
CYS N      N N N 74  
CYS CA     C N R 75  
CYS C      C N N 76  
CYS O      O N N 77  
CYS CB     C N N 78  
CYS SG     S N N 79  
CYS OXT    O N N 80  
CYS H      H N N 81  
CYS H2     H N N 82  
CYS HA     H N N 83  
CYS HB2    H N N 84  
CYS HB3    H N N 85  
CYS HG     H N N 86  
CYS HXT    H N N 87  
DA  OP3    O N N 88  
DA  P      P N N 89  
DA  OP1    O N N 90  
DA  OP2    O N N 91  
DA  "O5'"  O N N 92  
DA  "C5'"  C N N 93  
DA  "C4'"  C N R 94  
DA  "O4'"  O N N 95  
DA  "C3'"  C N S 96  
DA  "O3'"  O N N 97  
DA  "C2'"  C N N 98  
DA  "C1'"  C N R 99  
DA  N9     N Y N 100 
DA  C8     C Y N 101 
DA  N7     N Y N 102 
DA  C5     C Y N 103 
DA  C6     C Y N 104 
DA  N6     N N N 105 
DA  N1     N Y N 106 
DA  C2     C Y N 107 
DA  N3     N Y N 108 
DA  C4     C Y N 109 
DA  HOP3   H N N 110 
DA  HOP2   H N N 111 
DA  "H5'"  H N N 112 
DA  "H5''" H N N 113 
DA  "H4'"  H N N 114 
DA  "H3'"  H N N 115 
DA  "HO3'" H N N 116 
DA  "H2'"  H N N 117 
DA  "H2''" H N N 118 
DA  "H1'"  H N N 119 
DA  H8     H N N 120 
DA  H61    H N N 121 
DA  H62    H N N 122 
DA  H2     H N N 123 
DC  OP3    O N N 124 
DC  P      P N N 125 
DC  OP1    O N N 126 
DC  OP2    O N N 127 
DC  "O5'"  O N N 128 
DC  "C5'"  C N N 129 
DC  "C4'"  C N R 130 
DC  "O4'"  O N N 131 
DC  "C3'"  C N S 132 
DC  "O3'"  O N N 133 
DC  "C2'"  C N N 134 
DC  "C1'"  C N R 135 
DC  N1     N N N 136 
DC  C2     C N N 137 
DC  O2     O N N 138 
DC  N3     N N N 139 
DC  C4     C N N 140 
DC  N4     N N N 141 
DC  C5     C N N 142 
DC  C6     C N N 143 
DC  HOP3   H N N 144 
DC  HOP2   H N N 145 
DC  "H5'"  H N N 146 
DC  "H5''" H N N 147 
DC  "H4'"  H N N 148 
DC  "H3'"  H N N 149 
DC  "HO3'" H N N 150 
DC  "H2'"  H N N 151 
DC  "H2''" H N N 152 
DC  "H1'"  H N N 153 
DC  H41    H N N 154 
DC  H42    H N N 155 
DC  H5     H N N 156 
DC  H6     H N N 157 
DG  OP3    O N N 158 
DG  P      P N N 159 
DG  OP1    O N N 160 
DG  OP2    O N N 161 
DG  "O5'"  O N N 162 
DG  "C5'"  C N N 163 
DG  "C4'"  C N R 164 
DG  "O4'"  O N N 165 
DG  "C3'"  C N S 166 
DG  "O3'"  O N N 167 
DG  "C2'"  C N N 168 
DG  "C1'"  C N R 169 
DG  N9     N Y N 170 
DG  C8     C Y N 171 
DG  N7     N Y N 172 
DG  C5     C Y N 173 
DG  C6     C N N 174 
DG  O6     O N N 175 
DG  N1     N N N 176 
DG  C2     C N N 177 
DG  N2     N N N 178 
DG  N3     N N N 179 
DG  C4     C Y N 180 
DG  HOP3   H N N 181 
DG  HOP2   H N N 182 
DG  "H5'"  H N N 183 
DG  "H5''" H N N 184 
DG  "H4'"  H N N 185 
DG  "H3'"  H N N 186 
DG  "HO3'" H N N 187 
DG  "H2'"  H N N 188 
DG  "H2''" H N N 189 
DG  "H1'"  H N N 190 
DG  H8     H N N 191 
DG  H1     H N N 192 
DG  H21    H N N 193 
DG  H22    H N N 194 
DT  OP3    O N N 195 
DT  P      P N N 196 
DT  OP1    O N N 197 
DT  OP2    O N N 198 
DT  "O5'"  O N N 199 
DT  "C5'"  C N N 200 
DT  "C4'"  C N R 201 
DT  "O4'"  O N N 202 
DT  "C3'"  C N S 203 
DT  "O3'"  O N N 204 
DT  "C2'"  C N N 205 
DT  "C1'"  C N R 206 
DT  N1     N N N 207 
DT  C2     C N N 208 
DT  O2     O N N 209 
DT  N3     N N N 210 
DT  C4     C N N 211 
DT  O4     O N N 212 
DT  C5     C N N 213 
DT  C7     C N N 214 
DT  C6     C N N 215 
DT  HOP3   H N N 216 
DT  HOP2   H N N 217 
DT  "H5'"  H N N 218 
DT  "H5''" H N N 219 
DT  "H4'"  H N N 220 
DT  "H3'"  H N N 221 
DT  "HO3'" H N N 222 
DT  "H2'"  H N N 223 
DT  "H2''" H N N 224 
DT  "H1'"  H N N 225 
DT  H3     H N N 226 
DT  H71    H N N 227 
DT  H72    H N N 228 
DT  H73    H N N 229 
DT  H6     H N N 230 
GLN N      N N N 231 
GLN CA     C N S 232 
GLN C      C N N 233 
GLN O      O N N 234 
GLN CB     C N N 235 
GLN CG     C N N 236 
GLN CD     C N N 237 
GLN OE1    O N N 238 
GLN NE2    N N N 239 
GLN OXT    O N N 240 
GLN H      H N N 241 
GLN H2     H N N 242 
GLN HA     H N N 243 
GLN HB2    H N N 244 
GLN HB3    H N N 245 
GLN HG2    H N N 246 
GLN HG3    H N N 247 
GLN HE21   H N N 248 
GLN HE22   H N N 249 
GLN HXT    H N N 250 
GLU N      N N N 251 
GLU CA     C N S 252 
GLU C      C N N 253 
GLU O      O N N 254 
GLU CB     C N N 255 
GLU CG     C N N 256 
GLU CD     C N N 257 
GLU OE1    O N N 258 
GLU OE2    O N N 259 
GLU OXT    O N N 260 
GLU H      H N N 261 
GLU H2     H N N 262 
GLU HA     H N N 263 
GLU HB2    H N N 264 
GLU HB3    H N N 265 
GLU HG2    H N N 266 
GLU HG3    H N N 267 
GLU HE2    H N N 268 
GLU HXT    H N N 269 
GLY N      N N N 270 
GLY CA     C N N 271 
GLY C      C N N 272 
GLY O      O N N 273 
GLY OXT    O N N 274 
GLY H      H N N 275 
GLY H2     H N N 276 
GLY HA2    H N N 277 
GLY HA3    H N N 278 
GLY HXT    H N N 279 
HIS N      N N N 280 
HIS CA     C N S 281 
HIS C      C N N 282 
HIS O      O N N 283 
HIS CB     C N N 284 
HIS CG     C Y N 285 
HIS ND1    N Y N 286 
HIS CD2    C Y N 287 
HIS CE1    C Y N 288 
HIS NE2    N Y N 289 
HIS OXT    O N N 290 
HIS H      H N N 291 
HIS H2     H N N 292 
HIS HA     H N N 293 
HIS HB2    H N N 294 
HIS HB3    H N N 295 
HIS HD1    H N N 296 
HIS HD2    H N N 297 
HIS HE1    H N N 298 
HIS HE2    H N N 299 
HIS HXT    H N N 300 
HOH O      O N N 301 
HOH H1     H N N 302 
HOH H2     H N N 303 
ILE N      N N N 304 
ILE CA     C N S 305 
ILE C      C N N 306 
ILE O      O N N 307 
ILE CB     C N S 308 
ILE CG1    C N N 309 
ILE CG2    C N N 310 
ILE CD1    C N N 311 
ILE OXT    O N N 312 
ILE H      H N N 313 
ILE H2     H N N 314 
ILE HA     H N N 315 
ILE HB     H N N 316 
ILE HG12   H N N 317 
ILE HG13   H N N 318 
ILE HG21   H N N 319 
ILE HG22   H N N 320 
ILE HG23   H N N 321 
ILE HD11   H N N 322 
ILE HD12   H N N 323 
ILE HD13   H N N 324 
ILE HXT    H N N 325 
LEU N      N N N 326 
LEU CA     C N S 327 
LEU C      C N N 328 
LEU O      O N N 329 
LEU CB     C N N 330 
LEU CG     C N N 331 
LEU CD1    C N N 332 
LEU CD2    C N N 333 
LEU OXT    O N N 334 
LEU H      H N N 335 
LEU H2     H N N 336 
LEU HA     H N N 337 
LEU HB2    H N N 338 
LEU HB3    H N N 339 
LEU HG     H N N 340 
LEU HD11   H N N 341 
LEU HD12   H N N 342 
LEU HD13   H N N 343 
LEU HD21   H N N 344 
LEU HD22   H N N 345 
LEU HD23   H N N 346 
LEU HXT    H N N 347 
LYS N      N N N 348 
LYS CA     C N S 349 
LYS C      C N N 350 
LYS O      O N N 351 
LYS CB     C N N 352 
LYS CG     C N N 353 
LYS CD     C N N 354 
LYS CE     C N N 355 
LYS NZ     N N N 356 
LYS OXT    O N N 357 
LYS H      H N N 358 
LYS H2     H N N 359 
LYS HA     H N N 360 
LYS HB2    H N N 361 
LYS HB3    H N N 362 
LYS HG2    H N N 363 
LYS HG3    H N N 364 
LYS HD2    H N N 365 
LYS HD3    H N N 366 
LYS HE2    H N N 367 
LYS HE3    H N N 368 
LYS HZ1    H N N 369 
LYS HZ2    H N N 370 
LYS HZ3    H N N 371 
LYS HXT    H N N 372 
MET N      N N N 373 
MET CA     C N S 374 
MET C      C N N 375 
MET O      O N N 376 
MET CB     C N N 377 
MET CG     C N N 378 
MET SD     S N N 379 
MET CE     C N N 380 
MET OXT    O N N 381 
MET H      H N N 382 
MET H2     H N N 383 
MET HA     H N N 384 
MET HB2    H N N 385 
MET HB3    H N N 386 
MET HG2    H N N 387 
MET HG3    H N N 388 
MET HE1    H N N 389 
MET HE2    H N N 390 
MET HE3    H N N 391 
MET HXT    H N N 392 
PHE N      N N N 393 
PHE CA     C N S 394 
PHE C      C N N 395 
PHE O      O N N 396 
PHE CB     C N N 397 
PHE CG     C Y N 398 
PHE CD1    C Y N 399 
PHE CD2    C Y N 400 
PHE CE1    C Y N 401 
PHE CE2    C Y N 402 
PHE CZ     C Y N 403 
PHE OXT    O N N 404 
PHE H      H N N 405 
PHE H2     H N N 406 
PHE HA     H N N 407 
PHE HB2    H N N 408 
PHE HB3    H N N 409 
PHE HD1    H N N 410 
PHE HD2    H N N 411 
PHE HE1    H N N 412 
PHE HE2    H N N 413 
PHE HZ     H N N 414 
PHE HXT    H N N 415 
PRO N      N N N 416 
PRO CA     C N S 417 
PRO C      C N N 418 
PRO O      O N N 419 
PRO CB     C N N 420 
PRO CG     C N N 421 
PRO CD     C N N 422 
PRO OXT    O N N 423 
PRO H      H N N 424 
PRO HA     H N N 425 
PRO HB2    H N N 426 
PRO HB3    H N N 427 
PRO HG2    H N N 428 
PRO HG3    H N N 429 
PRO HD2    H N N 430 
PRO HD3    H N N 431 
PRO HXT    H N N 432 
SER N      N N N 433 
SER CA     C N S 434 
SER C      C N N 435 
SER O      O N N 436 
SER CB     C N N 437 
SER OG     O N N 438 
SER OXT    O N N 439 
SER H      H N N 440 
SER H2     H N N 441 
SER HA     H N N 442 
SER HB2    H N N 443 
SER HB3    H N N 444 
SER HG     H N N 445 
SER HXT    H N N 446 
THR N      N N N 447 
THR CA     C N S 448 
THR C      C N N 449 
THR O      O N N 450 
THR CB     C N R 451 
THR OG1    O N N 452 
THR CG2    C N N 453 
THR OXT    O N N 454 
THR H      H N N 455 
THR H2     H N N 456 
THR HA     H N N 457 
THR HB     H N N 458 
THR HG1    H N N 459 
THR HG21   H N N 460 
THR HG22   H N N 461 
THR HG23   H N N 462 
THR HXT    H N N 463 
TRP N      N N N 464 
TRP CA     C N S 465 
TRP C      C N N 466 
TRP O      O N N 467 
TRP CB     C N N 468 
TRP CG     C Y N 469 
TRP CD1    C Y N 470 
TRP CD2    C Y N 471 
TRP NE1    N Y N 472 
TRP CE2    C Y N 473 
TRP CE3    C Y N 474 
TRP CZ2    C Y N 475 
TRP CZ3    C Y N 476 
TRP CH2    C Y N 477 
TRP OXT    O N N 478 
TRP H      H N N 479 
TRP H2     H N N 480 
TRP HA     H N N 481 
TRP HB2    H N N 482 
TRP HB3    H N N 483 
TRP HD1    H N N 484 
TRP HE1    H N N 485 
TRP HE3    H N N 486 
TRP HZ2    H N N 487 
TRP HZ3    H N N 488 
TRP HH2    H N N 489 
TRP HXT    H N N 490 
TYR N      N N N 491 
TYR CA     C N S 492 
TYR C      C N N 493 
TYR O      O N N 494 
TYR CB     C N N 495 
TYR CG     C Y N 496 
TYR CD1    C Y N 497 
TYR CD2    C Y N 498 
TYR CE1    C Y N 499 
TYR CE2    C Y N 500 
TYR CZ     C Y N 501 
TYR OH     O N N 502 
TYR OXT    O N N 503 
TYR H      H N N 504 
TYR H2     H N N 505 
TYR HA     H N N 506 
TYR HB2    H N N 507 
TYR HB3    H N N 508 
TYR HD1    H N N 509 
TYR HD2    H N N 510 
TYR HE1    H N N 511 
TYR HE2    H N N 512 
TYR HH     H N N 513 
TYR HXT    H N N 514 
VAL N      N N N 515 
VAL CA     C N S 516 
VAL C      C N N 517 
VAL O      O N N 518 
VAL CB     C N N 519 
VAL CG1    C N N 520 
VAL CG2    C N N 521 
VAL OXT    O N N 522 
VAL H      H N N 523 
VAL H2     H N N 524 
VAL HA     H N N 525 
VAL HB     H N N 526 
VAL HG11   H N N 527 
VAL HG12   H N N 528 
VAL HG13   H N N 529 
VAL HG21   H N N 530 
VAL HG22   H N N 531 
VAL HG23   H N N 532 
VAL HXT    H N N 533 
# 
loop_
_chem_comp_bond.comp_id 
_chem_comp_bond.atom_id_1 
_chem_comp_bond.atom_id_2 
_chem_comp_bond.value_order 
_chem_comp_bond.pdbx_aromatic_flag 
_chem_comp_bond.pdbx_stereo_config 
_chem_comp_bond.pdbx_ordinal 
ALA N     CA     sing N N 1   
ALA N     H      sing N N 2   
ALA N     H2     sing N N 3   
ALA CA    C      sing N N 4   
ALA CA    CB     sing N N 5   
ALA CA    HA     sing N N 6   
ALA C     O      doub N N 7   
ALA C     OXT    sing N N 8   
ALA CB    HB1    sing N N 9   
ALA CB    HB2    sing N N 10  
ALA CB    HB3    sing N N 11  
ALA OXT   HXT    sing N N 12  
ARG N     CA     sing N N 13  
ARG N     H      sing N N 14  
ARG N     H2     sing N N 15  
ARG CA    C      sing N N 16  
ARG CA    CB     sing N N 17  
ARG CA    HA     sing N N 18  
ARG C     O      doub N N 19  
ARG C     OXT    sing N N 20  
ARG CB    CG     sing N N 21  
ARG CB    HB2    sing N N 22  
ARG CB    HB3    sing N N 23  
ARG CG    CD     sing N N 24  
ARG CG    HG2    sing N N 25  
ARG CG    HG3    sing N N 26  
ARG CD    NE     sing N N 27  
ARG CD    HD2    sing N N 28  
ARG CD    HD3    sing N N 29  
ARG NE    CZ     sing N N 30  
ARG NE    HE     sing N N 31  
ARG CZ    NH1    sing N N 32  
ARG CZ    NH2    doub N N 33  
ARG NH1   HH11   sing N N 34  
ARG NH1   HH12   sing N N 35  
ARG NH2   HH21   sing N N 36  
ARG NH2   HH22   sing N N 37  
ARG OXT   HXT    sing N N 38  
ASN N     CA     sing N N 39  
ASN N     H      sing N N 40  
ASN N     H2     sing N N 41  
ASN CA    C      sing N N 42  
ASN CA    CB     sing N N 43  
ASN CA    HA     sing N N 44  
ASN C     O      doub N N 45  
ASN C     OXT    sing N N 46  
ASN CB    CG     sing N N 47  
ASN CB    HB2    sing N N 48  
ASN CB    HB3    sing N N 49  
ASN CG    OD1    doub N N 50  
ASN CG    ND2    sing N N 51  
ASN ND2   HD21   sing N N 52  
ASN ND2   HD22   sing N N 53  
ASN OXT   HXT    sing N N 54  
ASP N     CA     sing N N 55  
ASP N     H      sing N N 56  
ASP N     H2     sing N N 57  
ASP CA    C      sing N N 58  
ASP CA    CB     sing N N 59  
ASP CA    HA     sing N N 60  
ASP C     O      doub N N 61  
ASP C     OXT    sing N N 62  
ASP CB    CG     sing N N 63  
ASP CB    HB2    sing N N 64  
ASP CB    HB3    sing N N 65  
ASP CG    OD1    doub N N 66  
ASP CG    OD2    sing N N 67  
ASP OD2   HD2    sing N N 68  
ASP OXT   HXT    sing N N 69  
CYS N     CA     sing N N 70  
CYS N     H      sing N N 71  
CYS N     H2     sing N N 72  
CYS CA    C      sing N N 73  
CYS CA    CB     sing N N 74  
CYS CA    HA     sing N N 75  
CYS C     O      doub N N 76  
CYS C     OXT    sing N N 77  
CYS CB    SG     sing N N 78  
CYS CB    HB2    sing N N 79  
CYS CB    HB3    sing N N 80  
CYS SG    HG     sing N N 81  
CYS OXT   HXT    sing N N 82  
DA  OP3   P      sing N N 83  
DA  OP3   HOP3   sing N N 84  
DA  P     OP1    doub N N 85  
DA  P     OP2    sing N N 86  
DA  P     "O5'"  sing N N 87  
DA  OP2   HOP2   sing N N 88  
DA  "O5'" "C5'"  sing N N 89  
DA  "C5'" "C4'"  sing N N 90  
DA  "C5'" "H5'"  sing N N 91  
DA  "C5'" "H5''" sing N N 92  
DA  "C4'" "O4'"  sing N N 93  
DA  "C4'" "C3'"  sing N N 94  
DA  "C4'" "H4'"  sing N N 95  
DA  "O4'" "C1'"  sing N N 96  
DA  "C3'" "O3'"  sing N N 97  
DA  "C3'" "C2'"  sing N N 98  
DA  "C3'" "H3'"  sing N N 99  
DA  "O3'" "HO3'" sing N N 100 
DA  "C2'" "C1'"  sing N N 101 
DA  "C2'" "H2'"  sing N N 102 
DA  "C2'" "H2''" sing N N 103 
DA  "C1'" N9     sing N N 104 
DA  "C1'" "H1'"  sing N N 105 
DA  N9    C8     sing Y N 106 
DA  N9    C4     sing Y N 107 
DA  C8    N7     doub Y N 108 
DA  C8    H8     sing N N 109 
DA  N7    C5     sing Y N 110 
DA  C5    C6     sing Y N 111 
DA  C5    C4     doub Y N 112 
DA  C6    N6     sing N N 113 
DA  C6    N1     doub Y N 114 
DA  N6    H61    sing N N 115 
DA  N6    H62    sing N N 116 
DA  N1    C2     sing Y N 117 
DA  C2    N3     doub Y N 118 
DA  C2    H2     sing N N 119 
DA  N3    C4     sing Y N 120 
DC  OP3   P      sing N N 121 
DC  OP3   HOP3   sing N N 122 
DC  P     OP1    doub N N 123 
DC  P     OP2    sing N N 124 
DC  P     "O5'"  sing N N 125 
DC  OP2   HOP2   sing N N 126 
DC  "O5'" "C5'"  sing N N 127 
DC  "C5'" "C4'"  sing N N 128 
DC  "C5'" "H5'"  sing N N 129 
DC  "C5'" "H5''" sing N N 130 
DC  "C4'" "O4'"  sing N N 131 
DC  "C4'" "C3'"  sing N N 132 
DC  "C4'" "H4'"  sing N N 133 
DC  "O4'" "C1'"  sing N N 134 
DC  "C3'" "O3'"  sing N N 135 
DC  "C3'" "C2'"  sing N N 136 
DC  "C3'" "H3'"  sing N N 137 
DC  "O3'" "HO3'" sing N N 138 
DC  "C2'" "C1'"  sing N N 139 
DC  "C2'" "H2'"  sing N N 140 
DC  "C2'" "H2''" sing N N 141 
DC  "C1'" N1     sing N N 142 
DC  "C1'" "H1'"  sing N N 143 
DC  N1    C2     sing N N 144 
DC  N1    C6     sing N N 145 
DC  C2    O2     doub N N 146 
DC  C2    N3     sing N N 147 
DC  N3    C4     doub N N 148 
DC  C4    N4     sing N N 149 
DC  C4    C5     sing N N 150 
DC  N4    H41    sing N N 151 
DC  N4    H42    sing N N 152 
DC  C5    C6     doub N N 153 
DC  C5    H5     sing N N 154 
DC  C6    H6     sing N N 155 
DG  OP3   P      sing N N 156 
DG  OP3   HOP3   sing N N 157 
DG  P     OP1    doub N N 158 
DG  P     OP2    sing N N 159 
DG  P     "O5'"  sing N N 160 
DG  OP2   HOP2   sing N N 161 
DG  "O5'" "C5'"  sing N N 162 
DG  "C5'" "C4'"  sing N N 163 
DG  "C5'" "H5'"  sing N N 164 
DG  "C5'" "H5''" sing N N 165 
DG  "C4'" "O4'"  sing N N 166 
DG  "C4'" "C3'"  sing N N 167 
DG  "C4'" "H4'"  sing N N 168 
DG  "O4'" "C1'"  sing N N 169 
DG  "C3'" "O3'"  sing N N 170 
DG  "C3'" "C2'"  sing N N 171 
DG  "C3'" "H3'"  sing N N 172 
DG  "O3'" "HO3'" sing N N 173 
DG  "C2'" "C1'"  sing N N 174 
DG  "C2'" "H2'"  sing N N 175 
DG  "C2'" "H2''" sing N N 176 
DG  "C1'" N9     sing N N 177 
DG  "C1'" "H1'"  sing N N 178 
DG  N9    C8     sing Y N 179 
DG  N9    C4     sing Y N 180 
DG  C8    N7     doub Y N 181 
DG  C8    H8     sing N N 182 
DG  N7    C5     sing Y N 183 
DG  C5    C6     sing N N 184 
DG  C5    C4     doub Y N 185 
DG  C6    O6     doub N N 186 
DG  C6    N1     sing N N 187 
DG  N1    C2     sing N N 188 
DG  N1    H1     sing N N 189 
DG  C2    N2     sing N N 190 
DG  C2    N3     doub N N 191 
DG  N2    H21    sing N N 192 
DG  N2    H22    sing N N 193 
DG  N3    C4     sing N N 194 
DT  OP3   P      sing N N 195 
DT  OP3   HOP3   sing N N 196 
DT  P     OP1    doub N N 197 
DT  P     OP2    sing N N 198 
DT  P     "O5'"  sing N N 199 
DT  OP2   HOP2   sing N N 200 
DT  "O5'" "C5'"  sing N N 201 
DT  "C5'" "C4'"  sing N N 202 
DT  "C5'" "H5'"  sing N N 203 
DT  "C5'" "H5''" sing N N 204 
DT  "C4'" "O4'"  sing N N 205 
DT  "C4'" "C3'"  sing N N 206 
DT  "C4'" "H4'"  sing N N 207 
DT  "O4'" "C1'"  sing N N 208 
DT  "C3'" "O3'"  sing N N 209 
DT  "C3'" "C2'"  sing N N 210 
DT  "C3'" "H3'"  sing N N 211 
DT  "O3'" "HO3'" sing N N 212 
DT  "C2'" "C1'"  sing N N 213 
DT  "C2'" "H2'"  sing N N 214 
DT  "C2'" "H2''" sing N N 215 
DT  "C1'" N1     sing N N 216 
DT  "C1'" "H1'"  sing N N 217 
DT  N1    C2     sing N N 218 
DT  N1    C6     sing N N 219 
DT  C2    O2     doub N N 220 
DT  C2    N3     sing N N 221 
DT  N3    C4     sing N N 222 
DT  N3    H3     sing N N 223 
DT  C4    O4     doub N N 224 
DT  C4    C5     sing N N 225 
DT  C5    C7     sing N N 226 
DT  C5    C6     doub N N 227 
DT  C7    H71    sing N N 228 
DT  C7    H72    sing N N 229 
DT  C7    H73    sing N N 230 
DT  C6    H6     sing N N 231 
GLN N     CA     sing N N 232 
GLN N     H      sing N N 233 
GLN N     H2     sing N N 234 
GLN CA    C      sing N N 235 
GLN CA    CB     sing N N 236 
GLN CA    HA     sing N N 237 
GLN C     O      doub N N 238 
GLN C     OXT    sing N N 239 
GLN CB    CG     sing N N 240 
GLN CB    HB2    sing N N 241 
GLN CB    HB3    sing N N 242 
GLN CG    CD     sing N N 243 
GLN CG    HG2    sing N N 244 
GLN CG    HG3    sing N N 245 
GLN CD    OE1    doub N N 246 
GLN CD    NE2    sing N N 247 
GLN NE2   HE21   sing N N 248 
GLN NE2   HE22   sing N N 249 
GLN OXT   HXT    sing N N 250 
GLU N     CA     sing N N 251 
GLU N     H      sing N N 252 
GLU N     H2     sing N N 253 
GLU CA    C      sing N N 254 
GLU CA    CB     sing N N 255 
GLU CA    HA     sing N N 256 
GLU C     O      doub N N 257 
GLU C     OXT    sing N N 258 
GLU CB    CG     sing N N 259 
GLU CB    HB2    sing N N 260 
GLU CB    HB3    sing N N 261 
GLU CG    CD     sing N N 262 
GLU CG    HG2    sing N N 263 
GLU CG    HG3    sing N N 264 
GLU CD    OE1    doub N N 265 
GLU CD    OE2    sing N N 266 
GLU OE2   HE2    sing N N 267 
GLU OXT   HXT    sing N N 268 
GLY N     CA     sing N N 269 
GLY N     H      sing N N 270 
GLY N     H2     sing N N 271 
GLY CA    C      sing N N 272 
GLY CA    HA2    sing N N 273 
GLY CA    HA3    sing N N 274 
GLY C     O      doub N N 275 
GLY C     OXT    sing N N 276 
GLY OXT   HXT    sing N N 277 
HIS N     CA     sing N N 278 
HIS N     H      sing N N 279 
HIS N     H2     sing N N 280 
HIS CA    C      sing N N 281 
HIS CA    CB     sing N N 282 
HIS CA    HA     sing N N 283 
HIS C     O      doub N N 284 
HIS C     OXT    sing N N 285 
HIS CB    CG     sing N N 286 
HIS CB    HB2    sing N N 287 
HIS CB    HB3    sing N N 288 
HIS CG    ND1    sing Y N 289 
HIS CG    CD2    doub Y N 290 
HIS ND1   CE1    doub Y N 291 
HIS ND1   HD1    sing N N 292 
HIS CD2   NE2    sing Y N 293 
HIS CD2   HD2    sing N N 294 
HIS CE1   NE2    sing Y N 295 
HIS CE1   HE1    sing N N 296 
HIS NE2   HE2    sing N N 297 
HIS OXT   HXT    sing N N 298 
HOH O     H1     sing N N 299 
HOH O     H2     sing N N 300 
ILE N     CA     sing N N 301 
ILE N     H      sing N N 302 
ILE N     H2     sing N N 303 
ILE CA    C      sing N N 304 
ILE CA    CB     sing N N 305 
ILE CA    HA     sing N N 306 
ILE C     O      doub N N 307 
ILE C     OXT    sing N N 308 
ILE CB    CG1    sing N N 309 
ILE CB    CG2    sing N N 310 
ILE CB    HB     sing N N 311 
ILE CG1   CD1    sing N N 312 
ILE CG1   HG12   sing N N 313 
ILE CG1   HG13   sing N N 314 
ILE CG2   HG21   sing N N 315 
ILE CG2   HG22   sing N N 316 
ILE CG2   HG23   sing N N 317 
ILE CD1   HD11   sing N N 318 
ILE CD1   HD12   sing N N 319 
ILE CD1   HD13   sing N N 320 
ILE OXT   HXT    sing N N 321 
LEU N     CA     sing N N 322 
LEU N     H      sing N N 323 
LEU N     H2     sing N N 324 
LEU CA    C      sing N N 325 
LEU CA    CB     sing N N 326 
LEU CA    HA     sing N N 327 
LEU C     O      doub N N 328 
LEU C     OXT    sing N N 329 
LEU CB    CG     sing N N 330 
LEU CB    HB2    sing N N 331 
LEU CB    HB3    sing N N 332 
LEU CG    CD1    sing N N 333 
LEU CG    CD2    sing N N 334 
LEU CG    HG     sing N N 335 
LEU CD1   HD11   sing N N 336 
LEU CD1   HD12   sing N N 337 
LEU CD1   HD13   sing N N 338 
LEU CD2   HD21   sing N N 339 
LEU CD2   HD22   sing N N 340 
LEU CD2   HD23   sing N N 341 
LEU OXT   HXT    sing N N 342 
LYS N     CA     sing N N 343 
LYS N     H      sing N N 344 
LYS N     H2     sing N N 345 
LYS CA    C      sing N N 346 
LYS CA    CB     sing N N 347 
LYS CA    HA     sing N N 348 
LYS C     O      doub N N 349 
LYS C     OXT    sing N N 350 
LYS CB    CG     sing N N 351 
LYS CB    HB2    sing N N 352 
LYS CB    HB3    sing N N 353 
LYS CG    CD     sing N N 354 
LYS CG    HG2    sing N N 355 
LYS CG    HG3    sing N N 356 
LYS CD    CE     sing N N 357 
LYS CD    HD2    sing N N 358 
LYS CD    HD3    sing N N 359 
LYS CE    NZ     sing N N 360 
LYS CE    HE2    sing N N 361 
LYS CE    HE3    sing N N 362 
LYS NZ    HZ1    sing N N 363 
LYS NZ    HZ2    sing N N 364 
LYS NZ    HZ3    sing N N 365 
LYS OXT   HXT    sing N N 366 
MET N     CA     sing N N 367 
MET N     H      sing N N 368 
MET N     H2     sing N N 369 
MET CA    C      sing N N 370 
MET CA    CB     sing N N 371 
MET CA    HA     sing N N 372 
MET C     O      doub N N 373 
MET C     OXT    sing N N 374 
MET CB    CG     sing N N 375 
MET CB    HB2    sing N N 376 
MET CB    HB3    sing N N 377 
MET CG    SD     sing N N 378 
MET CG    HG2    sing N N 379 
MET CG    HG3    sing N N 380 
MET SD    CE     sing N N 381 
MET CE    HE1    sing N N 382 
MET CE    HE2    sing N N 383 
MET CE    HE3    sing N N 384 
MET OXT   HXT    sing N N 385 
PHE N     CA     sing N N 386 
PHE N     H      sing N N 387 
PHE N     H2     sing N N 388 
PHE CA    C      sing N N 389 
PHE CA    CB     sing N N 390 
PHE CA    HA     sing N N 391 
PHE C     O      doub N N 392 
PHE C     OXT    sing N N 393 
PHE CB    CG     sing N N 394 
PHE CB    HB2    sing N N 395 
PHE CB    HB3    sing N N 396 
PHE CG    CD1    doub Y N 397 
PHE CG    CD2    sing Y N 398 
PHE CD1   CE1    sing Y N 399 
PHE CD1   HD1    sing N N 400 
PHE CD2   CE2    doub Y N 401 
PHE CD2   HD2    sing N N 402 
PHE CE1   CZ     doub Y N 403 
PHE CE1   HE1    sing N N 404 
PHE CE2   CZ     sing Y N 405 
PHE CE2   HE2    sing N N 406 
PHE CZ    HZ     sing N N 407 
PHE OXT   HXT    sing N N 408 
PRO N     CA     sing N N 409 
PRO N     CD     sing N N 410 
PRO N     H      sing N N 411 
PRO CA    C      sing N N 412 
PRO CA    CB     sing N N 413 
PRO CA    HA     sing N N 414 
PRO C     O      doub N N 415 
PRO C     OXT    sing N N 416 
PRO CB    CG     sing N N 417 
PRO CB    HB2    sing N N 418 
PRO CB    HB3    sing N N 419 
PRO CG    CD     sing N N 420 
PRO CG    HG2    sing N N 421 
PRO CG    HG3    sing N N 422 
PRO CD    HD2    sing N N 423 
PRO CD    HD3    sing N N 424 
PRO OXT   HXT    sing N N 425 
SER N     CA     sing N N 426 
SER N     H      sing N N 427 
SER N     H2     sing N N 428 
SER CA    C      sing N N 429 
SER CA    CB     sing N N 430 
SER CA    HA     sing N N 431 
SER C     O      doub N N 432 
SER C     OXT    sing N N 433 
SER CB    OG     sing N N 434 
SER CB    HB2    sing N N 435 
SER CB    HB3    sing N N 436 
SER OG    HG     sing N N 437 
SER OXT   HXT    sing N N 438 
THR N     CA     sing N N 439 
THR N     H      sing N N 440 
THR N     H2     sing N N 441 
THR CA    C      sing N N 442 
THR CA    CB     sing N N 443 
THR CA    HA     sing N N 444 
THR C     O      doub N N 445 
THR C     OXT    sing N N 446 
THR CB    OG1    sing N N 447 
THR CB    CG2    sing N N 448 
THR CB    HB     sing N N 449 
THR OG1   HG1    sing N N 450 
THR CG2   HG21   sing N N 451 
THR CG2   HG22   sing N N 452 
THR CG2   HG23   sing N N 453 
THR OXT   HXT    sing N N 454 
TRP N     CA     sing N N 455 
TRP N     H      sing N N 456 
TRP N     H2     sing N N 457 
TRP CA    C      sing N N 458 
TRP CA    CB     sing N N 459 
TRP CA    HA     sing N N 460 
TRP C     O      doub N N 461 
TRP C     OXT    sing N N 462 
TRP CB    CG     sing N N 463 
TRP CB    HB2    sing N N 464 
TRP CB    HB3    sing N N 465 
TRP CG    CD1    doub Y N 466 
TRP CG    CD2    sing Y N 467 
TRP CD1   NE1    sing Y N 468 
TRP CD1   HD1    sing N N 469 
TRP CD2   CE2    doub Y N 470 
TRP CD2   CE3    sing Y N 471 
TRP NE1   CE2    sing Y N 472 
TRP NE1   HE1    sing N N 473 
TRP CE2   CZ2    sing Y N 474 
TRP CE3   CZ3    doub Y N 475 
TRP CE3   HE3    sing N N 476 
TRP CZ2   CH2    doub Y N 477 
TRP CZ2   HZ2    sing N N 478 
TRP CZ3   CH2    sing Y N 479 
TRP CZ3   HZ3    sing N N 480 
TRP CH2   HH2    sing N N 481 
TRP OXT   HXT    sing N N 482 
TYR N     CA     sing N N 483 
TYR N     H      sing N N 484 
TYR N     H2     sing N N 485 
TYR CA    C      sing N N 486 
TYR CA    CB     sing N N 487 
TYR CA    HA     sing N N 488 
TYR C     O      doub N N 489 
TYR C     OXT    sing N N 490 
TYR CB    CG     sing N N 491 
TYR CB    HB2    sing N N 492 
TYR CB    HB3    sing N N 493 
TYR CG    CD1    doub Y N 494 
TYR CG    CD2    sing Y N 495 
TYR CD1   CE1    sing Y N 496 
TYR CD1   HD1    sing N N 497 
TYR CD2   CE2    doub Y N 498 
TYR CD2   HD2    sing N N 499 
TYR CE1   CZ     doub Y N 500 
TYR CE1   HE1    sing N N 501 
TYR CE2   CZ     sing Y N 502 
TYR CE2   HE2    sing N N 503 
TYR CZ    OH     sing N N 504 
TYR OH    HH     sing N N 505 
TYR OXT   HXT    sing N N 506 
VAL N     CA     sing N N 507 
VAL N     H      sing N N 508 
VAL N     H2     sing N N 509 
VAL CA    C      sing N N 510 
VAL CA    CB     sing N N 511 
VAL CA    HA     sing N N 512 
VAL C     O      doub N N 513 
VAL C     OXT    sing N N 514 
VAL CB    CG1    sing N N 515 
VAL CB    CG2    sing N N 516 
VAL CB    HB     sing N N 517 
VAL CG1   HG11   sing N N 518 
VAL CG1   HG12   sing N N 519 
VAL CG1   HG13   sing N N 520 
VAL CG2   HG21   sing N N 521 
VAL CG2   HG22   sing N N 522 
VAL CG2   HG23   sing N N 523 
VAL OXT   HXT    sing N N 524 
# 
_ndb_struct_conf_na.entry_id   2BZF 
_ndb_struct_conf_na.feature    'b-form double helix' 
# 
loop_
_ndb_struct_na_base_pair.model_number 
_ndb_struct_na_base_pair.i_label_asym_id 
_ndb_struct_na_base_pair.i_label_comp_id 
_ndb_struct_na_base_pair.i_label_seq_id 
_ndb_struct_na_base_pair.i_symmetry 
_ndb_struct_na_base_pair.j_label_asym_id 
_ndb_struct_na_base_pair.j_label_comp_id 
_ndb_struct_na_base_pair.j_label_seq_id 
_ndb_struct_na_base_pair.j_symmetry 
_ndb_struct_na_base_pair.shear 
_ndb_struct_na_base_pair.stretch 
_ndb_struct_na_base_pair.stagger 
_ndb_struct_na_base_pair.buckle 
_ndb_struct_na_base_pair.propeller 
_ndb_struct_na_base_pair.opening 
_ndb_struct_na_base_pair.pair_number 
_ndb_struct_na_base_pair.pair_name 
_ndb_struct_na_base_pair.i_auth_asym_id 
_ndb_struct_na_base_pair.i_auth_seq_id 
_ndb_struct_na_base_pair.i_PDB_ins_code 
_ndb_struct_na_base_pair.j_auth_asym_id 
_ndb_struct_na_base_pair.j_auth_seq_id 
_ndb_struct_na_base_pair.j_PDB_ins_code 
_ndb_struct_na_base_pair.hbond_type_28 
_ndb_struct_na_base_pair.hbond_type_12 
1 B DG 1 1_555 C DC 7 1_555 -0.090 -0.363 -0.078 -5.392 -1.669 -4.375 1 B_DG1:DC14_C B 1 ? C 14 ? 19 1 
1 B DT 2 1_555 C DA 6 1_555 -0.304 -0.076 0.193  -3.694 -4.208 2.050  2 B_DT2:DA13_C B 2 ? C 13 ? 20 1 
1 B DG 3 1_555 C DC 5 1_555 0.372  0.051  0.334  -0.122 -4.701 -1.893 3 B_DG3:DC12_C B 3 ? C 12 ? 19 1 
1 B DG 4 1_555 C DC 4 1_555 0.686  -0.164 -0.270 0.069  -2.463 -5.844 4 B_DG4:DC11_C B 4 ? C 11 ? 19 1 
1 B DA 5 1_555 C DT 3 1_555 0.499  -0.222 0.082  0.177  -6.786 -3.817 5 B_DA5:DT10_C B 5 ? C 10 ? 20 1 
1 B DG 6 1_555 C DC 2 1_555 -0.266 -0.215 0.143  -2.603 -9.381 -2.352 6 B_DG6:DC9_C  B 6 ? C 9  ? 19 1 
1 B DG 7 1_555 C DC 1 1_555 -0.157 -0.189 0.082  1.618  -3.655 -0.646 7 B_DG7:DC8_C  B 7 ? C 8  ? 19 1 
# 
loop_
_ndb_struct_na_base_pair_step.model_number 
_ndb_struct_na_base_pair_step.i_label_asym_id_1 
_ndb_struct_na_base_pair_step.i_label_comp_id_1 
_ndb_struct_na_base_pair_step.i_label_seq_id_1 
_ndb_struct_na_base_pair_step.i_symmetry_1 
_ndb_struct_na_base_pair_step.j_label_asym_id_1 
_ndb_struct_na_base_pair_step.j_label_comp_id_1 
_ndb_struct_na_base_pair_step.j_label_seq_id_1 
_ndb_struct_na_base_pair_step.j_symmetry_1 
_ndb_struct_na_base_pair_step.i_label_asym_id_2 
_ndb_struct_na_base_pair_step.i_label_comp_id_2 
_ndb_struct_na_base_pair_step.i_label_seq_id_2 
_ndb_struct_na_base_pair_step.i_symmetry_2 
_ndb_struct_na_base_pair_step.j_label_asym_id_2 
_ndb_struct_na_base_pair_step.j_label_comp_id_2 
_ndb_struct_na_base_pair_step.j_label_seq_id_2 
_ndb_struct_na_base_pair_step.j_symmetry_2 
_ndb_struct_na_base_pair_step.shift 
_ndb_struct_na_base_pair_step.slide 
_ndb_struct_na_base_pair_step.rise 
_ndb_struct_na_base_pair_step.tilt 
_ndb_struct_na_base_pair_step.roll 
_ndb_struct_na_base_pair_step.twist 
_ndb_struct_na_base_pair_step.x_displacement 
_ndb_struct_na_base_pair_step.y_displacement 
_ndb_struct_na_base_pair_step.helical_rise 
_ndb_struct_na_base_pair_step.inclination 
_ndb_struct_na_base_pair_step.tip 
_ndb_struct_na_base_pair_step.helical_twist 
_ndb_struct_na_base_pair_step.step_number 
_ndb_struct_na_base_pair_step.step_name 
_ndb_struct_na_base_pair_step.i_auth_asym_id_1 
_ndb_struct_na_base_pair_step.i_auth_seq_id_1 
_ndb_struct_na_base_pair_step.i_PDB_ins_code_1 
_ndb_struct_na_base_pair_step.j_auth_asym_id_1 
_ndb_struct_na_base_pair_step.j_auth_seq_id_1 
_ndb_struct_na_base_pair_step.j_PDB_ins_code_1 
_ndb_struct_na_base_pair_step.i_auth_asym_id_2 
_ndb_struct_na_base_pair_step.i_auth_seq_id_2 
_ndb_struct_na_base_pair_step.i_PDB_ins_code_2 
_ndb_struct_na_base_pair_step.j_auth_asym_id_2 
_ndb_struct_na_base_pair_step.j_auth_seq_id_2 
_ndb_struct_na_base_pair_step.j_PDB_ins_code_2 
1 B DG 1 1_555 C DC 7 1_555 B DT 2 1_555 C DA 6 1_555 -0.785 -0.485 3.255 -3.551 0.389 34.218 -0.881 0.771  3.312 0.659 6.016  
34.398 1 BB_DG1DT2:DA13DC14_CC B 1 ? C 14 ? B 2 ? C 13 ? 
1 B DT 2 1_555 C DA 6 1_555 B DG 3 1_555 C DC 5 1_555 0.014  0.056  3.235 -1.646 2.898 40.077 -0.243 -0.205 3.228 4.220 2.397  
40.210 2 BB_DT2DG3:DC12DA13_CC B 2 ? C 13 ? B 3 ? C 12 ? 
1 B DG 3 1_555 C DC 5 1_555 B DG 4 1_555 C DC 4 1_555 0.197  -0.156 3.406 3.596  4.577 32.592 -1.078 0.286  3.356 8.075 -6.344 
33.094 3 BB_DG3DG4:DC11DC12_CC B 3 ? C 12 ? B 4 ? C 11 ? 
1 B DG 4 1_555 C DC 4 1_555 B DA 5 1_555 C DT 3 1_555 -0.760 0.145  3.264 -4.321 3.203 33.749 -0.268 0.600  3.332 5.473 7.384  
34.162 4 BB_DG4DA5:DT10DC11_CC B 4 ? C 11 ? B 5 ? C 10 ? 
1 B DA 5 1_555 C DT 3 1_555 B DG 6 1_555 C DC 2 1_555 0.005  -0.802 3.329 -0.409 4.965 31.610 -2.352 -0.082 3.169 9.044 0.745  
31.990 5 BB_DA5DG6:DC9DT10_CC  B 5 ? C 10 ? B 6 ? C 9  ? 
1 B DG 6 1_555 C DC 2 1_555 B DG 7 1_555 C DC 1 1_555 0.594  -0.475 3.086 0.359  1.135 32.849 -1.022 -0.992 3.075 2.006 -0.635 
32.870 6 BB_DG6DG7:DC8DC9_CC   B 6 ? C 9  ? B 7 ? C 8  ? 
# 
_pdbx_entity_nonpoly.entity_id   4 
_pdbx_entity_nonpoly.name        water 
_pdbx_entity_nonpoly.comp_id     HOH 
# 
_pdbx_initial_refinement_model.id               1 
_pdbx_initial_refinement_model.entity_id_list   ? 
_pdbx_initial_refinement_model.type             'experimental model' 
_pdbx_initial_refinement_model.source_name      PDB 
_pdbx_initial_refinement_model.accession_code   1CI4 
_pdbx_initial_refinement_model.details          'PDB ENTRY 1CI4' 
# 
